data_7K4H
#
_entry.id   7K4H
#
_cell.length_a   53.140
_cell.length_b   286.090
_cell.length_c   66.952
_cell.angle_alpha   90.000
_cell.angle_beta   90.120
_cell.angle_gamma   90.000
#
_symmetry.space_group_name_H-M   'P 1 21 1'
#
loop_
_entity.id
_entity.type
_entity.pdbx_description
1 polymer Arginase-1
2 non-polymer 'MANGANESE (II) ION'
3 non-polymer 3-[(1~{R},5~{S},8~{R})-5-carboxy-2,6-diazabicyclo[3.2.1]octan-8-yl]propyl-$l^{3}-oxidanyl-bis(oxidanyl)boranuide
4 water water
#
_entity_poly.entity_id   1
_entity_poly.type   'polypeptide(L)'
_entity_poly.pdbx_seq_one_letter_code
;MSAKSRTIGIIGAPFSKGQPRGGVEEGPTVLRKAGLLEKLKEQECDVKDYGDLPFADIPNDSPFQIVKNPRSVGKASEQL
AGKVAEVKKNGRISLVLGGDHSLAIGSISGHARVHPDLGVIWVDAHTDINTPLTTTSGNLHGQPVSFLLKELKGKIPDVP
GFSWVTPCISAKDIVYIGLRDVDPGEHYILKTLGIKYFSMTEVDRLGIGKVMEETLSYLLGRKKRPIHLSFDVDGLDPSF
TPATGTPVVGGLTYREGLYITEEIYKTGLLSGLDIMEVNPSLGKTPEEVTRTVNTAVAITLACFGLAREGNHKPIDYLNP
PK
;
_entity_poly.pdbx_strand_id   A,B,C,D,E,F
#
# COMPACT_ATOMS: atom_id res chain seq x y z
N SER A 2 -43.12 -1.04 -8.32
CA SER A 2 -42.38 -2.30 -8.34
C SER A 2 -41.61 -2.54 -7.02
N ALA A 3 -41.24 -3.82 -6.75
CA ALA A 3 -40.49 -4.27 -5.57
C ALA A 3 -39.08 -3.64 -5.52
N LYS A 4 -38.51 -3.53 -4.29
CA LYS A 4 -37.17 -2.98 -4.00
C LYS A 4 -36.10 -3.63 -4.90
N SER A 5 -36.13 -4.99 -5.01
CA SER A 5 -35.24 -5.84 -5.82
C SER A 5 -35.41 -5.64 -7.35
N ARG A 6 -36.48 -4.94 -7.79
CA ARG A 6 -36.78 -4.67 -9.20
C ARG A 6 -36.86 -3.13 -9.54
N THR A 7 -36.46 -2.24 -8.60
CA THR A 7 -36.46 -0.78 -8.81
C THR A 7 -35.01 -0.44 -9.22
N ILE A 8 -34.82 -0.02 -10.50
CA ILE A 8 -33.49 0.24 -11.09
C ILE A 8 -33.27 1.67 -11.65
N GLY A 9 -32.02 2.12 -11.52
CA GLY A 9 -31.48 3.39 -12.00
C GLY A 9 -30.31 3.07 -12.92
N ILE A 10 -30.52 3.18 -14.25
CA ILE A 10 -29.55 2.88 -15.32
C ILE A 10 -28.54 4.02 -15.48
N ILE A 11 -27.24 3.70 -15.44
CA ILE A 11 -26.14 4.66 -15.63
C ILE A 11 -25.19 4.09 -16.70
N GLY A 12 -25.11 4.78 -17.82
CA GLY A 12 -24.22 4.44 -18.92
C GLY A 12 -22.88 5.07 -18.61
N ALA A 13 -21.80 4.28 -18.66
CA ALA A 13 -20.45 4.76 -18.36
C ALA A 13 -19.50 4.50 -19.57
N PRO A 14 -19.60 5.31 -20.67
CA PRO A 14 -18.73 5.10 -21.85
C PRO A 14 -17.28 5.57 -21.61
N PHE A 15 -16.51 4.75 -20.85
CA PHE A 15 -15.13 5.05 -20.49
C PHE A 15 -14.15 3.91 -20.75
N SER A 16 -13.02 4.24 -21.43
CA SER A 16 -11.98 3.28 -21.83
C SER A 16 -10.56 3.49 -21.28
N LYS A 17 -10.19 4.73 -20.90
CA LYS A 17 -8.85 5.16 -20.45
C LYS A 17 -8.28 4.39 -19.19
N GLY A 18 -9.02 3.46 -18.61
CA GLY A 18 -8.57 2.62 -17.49
C GLY A 18 -7.71 1.47 -17.98
N GLN A 19 -7.73 1.23 -19.32
CA GLN A 19 -7.00 0.18 -20.05
C GLN A 19 -6.60 0.65 -21.49
N PRO A 20 -5.64 -0.01 -22.22
CA PRO A 20 -5.26 0.51 -23.55
C PRO A 20 -6.09 0.09 -24.76
N ARG A 21 -6.96 -0.94 -24.64
CA ARG A 21 -7.76 -1.45 -25.76
C ARG A 21 -9.04 -0.65 -25.98
N GLY A 22 -9.12 0.00 -27.14
CA GLY A 22 -10.28 0.80 -27.54
C GLY A 22 -11.49 -0.05 -27.86
N GLY A 23 -12.68 0.50 -27.61
CA GLY A 23 -13.95 -0.18 -27.86
C GLY A 23 -14.83 -0.47 -26.65
N VAL A 24 -14.23 -0.60 -25.43
CA VAL A 24 -14.94 -0.88 -24.18
C VAL A 24 -15.91 0.29 -23.82
N GLU A 25 -15.65 1.53 -24.35
CA GLU A 25 -16.49 2.72 -24.18
C GLU A 25 -17.83 2.54 -24.93
N GLU A 26 -17.89 1.61 -25.92
CA GLU A 26 -19.10 1.30 -26.71
C GLU A 26 -19.99 0.24 -26.01
N GLY A 27 -19.56 -0.23 -24.82
CA GLY A 27 -20.25 -1.19 -23.97
C GLY A 27 -21.68 -0.79 -23.63
N PRO A 28 -21.97 0.46 -23.10
CA PRO A 28 -23.38 0.83 -22.83
C PRO A 28 -24.24 0.83 -24.09
N THR A 29 -23.72 1.40 -25.22
CA THR A 29 -24.35 1.50 -26.54
C THR A 29 -24.85 0.14 -27.07
N VAL A 30 -23.97 -0.88 -27.08
CA VAL A 30 -24.29 -2.23 -27.57
C VAL A 30 -25.25 -2.96 -26.58
N LEU A 31 -25.16 -2.68 -25.25
CA LEU A 31 -26.07 -3.26 -24.25
C LEU A 31 -27.48 -2.67 -24.40
N ARG A 32 -27.57 -1.36 -24.73
CA ARG A 32 -28.79 -0.59 -24.96
C ARG A 32 -29.47 -1.05 -26.26
N LYS A 33 -28.68 -1.23 -27.36
CA LYS A 33 -29.12 -1.70 -28.69
C LYS A 33 -29.76 -3.09 -28.61
N ALA A 34 -29.23 -3.97 -27.72
CA ALA A 34 -29.71 -5.33 -27.44
C ALA A 34 -31.11 -5.34 -26.76
N GLY A 35 -31.58 -4.15 -26.35
CA GLY A 35 -32.86 -3.91 -25.71
C GLY A 35 -32.95 -4.24 -24.23
N LEU A 36 -31.82 -4.08 -23.48
CA LEU A 36 -31.71 -4.35 -22.03
C LEU A 36 -32.78 -3.64 -21.20
N LEU A 37 -32.94 -2.31 -21.40
CA LEU A 37 -33.91 -1.46 -20.70
C LEU A 37 -35.36 -1.93 -20.90
N GLU A 38 -35.73 -2.28 -22.15
CA GLU A 38 -37.05 -2.80 -22.56
C GLU A 38 -37.28 -4.19 -21.95
N LYS A 39 -36.24 -5.07 -21.97
CA LYS A 39 -36.26 -6.44 -21.42
C LYS A 39 -36.47 -6.44 -19.89
N LEU A 40 -35.93 -5.41 -19.19
CA LEU A 40 -36.09 -5.23 -17.75
C LEU A 40 -37.53 -4.84 -17.44
N LYS A 41 -38.14 -3.93 -18.26
CA LYS A 41 -39.53 -3.45 -18.14
C LYS A 41 -40.54 -4.61 -18.33
N GLU A 42 -40.22 -5.57 -19.24
CA GLU A 42 -41.01 -6.78 -19.56
C GLU A 42 -41.00 -7.78 -18.38
N GLN A 43 -40.02 -7.61 -17.47
CA GLN A 43 -39.71 -8.39 -16.28
C GLN A 43 -40.21 -7.70 -14.96
N GLU A 44 -41.27 -6.86 -15.07
CA GLU A 44 -41.94 -6.12 -13.98
C GLU A 44 -40.98 -5.17 -13.17
N CYS A 45 -39.97 -4.57 -13.86
CA CYS A 45 -39.01 -3.64 -13.26
C CYS A 45 -39.42 -2.18 -13.45
N ASP A 46 -39.10 -1.32 -12.45
CA ASP A 46 -39.34 0.13 -12.46
C ASP A 46 -37.96 0.65 -12.88
N VAL A 47 -37.83 0.97 -14.17
CA VAL A 47 -36.59 1.42 -14.80
C VAL A 47 -36.58 2.95 -15.04
N LYS A 48 -35.56 3.64 -14.47
CA LYS A 48 -35.30 5.07 -14.64
C LYS A 48 -33.90 5.16 -15.25
N ASP A 49 -33.82 5.77 -16.43
CA ASP A 49 -32.56 5.93 -17.16
C ASP A 49 -31.93 7.29 -16.83
N TYR A 50 -30.78 7.24 -16.13
CA TYR A 50 -30.00 8.42 -15.73
C TYR A 50 -29.01 8.87 -16.84
N GLY A 51 -29.16 8.26 -18.02
CA GLY A 51 -28.38 8.50 -19.23
C GLY A 51 -26.95 8.03 -19.20
N ASP A 52 -26.23 8.30 -20.29
CA ASP A 52 -24.82 7.97 -20.47
C ASP A 52 -24.02 9.19 -20.02
N LEU A 53 -23.07 8.96 -19.07
CA LEU A 53 -22.22 10.01 -18.51
C LEU A 53 -21.26 10.64 -19.52
N PRO A 54 -21.22 12.00 -19.63
CA PRO A 54 -20.28 12.63 -20.57
C PRO A 54 -18.90 12.78 -19.94
N PHE A 55 -17.91 12.02 -20.45
CA PHE A 55 -16.54 12.07 -19.95
C PHE A 55 -15.72 12.98 -20.86
N ALA A 56 -15.40 14.18 -20.34
CA ALA A 56 -14.63 15.21 -21.02
C ALA A 56 -13.17 14.79 -21.19
N ASP A 57 -12.64 14.99 -22.41
CA ASP A 57 -11.26 14.66 -22.76
C ASP A 57 -10.33 15.62 -22.04
N ILE A 58 -9.45 15.06 -21.17
CA ILE A 58 -8.49 15.83 -20.38
C ILE A 58 -7.15 15.89 -21.16
N PRO A 59 -6.78 17.07 -21.75
CA PRO A 59 -5.50 17.15 -22.46
C PRO A 59 -4.34 17.24 -21.47
N ASN A 60 -3.13 16.82 -21.93
CA ASN A 60 -1.87 16.79 -21.18
C ASN A 60 -1.96 15.90 -19.89
N ASP A 61 -2.76 14.80 -19.96
CA ASP A 61 -2.94 13.86 -18.86
C ASP A 61 -1.71 12.95 -18.76
N SER A 62 -0.64 13.52 -18.15
CA SER A 62 0.67 12.94 -17.90
C SER A 62 0.59 11.71 -16.98
N PRO A 63 1.40 10.64 -17.20
CA PRO A 63 1.29 9.47 -16.31
C PRO A 63 1.94 9.64 -14.94
N PHE A 64 1.37 8.97 -13.91
CA PHE A 64 1.89 8.95 -12.54
C PHE A 64 2.78 7.70 -12.58
N GLN A 65 4.11 7.90 -12.76
CA GLN A 65 5.14 6.85 -12.90
C GLN A 65 4.78 6.05 -14.20
N ILE A 66 4.33 4.78 -14.08
CA ILE A 66 3.93 3.91 -15.20
C ILE A 66 2.38 3.89 -15.39
N VAL A 67 1.64 4.41 -14.37
CA VAL A 67 0.17 4.48 -14.30
C VAL A 67 -0.38 5.49 -15.34
N LYS A 68 -1.05 4.96 -16.39
CA LYS A 68 -1.64 5.68 -17.53
C LYS A 68 -2.97 6.34 -17.24
N ASN A 69 -3.18 7.53 -17.85
CA ASN A 69 -4.36 8.40 -17.79
C ASN A 69 -4.92 8.58 -16.32
N PRO A 70 -4.12 9.02 -15.30
CA PRO A 70 -4.67 9.13 -13.93
C PRO A 70 -5.82 10.13 -13.76
N ARG A 71 -5.68 11.36 -14.31
CA ARG A 71 -6.68 12.43 -14.23
C ARG A 71 -7.99 12.04 -14.91
N SER A 72 -7.92 11.35 -16.08
CA SER A 72 -9.11 10.89 -16.83
C SER A 72 -9.88 9.83 -16.02
N VAL A 73 -9.18 8.78 -15.52
CA VAL A 73 -9.75 7.69 -14.71
C VAL A 73 -10.36 8.24 -13.41
N GLY A 74 -9.60 9.10 -12.72
CA GLY A 74 -9.98 9.75 -11.48
C GLY A 74 -11.27 10.55 -11.58
N LYS A 75 -11.35 11.45 -12.60
CA LYS A 75 -12.50 12.30 -12.88
C LYS A 75 -13.73 11.47 -13.30
N ALA A 76 -13.52 10.39 -14.12
CA ALA A 76 -14.57 9.48 -14.60
C ALA A 76 -15.25 8.81 -13.42
N SER A 77 -14.45 8.32 -12.45
CA SER A 77 -14.90 7.68 -11.22
C SER A 77 -15.54 8.74 -10.30
N GLU A 78 -14.99 9.99 -10.25
CA GLU A 78 -15.53 11.09 -9.43
C GLU A 78 -16.96 11.44 -9.88
N GLN A 79 -17.16 11.54 -11.22
CA GLN A 79 -18.45 11.81 -11.88
C GLN A 79 -19.42 10.67 -11.60
N LEU A 80 -18.98 9.39 -11.78
CA LEU A 80 -19.78 8.19 -11.54
C LEU A 80 -20.19 8.08 -10.08
N ALA A 81 -19.29 8.46 -9.12
CA ALA A 81 -19.55 8.45 -7.67
C ALA A 81 -20.77 9.33 -7.35
N GLY A 82 -20.78 10.55 -7.89
CA GLY A 82 -21.87 11.51 -7.74
C GLY A 82 -23.18 10.99 -8.30
N LYS A 83 -23.11 10.35 -9.49
CA LYS A 83 -24.28 9.77 -10.17
C LYS A 83 -24.84 8.56 -9.43
N VAL A 84 -23.98 7.61 -8.98
CA VAL A 84 -24.38 6.41 -8.22
C VAL A 84 -25.09 6.86 -6.92
N ALA A 85 -24.47 7.82 -6.16
CA ALA A 85 -25.00 8.40 -4.91
C ALA A 85 -26.40 9.00 -5.12
N GLU A 86 -26.62 9.70 -6.26
CA GLU A 86 -27.88 10.33 -6.68
C GLU A 86 -28.97 9.26 -6.87
N VAL A 87 -28.66 8.18 -7.64
CA VAL A 87 -29.53 7.03 -7.94
C VAL A 87 -29.95 6.33 -6.63
N LYS A 88 -28.95 6.10 -5.74
CA LYS A 88 -29.13 5.46 -4.44
C LYS A 88 -30.01 6.27 -3.50
N LYS A 89 -29.90 7.63 -3.54
CA LYS A 89 -30.70 8.55 -2.73
C LYS A 89 -32.18 8.54 -3.12
N ASN A 90 -32.46 8.23 -4.41
CA ASN A 90 -33.79 8.13 -5.03
C ASN A 90 -34.46 6.73 -4.87
N GLY A 91 -33.86 5.87 -4.02
CA GLY A 91 -34.33 4.52 -3.69
C GLY A 91 -34.35 3.55 -4.85
N ARG A 92 -33.24 3.52 -5.63
CA ARG A 92 -33.11 2.63 -6.80
C ARG A 92 -31.81 1.87 -6.76
N ILE A 93 -31.80 0.67 -7.38
CA ILE A 93 -30.60 -0.16 -7.50
C ILE A 93 -29.81 0.50 -8.66
N SER A 94 -28.56 0.91 -8.38
CA SER A 94 -27.71 1.53 -9.41
C SER A 94 -27.17 0.46 -10.32
N LEU A 95 -27.39 0.62 -11.65
CA LEU A 95 -26.92 -0.31 -12.67
C LEU A 95 -25.96 0.44 -13.58
N VAL A 96 -24.66 0.18 -13.37
CA VAL A 96 -23.58 0.79 -14.12
C VAL A 96 -23.24 -0.09 -15.32
N LEU A 97 -23.37 0.49 -16.54
CA LEU A 97 -23.05 -0.20 -17.78
C LEU A 97 -21.71 0.34 -18.22
N GLY A 98 -20.69 -0.51 -18.12
CA GLY A 98 -19.32 -0.16 -18.49
C GLY A 98 -19.04 -0.36 -19.96
N GLY A 99 -17.87 0.07 -20.47
CA GLY A 99 -16.79 0.72 -19.73
C GLY A 99 -15.87 -0.23 -19.00
N ASP A 100 -14.62 0.21 -18.77
CA ASP A 100 -13.63 -0.61 -18.06
C ASP A 100 -13.90 -0.64 -16.54
N HIS A 101 -13.35 -1.65 -15.85
CA HIS A 101 -13.52 -1.88 -14.41
C HIS A 101 -12.92 -0.81 -13.46
N SER A 102 -12.10 0.17 -13.95
CA SER A 102 -11.55 1.24 -13.06
C SER A 102 -12.68 2.08 -12.44
N LEU A 103 -13.81 2.19 -13.19
CA LEU A 103 -15.06 2.87 -12.84
C LEU A 103 -15.67 2.34 -11.53
N ALA A 104 -15.31 1.09 -11.10
CA ALA A 104 -15.76 0.48 -9.83
C ALA A 104 -15.32 1.32 -8.61
N ILE A 105 -14.26 2.20 -8.77
CA ILE A 105 -13.77 3.14 -7.73
C ILE A 105 -14.97 4.07 -7.46
N GLY A 106 -15.51 4.66 -8.53
CA GLY A 106 -16.65 5.56 -8.49
C GLY A 106 -17.96 4.92 -8.08
N SER A 107 -18.28 3.78 -8.72
CA SER A 107 -19.51 3.01 -8.47
C SER A 107 -19.65 2.55 -7.02
N ILE A 108 -18.59 1.95 -6.42
CA ILE A 108 -18.61 1.46 -5.03
C ILE A 108 -18.55 2.67 -4.06
N SER A 109 -17.68 3.70 -4.32
CA SER A 109 -17.56 4.91 -3.48
C SER A 109 -18.88 5.66 -3.33
N GLY A 110 -19.56 5.88 -4.48
CA GLY A 110 -20.85 6.56 -4.57
C GLY A 110 -21.96 5.85 -3.81
N HIS A 111 -22.02 4.51 -3.99
CA HIS A 111 -22.97 3.62 -3.33
C HIS A 111 -22.74 3.64 -1.80
N ALA A 112 -21.45 3.59 -1.35
CA ALA A 112 -21.03 3.62 0.06
C ALA A 112 -21.37 4.91 0.80
N ARG A 113 -21.59 6.03 0.07
CA ARG A 113 -21.97 7.33 0.64
C ARG A 113 -23.40 7.27 1.20
N VAL A 114 -24.27 6.42 0.60
CA VAL A 114 -25.67 6.20 0.97
C VAL A 114 -25.80 4.94 1.87
N HIS A 115 -25.07 3.86 1.52
CA HIS A 115 -25.05 2.58 2.23
C HIS A 115 -23.61 2.21 2.71
N PRO A 116 -23.12 2.79 3.84
CA PRO A 116 -21.75 2.48 4.31
C PRO A 116 -21.47 1.02 4.73
N ASP A 117 -22.53 0.29 5.12
CA ASP A 117 -22.51 -1.10 5.56
C ASP A 117 -22.57 -2.13 4.40
N LEU A 118 -22.41 -1.69 3.11
CA LEU A 118 -22.47 -2.58 1.93
C LEU A 118 -21.38 -3.67 1.90
N GLY A 119 -21.72 -4.79 1.26
CA GLY A 119 -20.87 -5.96 1.03
C GLY A 119 -20.62 -6.08 -0.47
N VAL A 120 -19.36 -6.34 -0.88
CA VAL A 120 -18.97 -6.44 -2.29
C VAL A 120 -18.76 -7.91 -2.74
N ILE A 121 -19.40 -8.27 -3.86
CA ILE A 121 -19.27 -9.56 -4.55
C ILE A 121 -18.63 -9.14 -5.88
N TRP A 122 -17.39 -9.56 -6.07
CA TRP A 122 -16.57 -9.25 -7.23
C TRP A 122 -16.41 -10.48 -8.10
N VAL A 123 -17.17 -10.55 -9.20
CA VAL A 123 -17.15 -11.66 -10.16
C VAL A 123 -16.22 -11.23 -11.28
N ASP A 124 -15.01 -11.84 -11.32
CA ASP A 124 -13.95 -11.51 -12.26
C ASP A 124 -12.90 -12.61 -12.30
N ALA A 125 -12.12 -12.67 -13.42
CA ALA A 125 -11.00 -13.60 -13.62
C ALA A 125 -9.79 -13.06 -12.85
N HIS A 126 -9.82 -11.76 -12.52
CA HIS A 126 -8.77 -10.97 -11.87
C HIS A 126 -9.23 -10.32 -10.56
N THR A 127 -8.26 -10.00 -9.67
CA THR A 127 -8.55 -9.36 -8.38
C THR A 127 -8.74 -7.85 -8.47
N ASP A 128 -8.07 -7.16 -9.45
CA ASP A 128 -8.10 -5.70 -9.68
C ASP A 128 -7.73 -4.92 -8.38
N ILE A 129 -6.76 -5.49 -7.62
CA ILE A 129 -6.29 -5.01 -6.33
C ILE A 129 -4.81 -4.49 -6.38
N ASN A 130 -4.24 -4.30 -7.60
CA ASN A 130 -2.89 -3.76 -7.74
C ASN A 130 -2.91 -2.31 -7.26
N THR A 131 -1.86 -1.87 -6.58
CA THR A 131 -1.77 -0.49 -6.11
C THR A 131 -1.04 0.28 -7.23
N PRO A 132 -1.04 1.66 -7.29
CA PRO A 132 -0.27 2.35 -8.35
C PRO A 132 1.24 2.08 -8.30
N LEU A 133 1.72 1.35 -7.25
CA LEU A 133 3.11 0.96 -7.01
C LEU A 133 3.40 -0.53 -7.30
N THR A 134 2.41 -1.44 -7.12
CA THR A 134 2.56 -2.89 -7.38
C THR A 134 2.30 -3.23 -8.87
N THR A 135 1.50 -2.38 -9.56
CA THR A 135 1.11 -2.53 -10.98
C THR A 135 2.34 -2.63 -11.90
N THR A 136 2.26 -3.52 -12.89
CA THR A 136 3.33 -3.77 -13.88
C THR A 136 2.92 -3.26 -15.27
N SER A 137 1.59 -3.12 -15.53
CA SER A 137 0.99 -2.64 -16.77
C SER A 137 0.73 -1.13 -16.75
N GLY A 138 0.38 -0.61 -15.56
CA GLY A 138 0.04 0.78 -15.32
C GLY A 138 -1.38 1.11 -15.76
N ASN A 139 -2.21 0.06 -15.97
CA ASN A 139 -3.61 0.18 -16.38
C ASN A 139 -4.46 0.14 -15.12
N LEU A 140 -5.15 1.27 -14.85
CA LEU A 140 -5.99 1.50 -13.67
C LEU A 140 -7.20 0.55 -13.53
N HIS A 141 -7.64 -0.17 -14.62
CA HIS A 141 -8.76 -1.13 -14.55
C HIS A 141 -8.41 -2.38 -13.72
N GLY A 142 -7.11 -2.60 -13.49
CA GLY A 142 -6.57 -3.67 -12.68
C GLY A 142 -6.10 -3.18 -11.31
N GLN A 143 -6.58 -1.98 -10.90
CA GLN A 143 -6.28 -1.29 -9.65
C GLN A 143 -7.48 -0.75 -8.81
N PRO A 144 -8.81 -0.85 -9.20
CA PRO A 144 -9.86 -0.22 -8.40
C PRO A 144 -10.04 -0.64 -6.94
N VAL A 145 -9.84 -1.92 -6.59
CA VAL A 145 -10.03 -2.43 -5.21
C VAL A 145 -9.02 -1.78 -4.22
N SER A 146 -7.75 -1.55 -4.66
CA SER A 146 -6.69 -0.94 -3.82
C SER A 146 -7.09 0.44 -3.27
N PHE A 147 -7.71 1.29 -4.13
CA PHE A 147 -8.20 2.64 -3.80
C PHE A 147 -9.38 2.62 -2.82
N LEU A 148 -10.18 1.53 -2.87
CA LEU A 148 -11.39 1.31 -2.05
C LEU A 148 -11.15 0.69 -0.67
N LEU A 149 -10.09 -0.14 -0.50
CA LEU A 149 -9.79 -0.81 0.76
C LEU A 149 -9.19 0.08 1.84
N LYS A 150 -9.79 0.04 3.05
CA LYS A 150 -9.37 0.79 4.25
C LYS A 150 -8.00 0.37 4.76
N GLU A 151 -7.67 -0.94 4.61
CA GLU A 151 -6.40 -1.55 5.03
C GLU A 151 -5.22 -1.12 4.16
N LEU A 152 -5.49 -0.68 2.90
CA LEU A 152 -4.45 -0.23 1.97
C LEU A 152 -4.22 1.31 2.04
N LYS A 153 -4.76 1.99 3.09
CA LYS A 153 -4.58 3.43 3.34
C LYS A 153 -3.13 3.56 3.87
N GLY A 154 -2.33 4.37 3.16
CA GLY A 154 -0.92 4.58 3.45
C GLY A 154 -0.05 3.87 2.42
N LYS A 155 -0.64 2.87 1.73
CA LYS A 155 -0.02 2.06 0.66
C LYS A 155 -0.37 2.68 -0.71
N ILE A 156 -1.37 3.60 -0.76
CA ILE A 156 -1.81 4.29 -1.96
C ILE A 156 -1.15 5.69 -1.99
N PRO A 157 -0.24 5.98 -2.96
CA PRO A 157 0.37 7.33 -3.01
C PRO A 157 -0.61 8.38 -3.57
N ASP A 158 -0.25 9.68 -3.47
CA ASP A 158 -1.07 10.78 -3.98
C ASP A 158 -1.04 10.82 -5.50
N VAL A 159 -1.99 10.08 -6.11
CA VAL A 159 -2.16 9.95 -7.57
C VAL A 159 -3.10 11.08 -8.06
N PRO A 160 -2.68 11.92 -9.08
CA PRO A 160 -3.55 13.00 -9.56
C PRO A 160 -4.90 12.51 -10.09
N GLY A 161 -5.96 13.14 -9.60
CA GLY A 161 -7.35 12.85 -9.92
C GLY A 161 -8.04 11.94 -8.92
N PHE A 162 -7.31 11.44 -7.89
CA PHE A 162 -7.84 10.52 -6.87
C PHE A 162 -7.88 11.08 -5.44
N SER A 163 -7.68 12.41 -5.27
CA SER A 163 -7.70 13.13 -3.99
C SER A 163 -9.07 13.05 -3.28
N TRP A 164 -10.16 12.95 -4.07
CA TRP A 164 -11.55 12.85 -3.63
C TRP A 164 -11.86 11.49 -2.98
N VAL A 165 -11.10 10.43 -3.36
CA VAL A 165 -11.25 9.03 -2.89
C VAL A 165 -10.93 8.92 -1.39
N THR A 166 -11.87 8.30 -0.66
CA THR A 166 -11.78 7.99 0.77
C THR A 166 -12.10 6.49 0.85
N PRO A 167 -11.15 5.61 1.33
CA PRO A 167 -11.44 4.16 1.41
C PRO A 167 -12.72 3.89 2.21
N CYS A 168 -13.69 3.24 1.54
CA CYS A 168 -15.01 2.97 2.08
C CYS A 168 -15.30 1.50 2.43
N ILE A 169 -14.52 0.53 1.90
CA ILE A 169 -14.75 -0.88 2.21
C ILE A 169 -13.55 -1.51 2.91
N SER A 170 -13.82 -2.42 3.88
CA SER A 170 -12.79 -3.14 4.62
C SER A 170 -12.50 -4.45 3.88
N ALA A 171 -11.32 -5.06 4.13
CA ALA A 171 -10.84 -6.33 3.55
C ALA A 171 -11.86 -7.47 3.77
N LYS A 172 -12.53 -7.47 4.94
CA LYS A 172 -13.55 -8.42 5.38
C LYS A 172 -14.94 -8.19 4.71
N ASP A 173 -15.13 -7.09 3.94
CA ASP A 173 -16.40 -6.74 3.27
C ASP A 173 -16.45 -7.07 1.76
N ILE A 174 -15.42 -7.74 1.21
CA ILE A 174 -15.34 -8.12 -0.21
C ILE A 174 -15.12 -9.65 -0.39
N VAL A 175 -15.82 -10.24 -1.39
CA VAL A 175 -15.73 -11.67 -1.76
C VAL A 175 -15.50 -11.76 -3.30
N TYR A 176 -14.42 -12.48 -3.70
CA TYR A 176 -14.08 -12.72 -5.10
C TYR A 176 -14.61 -14.07 -5.56
N ILE A 177 -15.13 -14.15 -6.81
CA ILE A 177 -15.65 -15.37 -7.45
C ILE A 177 -15.16 -15.44 -8.91
N GLY A 178 -14.40 -16.48 -9.23
CA GLY A 178 -13.90 -16.74 -10.57
C GLY A 178 -12.45 -16.45 -10.93
N LEU A 179 -11.60 -16.13 -9.92
CA LEU A 179 -10.18 -15.79 -10.09
C LEU A 179 -9.36 -16.89 -10.76
N ARG A 180 -8.48 -16.48 -11.71
CA ARG A 180 -7.59 -17.39 -12.46
C ARG A 180 -6.34 -16.69 -13.03
N ASP A 181 -6.26 -15.34 -12.91
CA ASP A 181 -5.14 -14.53 -13.35
C ASP A 181 -4.89 -13.40 -12.34
N VAL A 182 -4.12 -13.75 -11.31
CA VAL A 182 -3.77 -12.88 -10.18
C VAL A 182 -2.26 -12.61 -10.21
N ASP A 183 -1.85 -11.32 -10.27
CA ASP A 183 -0.45 -10.88 -10.28
C ASP A 183 0.23 -11.19 -8.92
N PRO A 184 1.59 -11.40 -8.84
CA PRO A 184 2.21 -11.70 -7.54
C PRO A 184 1.90 -10.69 -6.43
N GLY A 185 1.98 -9.39 -6.73
CA GLY A 185 1.66 -8.28 -5.81
C GLY A 185 0.26 -8.38 -5.26
N GLU A 186 -0.72 -8.69 -6.16
CA GLU A 186 -2.14 -8.88 -5.87
C GLU A 186 -2.38 -10.07 -4.96
N HIS A 187 -1.70 -11.22 -5.24
CA HIS A 187 -1.78 -12.46 -4.45
C HIS A 187 -1.24 -12.23 -3.05
N TYR A 188 -0.17 -11.39 -2.92
CA TYR A 188 0.45 -11.00 -1.64
C TYR A 188 -0.59 -10.24 -0.78
N ILE A 189 -1.26 -9.21 -1.37
CA ILE A 189 -2.29 -8.36 -0.75
C ILE A 189 -3.43 -9.26 -0.22
N LEU A 190 -3.95 -10.17 -1.09
CA LEU A 190 -5.01 -11.15 -0.87
C LEU A 190 -4.75 -12.01 0.38
N LYS A 191 -3.50 -12.52 0.52
CA LYS A 191 -3.09 -13.35 1.64
C LYS A 191 -2.81 -12.56 2.92
N THR A 192 -2.02 -11.45 2.83
CA THR A 192 -1.65 -10.59 3.98
C THR A 192 -2.83 -9.84 4.59
N LEU A 193 -3.89 -9.53 3.79
CA LEU A 193 -5.08 -8.82 4.28
C LEU A 193 -6.24 -9.76 4.67
N GLY A 194 -6.09 -11.06 4.38
CA GLY A 194 -7.06 -12.11 4.68
C GLY A 194 -8.40 -11.95 3.98
N ILE A 195 -8.37 -11.52 2.70
CA ILE A 195 -9.56 -11.32 1.85
C ILE A 195 -10.13 -12.67 1.44
N LYS A 196 -11.47 -12.84 1.57
CA LYS A 196 -12.20 -14.06 1.20
C LYS A 196 -12.29 -14.12 -0.33
N TYR A 197 -11.87 -15.28 -0.88
CA TYR A 197 -11.88 -15.51 -2.31
C TYR A 197 -12.21 -16.93 -2.68
N PHE A 198 -12.86 -17.06 -3.84
CA PHE A 198 -13.25 -18.30 -4.47
C PHE A 198 -12.71 -18.26 -5.89
N SER A 199 -11.45 -18.71 -6.05
CA SER A 199 -10.78 -18.78 -7.35
C SER A 199 -11.39 -19.98 -8.11
N MET A 200 -11.01 -20.19 -9.38
CA MET A 200 -11.53 -21.32 -10.17
C MET A 200 -11.29 -22.67 -9.48
N THR A 201 -10.15 -22.79 -8.74
CA THR A 201 -9.72 -23.95 -7.95
C THR A 201 -10.83 -24.25 -6.91
N GLU A 202 -11.28 -23.19 -6.15
CA GLU A 202 -12.33 -23.27 -5.14
C GLU A 202 -13.69 -23.63 -5.76
N VAL A 203 -14.03 -23.03 -6.94
CA VAL A 203 -15.27 -23.27 -7.71
C VAL A 203 -15.29 -24.76 -8.14
N ASP A 204 -14.15 -25.28 -8.65
CA ASP A 204 -14.00 -26.69 -9.07
C ASP A 204 -14.19 -27.66 -7.90
N ARG A 205 -13.61 -27.33 -6.73
CA ARG A 205 -13.62 -28.10 -5.49
C ARG A 205 -14.99 -28.24 -4.86
N LEU A 206 -15.67 -27.10 -4.62
CA LEU A 206 -16.95 -27.02 -3.92
C LEU A 206 -18.21 -26.99 -4.77
N GLY A 207 -18.10 -26.48 -6.00
CA GLY A 207 -19.25 -26.34 -6.89
C GLY A 207 -19.82 -24.94 -6.67
N ILE A 208 -20.48 -24.37 -7.70
CA ILE A 208 -21.06 -23.01 -7.65
C ILE A 208 -22.16 -22.88 -6.52
N GLY A 209 -22.80 -23.99 -6.14
CA GLY A 209 -23.82 -24.07 -5.11
C GLY A 209 -23.27 -23.72 -3.74
N LYS A 210 -22.20 -24.46 -3.31
CA LYS A 210 -21.49 -24.27 -2.04
C LYS A 210 -20.79 -22.91 -1.98
N VAL A 211 -20.25 -22.43 -3.14
CA VAL A 211 -19.56 -21.13 -3.27
C VAL A 211 -20.52 -20.00 -2.92
N MET A 212 -21.75 -20.01 -3.51
CA MET A 212 -22.79 -19.01 -3.27
C MET A 212 -23.31 -19.06 -1.84
N GLU A 213 -23.47 -20.29 -1.28
CA GLU A 213 -23.90 -20.56 0.10
C GLU A 213 -22.91 -19.86 1.06
N GLU A 214 -21.58 -20.13 0.88
CA GLU A 214 -20.50 -19.55 1.67
C GLU A 214 -20.33 -18.03 1.47
N THR A 215 -20.47 -17.53 0.21
CA THR A 215 -20.35 -16.10 -0.15
C THR A 215 -21.38 -15.26 0.60
N LEU A 216 -22.67 -15.63 0.50
CA LEU A 216 -23.79 -14.93 1.15
C LEU A 216 -23.74 -15.07 2.68
N SER A 217 -23.30 -16.24 3.21
CA SER A 217 -23.18 -16.48 4.68
C SER A 217 -22.06 -15.61 5.27
N TYR A 218 -20.94 -15.42 4.53
CA TYR A 218 -19.78 -14.60 4.93
C TYR A 218 -20.15 -13.12 5.06
N LEU A 219 -20.98 -12.59 4.12
CA LEU A 219 -21.41 -11.20 4.11
C LEU A 219 -22.66 -10.89 4.92
N LEU A 220 -23.67 -11.78 4.89
CA LEU A 220 -24.97 -11.58 5.56
C LEU A 220 -25.21 -12.31 6.89
N GLY A 221 -24.38 -13.31 7.22
CA GLY A 221 -24.45 -14.13 8.44
C GLY A 221 -24.89 -13.49 9.74
N ARG A 222 -24.28 -12.34 10.10
CA ARG A 222 -24.57 -11.58 11.32
C ARG A 222 -25.95 -10.89 11.26
N LYS A 223 -26.27 -10.25 10.11
CA LYS A 223 -27.50 -9.50 9.81
C LYS A 223 -27.55 -9.12 8.33
N LYS A 224 -28.77 -8.80 7.81
CA LYS A 224 -28.98 -8.38 6.43
C LYS A 224 -28.28 -7.04 6.19
N ARG A 225 -27.58 -6.92 5.06
CA ARG A 225 -26.82 -5.73 4.65
C ARG A 225 -26.84 -5.55 3.12
N PRO A 226 -26.69 -4.30 2.54
CA PRO A 226 -26.72 -4.16 1.07
C PRO A 226 -25.59 -4.90 0.34
N ILE A 227 -25.90 -5.38 -0.87
CA ILE A 227 -24.96 -6.12 -1.73
C ILE A 227 -24.65 -5.35 -3.00
N HIS A 228 -23.34 -5.12 -3.25
CA HIS A 228 -22.85 -4.48 -4.46
C HIS A 228 -22.18 -5.58 -5.26
N LEU A 229 -22.75 -5.91 -6.43
CA LEU A 229 -22.21 -6.93 -7.30
C LEU A 229 -21.45 -6.22 -8.42
N SER A 230 -20.13 -6.45 -8.49
CA SER A 230 -19.27 -5.88 -9.52
C SER A 230 -18.89 -7.03 -10.42
N PHE A 231 -19.63 -7.13 -11.55
CA PHE A 231 -19.47 -8.18 -12.54
C PHE A 231 -18.64 -7.78 -13.75
N ASP A 232 -17.49 -8.43 -13.89
CA ASP A 232 -16.59 -8.28 -15.01
C ASP A 232 -16.94 -9.47 -15.89
N VAL A 233 -17.28 -9.21 -17.17
CA VAL A 233 -17.68 -10.24 -18.15
C VAL A 233 -16.54 -11.26 -18.39
N ASP A 234 -15.25 -10.87 -18.16
CA ASP A 234 -14.13 -11.79 -18.32
C ASP A 234 -14.08 -12.85 -17.19
N GLY A 235 -14.94 -12.70 -16.16
CA GLY A 235 -15.10 -13.64 -15.04
C GLY A 235 -15.62 -14.95 -15.61
N LEU A 236 -16.50 -14.82 -16.63
CA LEU A 236 -17.10 -15.89 -17.40
C LEU A 236 -16.08 -16.29 -18.47
N ASP A 237 -16.07 -17.59 -18.83
CA ASP A 237 -15.18 -18.18 -19.83
C ASP A 237 -15.27 -17.51 -21.22
N PRO A 238 -14.12 -17.33 -21.98
CA PRO A 238 -14.17 -16.72 -23.33
C PRO A 238 -15.09 -17.39 -24.36
N SER A 239 -15.58 -18.62 -24.09
CA SER A 239 -16.52 -19.34 -24.97
C SER A 239 -17.92 -18.68 -24.89
N PHE A 240 -18.18 -17.88 -23.83
CA PHE A 240 -19.44 -17.16 -23.58
C PHE A 240 -19.32 -15.64 -23.71
N THR A 241 -18.18 -15.08 -23.27
CA THR A 241 -17.87 -13.65 -23.32
C THR A 241 -16.50 -13.39 -24.05
N PRO A 242 -16.34 -13.69 -25.38
CA PRO A 242 -15.03 -13.43 -26.03
C PRO A 242 -14.68 -11.96 -26.24
N ALA A 243 -15.69 -11.10 -26.54
CA ALA A 243 -15.51 -9.68 -26.78
C ALA A 243 -15.24 -8.88 -25.47
N THR A 244 -14.02 -9.10 -24.92
CA THR A 244 -13.49 -8.50 -23.70
C THR A 244 -11.95 -8.32 -23.84
N GLY A 245 -11.41 -7.32 -23.13
CA GLY A 245 -10.00 -6.93 -23.15
C GLY A 245 -8.96 -7.90 -22.63
N THR A 246 -9.24 -8.55 -21.48
CA THR A 246 -8.33 -9.50 -20.83
C THR A 246 -9.02 -10.89 -20.66
N PRO A 247 -9.27 -11.66 -21.77
CA PRO A 247 -9.91 -12.98 -21.60
C PRO A 247 -8.94 -14.06 -21.12
N VAL A 248 -9.38 -14.87 -20.14
CA VAL A 248 -8.59 -15.97 -19.55
C VAL A 248 -9.41 -17.26 -19.67
N VAL A 249 -8.81 -18.31 -20.28
CA VAL A 249 -9.41 -19.65 -20.48
C VAL A 249 -9.73 -20.34 -19.12
N GLY A 250 -10.71 -21.26 -19.14
CA GLY A 250 -11.14 -22.01 -17.96
C GLY A 250 -11.94 -21.17 -16.97
N GLY A 251 -12.83 -20.34 -17.49
CA GLY A 251 -13.64 -19.48 -16.66
C GLY A 251 -14.97 -20.06 -16.24
N LEU A 252 -15.75 -19.23 -15.52
CA LEU A 252 -17.08 -19.58 -15.04
C LEU A 252 -17.97 -19.81 -16.26
N THR A 253 -18.82 -20.83 -16.21
CA THR A 253 -19.72 -21.16 -17.32
C THR A 253 -20.90 -20.18 -17.35
N TYR A 254 -21.69 -20.21 -18.46
CA TYR A 254 -22.90 -19.40 -18.68
C TYR A 254 -23.90 -19.71 -17.53
N ARG A 255 -24.00 -21.00 -17.15
CA ARG A 255 -24.83 -21.58 -16.10
C ARG A 255 -24.42 -21.08 -14.71
N GLU A 256 -23.10 -21.11 -14.40
CA GLU A 256 -22.52 -20.67 -13.13
C GLU A 256 -22.77 -19.18 -12.92
N GLY A 257 -22.59 -18.39 -14.00
CA GLY A 257 -22.82 -16.95 -14.02
C GLY A 257 -24.26 -16.62 -13.71
N LEU A 258 -25.21 -17.38 -14.32
CA LEU A 258 -26.64 -17.21 -14.09
C LEU A 258 -26.99 -17.64 -12.67
N TYR A 259 -26.29 -18.68 -12.13
CA TYR A 259 -26.51 -19.18 -10.78
C TYR A 259 -26.17 -18.14 -9.70
N ILE A 260 -24.97 -17.49 -9.80
CA ILE A 260 -24.45 -16.44 -8.90
C ILE A 260 -25.51 -15.31 -8.80
N THR A 261 -25.92 -14.78 -9.97
CA THR A 261 -26.87 -13.70 -10.17
C THR A 261 -28.30 -14.06 -9.69
N GLU A 262 -28.76 -15.33 -9.93
CA GLU A 262 -30.09 -15.81 -9.47
C GLU A 262 -30.13 -15.84 -7.94
N GLU A 263 -29.02 -16.28 -7.30
CA GLU A 263 -28.86 -16.38 -5.86
C GLU A 263 -28.82 -15.01 -5.19
N ILE A 264 -28.10 -14.02 -5.79
CA ILE A 264 -28.00 -12.63 -5.29
C ILE A 264 -29.40 -11.97 -5.34
N TYR A 265 -30.17 -12.17 -6.45
CA TYR A 265 -31.53 -11.61 -6.58
C TYR A 265 -32.45 -12.09 -5.45
N LYS A 266 -32.48 -13.43 -5.21
CA LYS A 266 -33.29 -14.13 -4.19
C LYS A 266 -33.18 -13.55 -2.77
N THR A 267 -32.00 -13.01 -2.41
CA THR A 267 -31.73 -12.38 -1.10
C THR A 267 -32.55 -11.08 -0.93
N GLY A 268 -32.87 -10.43 -2.07
CA GLY A 268 -33.60 -9.17 -2.16
C GLY A 268 -32.77 -8.02 -1.63
N LEU A 269 -31.42 -8.21 -1.59
CA LEU A 269 -30.47 -7.26 -1.04
C LEU A 269 -29.53 -6.62 -2.08
N LEU A 270 -29.69 -6.91 -3.41
CA LEU A 270 -28.88 -6.28 -4.48
C LEU A 270 -29.19 -4.78 -4.39
N SER A 271 -28.15 -3.98 -4.21
CA SER A 271 -28.24 -2.55 -4.02
C SER A 271 -27.45 -1.75 -5.07
N GLY A 272 -26.37 -2.34 -5.56
CA GLY A 272 -25.49 -1.78 -6.58
C GLY A 272 -25.04 -2.88 -7.53
N LEU A 273 -24.96 -2.55 -8.83
CA LEU A 273 -24.55 -3.49 -9.86
C LEU A 273 -23.69 -2.85 -10.95
N ASP A 274 -22.59 -3.55 -11.32
CA ASP A 274 -21.63 -3.19 -12.36
C ASP A 274 -21.54 -4.29 -13.41
N ILE A 275 -21.77 -3.94 -14.70
CA ILE A 275 -21.69 -4.87 -15.84
C ILE A 275 -20.56 -4.24 -16.65
N MET A 276 -19.33 -4.72 -16.40
CA MET A 276 -18.10 -4.18 -16.98
C MET A 276 -17.33 -5.06 -17.95
N GLU A 277 -16.42 -4.40 -18.68
CA GLU A 277 -15.43 -4.87 -19.64
C GLU A 277 -16.02 -5.45 -20.96
N VAL A 278 -17.27 -5.06 -21.33
CA VAL A 278 -17.87 -5.50 -22.60
C VAL A 278 -17.18 -4.64 -23.69
N ASN A 279 -16.39 -5.30 -24.57
CA ASN A 279 -15.69 -4.61 -25.64
C ASN A 279 -16.14 -5.15 -27.02
N PRO A 280 -17.14 -4.47 -27.66
CA PRO A 280 -17.65 -4.93 -28.97
C PRO A 280 -16.67 -4.90 -30.16
N SER A 281 -15.53 -4.18 -30.05
CA SER A 281 -14.54 -4.11 -31.12
C SER A 281 -13.53 -5.29 -31.08
N LEU A 282 -13.53 -6.08 -29.98
CA LEU A 282 -12.60 -7.21 -29.79
C LEU A 282 -13.16 -8.60 -30.17
N GLY A 283 -14.38 -8.65 -30.70
CA GLY A 283 -15.02 -9.87 -31.17
C GLY A 283 -14.43 -10.23 -32.54
N LYS A 284 -13.82 -11.44 -32.66
CA LYS A 284 -13.19 -11.98 -33.88
C LYS A 284 -14.14 -12.09 -35.09
N THR A 285 -15.46 -12.23 -34.80
CA THR A 285 -16.58 -12.34 -35.75
C THR A 285 -17.77 -11.52 -35.17
N PRO A 286 -18.76 -11.01 -35.97
CA PRO A 286 -19.91 -10.29 -35.37
C PRO A 286 -20.74 -11.13 -34.39
N GLU A 287 -20.73 -12.49 -34.55
CA GLU A 287 -21.40 -13.49 -33.71
C GLU A 287 -20.78 -13.50 -32.30
N GLU A 288 -19.42 -13.35 -32.19
CA GLU A 288 -18.68 -13.31 -30.91
C GLU A 288 -19.11 -12.11 -30.06
N VAL A 289 -19.41 -10.97 -30.72
CA VAL A 289 -19.87 -9.70 -30.14
C VAL A 289 -21.29 -9.93 -29.58
N THR A 290 -22.23 -10.45 -30.42
CA THR A 290 -23.63 -10.75 -30.05
C THR A 290 -23.68 -11.74 -28.88
N ARG A 291 -22.79 -12.76 -28.89
CA ARG A 291 -22.67 -13.80 -27.86
C ARG A 291 -22.30 -13.19 -26.49
N THR A 292 -21.30 -12.26 -26.45
CA THR A 292 -20.82 -11.56 -25.24
C THR A 292 -21.95 -10.69 -24.66
N VAL A 293 -22.57 -9.84 -25.52
CA VAL A 293 -23.65 -8.90 -25.22
C VAL A 293 -24.89 -9.66 -24.71
N ASN A 294 -25.34 -10.74 -25.43
CA ASN A 294 -26.49 -11.56 -25.01
C ASN A 294 -26.24 -12.22 -23.67
N THR A 295 -24.98 -12.68 -23.41
CA THR A 295 -24.56 -13.28 -22.13
C THR A 295 -24.67 -12.20 -21.04
N ALA A 296 -24.07 -10.98 -21.29
CA ALA A 296 -24.10 -9.83 -20.37
C ALA A 296 -25.53 -9.37 -20.04
N VAL A 297 -26.45 -9.39 -21.05
CA VAL A 297 -27.88 -9.04 -20.93
C VAL A 297 -28.54 -10.06 -19.97
N ALA A 298 -28.35 -11.39 -20.24
CA ALA A 298 -28.88 -12.52 -19.45
C ALA A 298 -28.44 -12.42 -17.97
N ILE A 299 -27.14 -12.09 -17.71
CA ILE A 299 -26.52 -11.91 -16.39
C ILE A 299 -27.28 -10.81 -15.63
N THR A 300 -27.53 -9.66 -16.32
CA THR A 300 -28.24 -8.48 -15.80
C THR A 300 -29.71 -8.82 -15.52
N LEU A 301 -30.40 -9.55 -16.44
CA LEU A 301 -31.80 -9.93 -16.30
C LEU A 301 -32.04 -10.85 -15.09
N ALA A 302 -31.09 -11.77 -14.82
CA ALA A 302 -31.11 -12.71 -13.69
C ALA A 302 -30.90 -11.98 -12.34
N CYS A 303 -30.19 -10.83 -12.34
CA CYS A 303 -29.93 -9.97 -11.16
C CYS A 303 -31.22 -9.30 -10.69
N PHE A 304 -32.18 -9.08 -11.63
CA PHE A 304 -33.44 -8.40 -11.38
C PHE A 304 -34.71 -9.29 -11.53
N GLY A 305 -34.56 -10.60 -11.28
CA GLY A 305 -35.69 -11.52 -11.29
C GLY A 305 -35.80 -12.71 -12.21
N LEU A 306 -35.29 -12.61 -13.46
CA LEU A 306 -35.38 -13.69 -14.46
C LEU A 306 -34.77 -15.00 -13.94
N ALA A 307 -35.66 -15.97 -13.71
CA ALA A 307 -35.33 -17.31 -13.20
C ALA A 307 -35.48 -18.36 -14.28
N ARG A 308 -34.53 -19.30 -14.31
CA ARG A 308 -34.52 -20.40 -15.28
C ARG A 308 -35.69 -21.36 -15.07
N GLU A 309 -36.15 -21.53 -13.80
CA GLU A 309 -37.31 -22.37 -13.44
C GLU A 309 -38.62 -21.78 -14.00
N GLY A 310 -38.59 -20.46 -14.28
CA GLY A 310 -39.69 -19.67 -14.82
C GLY A 310 -40.08 -18.53 -13.91
N ASN A 311 -40.88 -17.61 -14.45
CA ASN A 311 -41.40 -16.41 -13.79
C ASN A 311 -42.87 -16.27 -14.16
N HIS A 312 -43.70 -15.76 -13.22
CA HIS A 312 -45.13 -15.52 -13.43
C HIS A 312 -45.65 -14.35 -12.61
N LYS A 313 -46.58 -13.58 -13.20
CA LYS A 313 -47.25 -12.42 -12.59
C LYS A 313 -48.26 -12.97 -11.54
N PRO A 314 -48.59 -12.27 -10.41
CA PRO A 314 -49.55 -12.84 -9.43
C PRO A 314 -51.02 -12.77 -9.87
N ILE A 315 -51.35 -13.58 -10.90
CA ILE A 315 -52.66 -13.76 -11.56
C ILE A 315 -52.92 -15.27 -11.82
N ASP A 316 -54.21 -15.65 -11.97
CA ASP A 316 -54.62 -17.03 -12.22
C ASP A 316 -54.64 -17.26 -13.73
N TYR A 317 -53.61 -17.98 -14.24
CA TYR A 317 -53.43 -18.33 -15.66
C TYR A 317 -54.42 -19.41 -16.12
N LEU A 318 -54.94 -20.24 -15.17
CA LEU A 318 -55.89 -21.33 -15.42
C LEU A 318 -57.38 -20.92 -15.33
N ASN A 319 -57.66 -19.65 -14.97
CA ASN A 319 -59.01 -19.08 -14.84
C ASN A 319 -59.33 -18.09 -15.96
N SER B 2 16.37 -24.92 -5.95
CA SER B 2 15.04 -24.56 -5.47
C SER B 2 14.30 -25.77 -4.82
N ALA B 3 12.97 -25.62 -4.52
CA ALA B 3 12.09 -26.61 -3.89
C ALA B 3 12.09 -27.97 -4.59
N LYS B 4 11.94 -29.06 -3.79
CA LYS B 4 11.91 -30.47 -4.25
C LYS B 4 10.76 -30.70 -5.24
N SER B 5 9.58 -30.06 -4.99
CA SER B 5 8.38 -30.12 -5.84
C SER B 5 8.53 -29.27 -7.13
N ARG B 6 9.62 -28.46 -7.22
CA ARG B 6 9.95 -27.58 -8.35
C ARG B 6 11.33 -27.94 -9.02
N THR B 7 11.96 -29.07 -8.64
CA THR B 7 13.25 -29.53 -9.22
C THR B 7 12.88 -30.58 -10.27
N ILE B 8 13.07 -30.22 -11.57
CA ILE B 8 12.71 -31.00 -12.77
C ILE B 8 13.89 -31.46 -13.64
N GLY B 9 13.74 -32.68 -14.16
CA GLY B 9 14.63 -33.38 -15.07
C GLY B 9 13.79 -33.77 -16.26
N ILE B 10 13.85 -32.95 -17.34
CA ILE B 10 13.07 -33.16 -18.57
C ILE B 10 13.74 -34.23 -19.44
N ILE B 11 12.91 -35.20 -19.90
CA ILE B 11 13.31 -36.31 -20.78
C ILE B 11 12.38 -36.31 -21.99
N GLY B 12 12.98 -36.05 -23.15
CA GLY B 12 12.29 -36.05 -24.43
C GLY B 12 12.22 -37.48 -24.92
N ALA B 13 11.01 -38.00 -25.15
CA ALA B 13 10.78 -39.37 -25.63
C ALA B 13 10.05 -39.34 -27.02
N PRO B 14 10.79 -39.00 -28.13
CA PRO B 14 10.14 -38.94 -29.46
C PRO B 14 9.90 -40.32 -30.07
N PHE B 15 8.85 -41.01 -29.57
CA PHE B 15 8.48 -42.36 -29.97
C PHE B 15 7.03 -42.50 -30.39
N SER B 16 6.80 -43.17 -31.53
CA SER B 16 5.48 -43.37 -32.12
C SER B 16 5.01 -44.81 -32.41
N LYS B 17 5.93 -45.79 -32.48
CA LYS B 17 5.65 -47.18 -32.85
C LYS B 17 4.72 -47.98 -31.85
N GLY B 18 4.20 -47.32 -30.80
CA GLY B 18 3.26 -47.91 -29.85
C GLY B 18 1.83 -47.82 -30.36
N GLN B 19 1.62 -47.07 -31.48
CA GLN B 19 0.34 -46.83 -32.17
C GLN B 19 0.56 -46.61 -33.72
N PRO B 20 -0.47 -46.68 -34.62
CA PRO B 20 -0.18 -46.52 -36.06
C PRO B 20 -0.19 -45.09 -36.63
N ARG B 21 -0.64 -44.08 -35.85
CA ARG B 21 -0.73 -42.69 -36.31
C ARG B 21 0.58 -41.91 -36.11
N GLY B 22 1.23 -41.60 -37.23
CA GLY B 22 2.49 -40.85 -37.26
C GLY B 22 2.33 -39.41 -36.82
N GLY B 23 3.39 -38.87 -36.20
CA GLY B 23 3.44 -37.49 -35.73
C GLY B 23 3.56 -37.27 -34.23
N VAL B 24 3.17 -38.29 -33.41
CA VAL B 24 3.22 -38.24 -31.93
C VAL B 24 4.70 -38.12 -31.46
N GLU B 25 5.67 -38.56 -32.32
CA GLU B 25 7.12 -38.46 -32.09
C GLU B 25 7.57 -36.97 -32.05
N GLU B 26 6.77 -36.03 -32.64
CA GLU B 26 7.06 -34.60 -32.65
C GLU B 26 6.54 -33.87 -31.39
N GLY B 27 5.92 -34.63 -30.47
CA GLY B 27 5.40 -34.18 -29.18
C GLY B 27 6.44 -33.44 -28.34
N PRO B 28 7.68 -33.99 -28.07
CA PRO B 28 8.69 -33.21 -27.29
C PRO B 28 9.16 -31.94 -28.00
N THR B 29 9.20 -31.95 -29.35
CA THR B 29 9.64 -30.85 -30.21
C THR B 29 8.69 -29.63 -30.07
N VAL B 30 7.38 -29.83 -30.30
CA VAL B 30 6.34 -28.78 -30.26
C VAL B 30 6.11 -28.29 -28.79
N LEU B 31 6.26 -29.17 -27.77
CA LEU B 31 6.11 -28.79 -26.35
C LEU B 31 7.22 -27.81 -25.94
N ARG B 32 8.46 -28.03 -26.45
CA ARG B 32 9.66 -27.20 -26.25
C ARG B 32 9.48 -25.85 -26.93
N LYS B 33 9.06 -25.86 -28.25
CA LYS B 33 8.81 -24.69 -29.11
C LYS B 33 7.80 -23.71 -28.49
N ALA B 34 6.83 -24.25 -27.69
CA ALA B 34 5.78 -23.52 -26.96
C ALA B 34 6.36 -22.73 -25.75
N GLY B 35 7.61 -23.02 -25.39
CA GLY B 35 8.36 -22.39 -24.32
C GLY B 35 8.18 -22.99 -22.95
N LEU B 36 7.93 -24.33 -22.86
CA LEU B 36 7.72 -25.09 -21.62
C LEU B 36 8.83 -24.90 -20.59
N LEU B 37 10.12 -25.03 -21.01
CA LEU B 37 11.29 -24.86 -20.15
C LEU B 37 11.39 -23.45 -19.59
N GLU B 38 11.23 -22.42 -20.47
CA GLU B 38 11.26 -20.98 -20.13
C GLU B 38 10.15 -20.64 -19.13
N LYS B 39 8.92 -21.15 -19.38
CA LYS B 39 7.74 -20.94 -18.53
C LYS B 39 7.93 -21.58 -17.17
N LEU B 40 8.52 -22.82 -17.14
CA LEU B 40 8.82 -23.53 -15.90
C LEU B 40 9.86 -22.77 -15.07
N LYS B 41 10.91 -22.21 -15.73
CA LYS B 41 11.98 -21.40 -15.10
C LYS B 41 11.45 -20.09 -14.48
N GLU B 42 10.39 -19.50 -15.09
CA GLU B 42 9.70 -18.27 -14.65
C GLU B 42 8.80 -18.52 -13.41
N GLN B 43 8.58 -19.81 -13.09
CA GLN B 43 7.77 -20.36 -12.00
C GLN B 43 8.63 -20.90 -10.82
N GLU B 44 9.88 -20.36 -10.67
CA GLU B 44 10.89 -20.67 -9.64
C GLU B 44 11.35 -22.17 -9.67
N CYS B 45 11.29 -22.81 -10.86
CA CYS B 45 11.70 -24.19 -11.08
C CYS B 45 13.15 -24.34 -11.52
N ASP B 46 13.83 -25.35 -10.95
CA ASP B 46 15.22 -25.73 -11.26
C ASP B 46 14.99 -26.78 -12.35
N VAL B 47 15.22 -26.37 -13.62
CA VAL B 47 15.02 -27.21 -14.81
C VAL B 47 16.34 -27.60 -15.48
N LYS B 48 16.54 -28.93 -15.64
CA LYS B 48 17.68 -29.55 -16.31
C LYS B 48 17.11 -30.35 -17.48
N ASP B 49 17.62 -30.07 -18.67
CA ASP B 49 17.21 -30.71 -19.91
C ASP B 49 18.20 -31.82 -20.27
N TYR B 50 17.71 -33.08 -20.31
CA TYR B 50 18.49 -34.28 -20.63
C TYR B 50 18.46 -34.62 -22.13
N GLY B 51 17.77 -33.78 -22.91
CA GLY B 51 17.60 -33.90 -24.36
C GLY B 51 16.64 -34.99 -24.78
N ASP B 52 16.51 -35.18 -26.11
CA ASP B 52 15.64 -36.20 -26.70
C ASP B 52 16.39 -37.50 -26.83
N LEU B 53 15.81 -38.59 -26.28
CA LEU B 53 16.38 -39.93 -26.32
C LEU B 53 16.49 -40.42 -27.76
N PRO B 54 17.69 -40.94 -28.17
CA PRO B 54 17.80 -41.45 -29.54
C PRO B 54 17.11 -42.83 -29.59
N PHE B 55 16.12 -42.95 -30.46
CA PHE B 55 15.44 -44.22 -30.58
C PHE B 55 15.88 -44.85 -31.88
N ALA B 56 17.14 -45.39 -31.85
CA ALA B 56 17.82 -46.06 -32.95
C ALA B 56 16.87 -47.08 -33.56
N ASP B 57 16.70 -46.95 -34.89
CA ASP B 57 15.82 -47.76 -35.72
C ASP B 57 15.98 -49.24 -35.49
N ILE B 58 14.85 -49.93 -35.29
CA ILE B 58 14.81 -51.37 -35.08
C ILE B 58 14.06 -51.94 -36.30
N PRO B 59 14.77 -52.14 -37.45
CA PRO B 59 14.08 -52.70 -38.63
C PRO B 59 13.95 -54.21 -38.43
N ASN B 60 13.07 -54.86 -39.23
CA ASN B 60 12.77 -56.31 -39.16
C ASN B 60 12.25 -56.61 -37.74
N ASP B 61 11.17 -55.89 -37.38
CA ASP B 61 10.46 -55.98 -36.11
C ASP B 61 9.05 -56.41 -36.49
N SER B 62 8.95 -57.70 -36.85
CA SER B 62 7.72 -58.38 -37.23
C SER B 62 6.76 -58.47 -36.03
N PRO B 63 5.41 -58.45 -36.21
CA PRO B 63 4.52 -58.51 -35.05
C PRO B 63 4.49 -59.84 -34.29
N PHE B 64 4.22 -59.76 -32.97
CA PHE B 64 4.05 -60.89 -32.06
C PHE B 64 2.53 -61.05 -32.08
N GLN B 65 2.03 -62.07 -32.82
CA GLN B 65 0.60 -62.38 -33.03
C GLN B 65 -0.04 -61.17 -33.78
N ILE B 66 -0.81 -60.32 -33.06
CA ILE B 66 -1.49 -59.13 -33.56
C ILE B 66 -0.77 -57.84 -33.08
N VAL B 67 0.09 -57.97 -32.04
CA VAL B 67 0.86 -56.92 -31.37
C VAL B 67 1.94 -56.35 -32.32
N LYS B 68 1.74 -55.09 -32.77
CA LYS B 68 2.60 -54.33 -33.70
C LYS B 68 3.82 -53.71 -33.03
N ASN B 69 4.96 -53.72 -33.75
CA ASN B 69 6.30 -53.19 -33.38
C ASN B 69 6.75 -53.59 -31.92
N PRO B 70 6.78 -54.91 -31.53
CA PRO B 70 7.14 -55.25 -30.13
C PRO B 70 8.56 -54.86 -29.67
N ARG B 71 9.60 -55.16 -30.48
CA ARG B 71 11.02 -54.86 -30.15
C ARG B 71 11.30 -53.37 -30.03
N SER B 72 10.71 -52.53 -30.94
CA SER B 72 10.84 -51.07 -30.96
C SER B 72 10.27 -50.46 -29.68
N VAL B 73 9.04 -50.87 -29.29
CA VAL B 73 8.32 -50.42 -28.08
C VAL B 73 9.08 -50.84 -26.82
N GLY B 74 9.48 -52.13 -26.79
CA GLY B 74 10.22 -52.74 -25.69
C GLY B 74 11.53 -52.05 -25.37
N LYS B 75 12.36 -51.79 -26.42
CA LYS B 75 13.66 -51.12 -26.28
C LYS B 75 13.52 -49.65 -25.93
N ALA B 76 12.52 -48.94 -26.53
CA ALA B 76 12.24 -47.52 -26.27
C ALA B 76 11.89 -47.32 -24.79
N SER B 77 11.07 -48.25 -24.22
CA SER B 77 10.67 -48.24 -22.81
C SER B 77 11.89 -48.62 -21.95
N GLU B 78 12.69 -49.65 -22.34
CA GLU B 78 13.90 -50.08 -21.62
C GLU B 78 14.90 -48.92 -21.49
N GLN B 79 15.13 -48.17 -22.60
CA GLN B 79 16.03 -47.01 -22.67
C GLN B 79 15.48 -45.89 -21.78
N LEU B 80 14.15 -45.60 -21.88
CA LEU B 80 13.47 -44.57 -21.08
C LEU B 80 13.58 -44.88 -19.58
N ALA B 81 13.43 -46.18 -19.20
CA ALA B 81 13.55 -46.68 -17.83
C ALA B 81 14.91 -46.29 -17.23
N GLY B 82 15.99 -46.52 -18.00
CA GLY B 82 17.36 -46.19 -17.61
C GLY B 82 17.55 -44.70 -17.36
N LYS B 83 16.98 -43.86 -18.27
CA LYS B 83 17.06 -42.41 -18.19
C LYS B 83 16.22 -41.85 -17.02
N VAL B 84 14.99 -42.37 -16.80
CA VAL B 84 14.09 -41.96 -15.69
C VAL B 84 14.81 -42.25 -14.35
N ALA B 85 15.41 -43.46 -14.20
CA ALA B 85 16.17 -43.90 -13.02
C ALA B 85 17.37 -42.97 -12.74
N GLU B 86 18.09 -42.55 -13.81
CA GLU B 86 19.25 -41.64 -13.79
C GLU B 86 18.81 -40.26 -13.26
N VAL B 87 17.69 -39.72 -13.79
CA VAL B 87 17.08 -38.43 -13.43
C VAL B 87 16.66 -38.47 -11.95
N LYS B 88 16.04 -39.59 -11.52
CA LYS B 88 15.59 -39.83 -10.15
C LYS B 88 16.74 -39.86 -9.15
N LYS B 89 17.88 -40.51 -9.50
CA LYS B 89 19.09 -40.60 -8.66
C LYS B 89 19.74 -39.21 -8.43
N ASN B 90 19.56 -38.28 -9.40
CA ASN B 90 20.04 -36.88 -9.37
C ASN B 90 19.14 -35.95 -8.49
N GLY B 91 18.08 -36.54 -7.90
CA GLY B 91 17.11 -35.88 -7.03
C GLY B 91 16.22 -34.87 -7.73
N ARG B 92 15.72 -35.24 -8.94
CA ARG B 92 14.85 -34.43 -9.79
C ARG B 92 13.58 -35.17 -10.18
N ILE B 93 12.47 -34.43 -10.38
CA ILE B 93 11.19 -34.97 -10.83
C ILE B 93 11.35 -35.22 -12.33
N SER B 94 11.14 -36.48 -12.74
CA SER B 94 11.23 -36.90 -14.14
C SER B 94 10.01 -36.39 -14.89
N LEU B 95 10.25 -35.66 -15.99
CA LEU B 95 9.21 -35.12 -16.84
C LEU B 95 9.41 -35.68 -18.24
N VAL B 96 8.63 -36.71 -18.54
CA VAL B 96 8.64 -37.42 -19.82
C VAL B 96 7.70 -36.74 -20.79
N LEU B 97 8.29 -36.21 -21.86
CA LEU B 97 7.57 -35.57 -22.93
C LEU B 97 7.42 -36.63 -24.01
N GLY B 98 6.18 -37.07 -24.18
CA GLY B 98 5.82 -38.09 -25.16
C GLY B 98 5.52 -37.48 -26.53
N GLY B 99 5.38 -38.30 -27.58
CA GLY B 99 5.44 -39.75 -27.58
C GLY B 99 4.12 -40.40 -27.21
N ASP B 100 3.96 -41.69 -27.59
CA ASP B 100 2.75 -42.45 -27.30
C ASP B 100 2.85 -43.07 -25.90
N HIS B 101 1.69 -43.37 -25.25
CA HIS B 101 1.59 -43.91 -23.90
C HIS B 101 2.26 -45.29 -23.64
N SER B 102 2.76 -46.02 -24.67
CA SER B 102 3.45 -47.31 -24.43
C SER B 102 4.73 -47.09 -23.60
N LEU B 103 5.31 -45.85 -23.71
CA LEU B 103 6.49 -45.35 -23.01
C LEU B 103 6.33 -45.34 -21.47
N ALA B 104 5.05 -45.38 -20.97
CA ALA B 104 4.72 -45.43 -19.54
C ALA B 104 5.29 -46.71 -18.90
N ILE B 105 5.51 -47.81 -19.70
CA ILE B 105 6.12 -49.10 -19.26
C ILE B 105 7.51 -48.72 -18.72
N GLY B 106 8.29 -47.97 -19.53
CA GLY B 106 9.62 -47.52 -19.16
C GLY B 106 9.65 -46.46 -18.08
N SER B 107 8.81 -45.41 -18.22
CA SER B 107 8.72 -44.30 -17.27
C SER B 107 8.41 -44.76 -15.84
N ILE B 108 7.39 -45.63 -15.67
CA ILE B 108 6.99 -46.17 -14.36
C ILE B 108 8.08 -47.16 -13.86
N SER B 109 8.57 -48.11 -14.70
CA SER B 109 9.62 -49.09 -14.33
C SER B 109 10.89 -48.43 -13.78
N GLY B 110 11.39 -47.42 -14.50
CA GLY B 110 12.58 -46.64 -14.14
C GLY B 110 12.45 -45.86 -12.85
N HIS B 111 11.27 -45.23 -12.66
CA HIS B 111 10.93 -44.45 -11.47
C HIS B 111 10.84 -45.39 -10.26
N ALA B 112 10.23 -46.60 -10.44
CA ALA B 112 10.08 -47.64 -9.41
C ALA B 112 11.40 -48.28 -8.98
N ARG B 113 12.47 -48.18 -9.79
CA ARG B 113 13.81 -48.71 -9.48
C ARG B 113 14.43 -47.91 -8.35
N VAL B 114 14.15 -46.58 -8.33
CA VAL B 114 14.63 -45.62 -7.32
C VAL B 114 13.60 -45.53 -6.17
N HIS B 115 12.30 -45.40 -6.51
CA HIS B 115 11.19 -45.30 -5.55
C HIS B 115 10.19 -46.47 -5.73
N PRO B 116 10.47 -47.70 -5.18
CA PRO B 116 9.52 -48.83 -5.35
C PRO B 116 8.15 -48.67 -4.68
N ASP B 117 8.04 -47.76 -3.69
CA ASP B 117 6.84 -47.44 -2.92
C ASP B 117 5.86 -46.47 -3.63
N LEU B 118 6.17 -46.03 -4.87
CA LEU B 118 5.37 -45.08 -5.66
C LEU B 118 3.92 -45.52 -5.94
N GLY B 119 3.05 -44.50 -6.01
CA GLY B 119 1.63 -44.58 -6.32
C GLY B 119 1.41 -43.95 -7.69
N VAL B 120 0.49 -44.50 -8.51
CA VAL B 120 0.23 -44.00 -9.85
C VAL B 120 -1.17 -43.36 -9.99
N ILE B 121 -1.21 -42.17 -10.60
CA ILE B 121 -2.42 -41.41 -10.94
C ILE B 121 -2.37 -41.42 -12.48
N TRP B 122 -3.35 -42.11 -13.08
CA TRP B 122 -3.47 -42.30 -14.53
C TRP B 122 -4.65 -41.49 -15.08
N VAL B 123 -4.35 -40.30 -15.64
CA VAL B 123 -5.31 -39.37 -16.23
C VAL B 123 -5.40 -39.68 -17.73
N ASP B 124 -6.49 -40.35 -18.11
CA ASP B 124 -6.74 -40.81 -19.47
C ASP B 124 -8.21 -41.17 -19.67
N ALA B 125 -8.65 -41.16 -20.95
CA ALA B 125 -9.99 -41.55 -21.40
C ALA B 125 -10.04 -43.08 -21.50
N HIS B 126 -8.85 -43.73 -21.48
CA HIS B 126 -8.61 -45.16 -21.62
C HIS B 126 -7.83 -45.78 -20.45
N THR B 127 -8.06 -47.07 -20.19
CA THR B 127 -7.38 -47.80 -19.12
C THR B 127 -5.95 -48.21 -19.49
N ASP B 128 -5.69 -48.52 -20.80
CA ASP B 128 -4.38 -48.97 -21.33
C ASP B 128 -3.86 -50.23 -20.56
N ILE B 129 -4.82 -51.07 -20.13
CA ILE B 129 -4.61 -52.28 -19.32
C ILE B 129 -4.82 -53.59 -20.14
N ASN B 130 -5.04 -53.48 -21.48
CA ASN B 130 -5.19 -54.63 -22.37
C ASN B 130 -3.89 -55.42 -22.31
N THR B 131 -3.98 -56.75 -22.22
CA THR B 131 -2.80 -57.61 -22.18
C THR B 131 -2.48 -57.90 -23.67
N PRO B 132 -1.26 -58.40 -24.06
CA PRO B 132 -1.01 -58.71 -25.49
C PRO B 132 -1.95 -59.79 -26.08
N LEU B 133 -2.76 -60.44 -25.21
CA LEU B 133 -3.75 -61.48 -25.51
C LEU B 133 -5.20 -60.95 -25.56
N THR B 134 -5.53 -59.86 -24.80
CA THR B 134 -6.88 -59.27 -24.77
C THR B 134 -7.04 -58.15 -25.81
N THR B 135 -5.91 -57.56 -26.28
CA THR B 135 -5.87 -56.48 -27.29
C THR B 135 -6.48 -56.95 -28.62
N THR B 136 -7.30 -56.07 -29.24
CA THR B 136 -7.98 -56.27 -30.54
C THR B 136 -7.28 -55.51 -31.66
N SER B 137 -6.60 -54.40 -31.32
CA SER B 137 -5.86 -53.53 -32.24
C SER B 137 -4.40 -53.97 -32.40
N GLY B 138 -3.81 -54.47 -31.31
CA GLY B 138 -2.41 -54.88 -31.23
C GLY B 138 -1.48 -53.70 -31.06
N ASN B 139 -2.02 -52.53 -30.66
CA ASN B 139 -1.26 -51.29 -30.43
C ASN B 139 -0.85 -51.27 -28.97
N LEU B 140 0.48 -51.27 -28.73
CA LEU B 140 1.10 -51.31 -27.40
C LEU B 140 0.83 -50.07 -26.50
N HIS B 141 0.32 -48.94 -27.07
CA HIS B 141 -0.01 -47.73 -26.29
C HIS B 141 -1.28 -47.96 -25.43
N GLY B 142 -2.03 -49.02 -25.74
CA GLY B 142 -3.23 -49.44 -25.03
C GLY B 142 -3.01 -50.68 -24.18
N GLN B 143 -1.74 -51.00 -23.91
CA GLN B 143 -1.24 -52.13 -23.13
C GLN B 143 -0.21 -51.80 -21.98
N PRO B 144 0.27 -50.54 -21.70
CA PRO B 144 1.31 -50.35 -20.67
C PRO B 144 1.03 -50.83 -19.24
N VAL B 145 -0.18 -50.56 -18.70
CA VAL B 145 -0.57 -50.93 -17.33
C VAL B 145 -0.52 -52.47 -17.11
N SER B 146 -0.88 -53.29 -18.15
CA SER B 146 -0.86 -54.75 -18.09
C SER B 146 0.54 -55.31 -17.78
N PHE B 147 1.60 -54.72 -18.40
CA PHE B 147 3.01 -55.08 -18.21
C PHE B 147 3.55 -54.66 -16.83
N LEU B 148 2.92 -53.63 -16.21
CA LEU B 148 3.32 -53.06 -14.92
C LEU B 148 2.66 -53.67 -13.68
N LEU B 149 1.42 -54.23 -13.80
CA LEU B 149 0.67 -54.80 -12.67
C LEU B 149 1.12 -56.19 -12.24
N LYS B 150 1.45 -56.30 -10.92
CA LYS B 150 1.90 -57.51 -10.24
C LYS B 150 0.88 -58.65 -10.29
N GLU B 151 -0.43 -58.32 -10.19
CA GLU B 151 -1.57 -59.24 -10.21
C GLU B 151 -1.77 -59.95 -11.56
N LEU B 152 -1.23 -59.36 -12.66
CA LEU B 152 -1.34 -59.90 -14.02
C LEU B 152 -0.11 -60.78 -14.41
N LYS B 153 0.63 -61.31 -13.39
CA LYS B 153 1.80 -62.21 -13.53
C LYS B 153 1.27 -63.57 -13.98
N GLY B 154 1.87 -64.10 -15.04
CA GLY B 154 1.50 -65.36 -15.68
C GLY B 154 0.45 -65.18 -16.77
N LYS B 155 -0.02 -63.92 -16.97
CA LYS B 155 -1.03 -63.51 -17.96
C LYS B 155 -0.42 -62.72 -19.12
N ILE B 156 0.84 -62.26 -18.97
CA ILE B 156 1.56 -61.51 -20.00
C ILE B 156 2.46 -62.49 -20.80
N PRO B 157 2.17 -62.73 -22.12
CA PRO B 157 3.02 -63.65 -22.91
C PRO B 157 4.41 -63.05 -23.14
N ASP B 158 5.36 -63.91 -23.55
CA ASP B 158 6.75 -63.52 -23.78
C ASP B 158 6.88 -62.78 -25.11
N VAL B 159 6.58 -61.48 -25.04
CA VAL B 159 6.60 -60.52 -26.15
C VAL B 159 8.06 -60.08 -26.38
N PRO B 160 8.62 -60.18 -27.64
CA PRO B 160 10.01 -59.77 -27.89
C PRO B 160 10.27 -58.30 -27.57
N GLY B 161 11.36 -58.07 -26.84
CA GLY B 161 11.81 -56.75 -26.38
C GLY B 161 11.35 -56.39 -24.97
N PHE B 162 10.57 -57.27 -24.30
CA PHE B 162 10.04 -57.03 -22.95
C PHE B 162 10.55 -57.99 -21.85
N SER B 163 11.66 -58.75 -22.08
CA SER B 163 12.24 -59.67 -21.08
C SER B 163 12.74 -58.94 -19.82
N TRP B 164 13.16 -57.66 -19.98
CA TRP B 164 13.66 -56.76 -18.93
C TRP B 164 12.55 -56.37 -17.93
N VAL B 165 11.26 -56.36 -18.38
CA VAL B 165 10.05 -55.98 -17.61
C VAL B 165 9.81 -56.93 -16.43
N THR B 166 9.66 -56.34 -15.25
CA THR B 166 9.37 -56.97 -13.97
C THR B 166 8.22 -56.11 -13.39
N PRO B 167 6.99 -56.68 -13.14
CA PRO B 167 5.88 -55.87 -12.58
C PRO B 167 6.31 -55.12 -11.31
N CYS B 168 6.10 -53.79 -11.30
CA CYS B 168 6.53 -52.92 -10.20
C CYS B 168 5.38 -52.29 -9.39
N ILE B 169 4.13 -52.30 -9.91
CA ILE B 169 3.00 -51.70 -9.21
C ILE B 169 1.88 -52.71 -8.95
N SER B 170 1.29 -52.64 -7.75
CA SER B 170 0.17 -53.48 -7.35
C SER B 170 -1.11 -52.78 -7.81
N ALA B 171 -2.19 -53.57 -8.04
CA ALA B 171 -3.53 -53.12 -8.47
C ALA B 171 -4.09 -52.02 -7.55
N LYS B 172 -3.76 -52.09 -6.24
CA LYS B 172 -4.14 -51.18 -5.15
C LYS B 172 -3.31 -49.86 -5.11
N ASP B 173 -2.23 -49.76 -5.94
CA ASP B 173 -1.35 -48.59 -5.99
C ASP B 173 -1.52 -47.71 -7.26
N ILE B 174 -2.65 -47.89 -8.00
CA ILE B 174 -3.00 -47.15 -9.22
C ILE B 174 -4.46 -46.64 -9.15
N VAL B 175 -4.68 -45.36 -9.57
CA VAL B 175 -5.98 -44.68 -9.61
C VAL B 175 -6.15 -44.06 -11.00
N TYR B 176 -7.27 -44.41 -11.67
CA TYR B 176 -7.64 -43.90 -12.99
C TYR B 176 -8.60 -42.72 -12.85
N ILE B 177 -8.42 -41.68 -13.69
CA ILE B 177 -9.28 -40.48 -13.72
C ILE B 177 -9.58 -40.11 -15.18
N GLY B 178 -10.87 -40.07 -15.51
CA GLY B 178 -11.37 -39.67 -16.82
C GLY B 178 -11.81 -40.70 -17.83
N LEU B 179 -11.88 -41.98 -17.44
CA LEU B 179 -12.27 -43.12 -18.29
C LEU B 179 -13.63 -42.96 -18.97
N ARG B 180 -13.69 -43.29 -20.29
CA ARG B 180 -14.91 -43.20 -21.12
C ARG B 180 -14.87 -44.14 -22.37
N ASP B 181 -13.72 -44.84 -22.61
CA ASP B 181 -13.54 -45.78 -23.72
C ASP B 181 -12.68 -46.96 -23.25
N VAL B 182 -13.36 -47.90 -22.56
CA VAL B 182 -12.77 -49.10 -21.97
C VAL B 182 -13.27 -50.34 -22.71
N ASP B 183 -12.31 -51.12 -23.27
CA ASP B 183 -12.56 -52.36 -24.03
C ASP B 183 -13.15 -53.46 -23.12
N PRO B 184 -13.94 -54.46 -23.65
CA PRO B 184 -14.49 -55.52 -22.76
C PRO B 184 -13.44 -56.26 -21.93
N GLY B 185 -12.30 -56.59 -22.54
CA GLY B 185 -11.18 -57.26 -21.88
C GLY B 185 -10.61 -56.42 -20.73
N GLU B 186 -10.49 -55.11 -20.97
CA GLU B 186 -10.00 -54.10 -20.02
C GLU B 186 -10.95 -53.93 -18.83
N HIS B 187 -12.28 -53.85 -19.10
CA HIS B 187 -13.34 -53.71 -18.09
C HIS B 187 -13.34 -54.91 -17.14
N TYR B 188 -13.12 -56.15 -17.69
CA TYR B 188 -13.01 -57.40 -16.92
C TYR B 188 -11.84 -57.27 -15.94
N ILE B 189 -10.62 -56.89 -16.44
CA ILE B 189 -9.37 -56.70 -15.67
C ILE B 189 -9.60 -55.67 -14.54
N LEU B 190 -10.12 -54.47 -14.91
CA LEU B 190 -10.44 -53.36 -14.00
C LEU B 190 -11.34 -53.77 -12.82
N LYS B 191 -12.42 -54.52 -13.10
CA LYS B 191 -13.40 -54.99 -12.11
C LYS B 191 -12.94 -56.20 -11.29
N THR B 192 -12.32 -57.23 -11.93
CA THR B 192 -11.85 -58.45 -11.23
C THR B 192 -10.66 -58.19 -10.28
N LEU B 193 -9.74 -57.25 -10.64
CA LEU B 193 -8.58 -56.90 -9.82
C LEU B 193 -8.90 -55.83 -8.74
N GLY B 194 -10.11 -55.26 -8.81
CA GLY B 194 -10.62 -54.23 -7.91
C GLY B 194 -9.83 -52.94 -7.89
N ILE B 195 -9.38 -52.49 -9.09
CA ILE B 195 -8.60 -51.26 -9.29
C ILE B 195 -9.52 -50.06 -9.05
N LYS B 196 -9.02 -49.06 -8.29
CA LYS B 196 -9.74 -47.82 -7.98
C LYS B 196 -9.75 -46.96 -9.25
N TYR B 197 -10.96 -46.54 -9.65
CA TYR B 197 -11.16 -45.73 -10.84
C TYR B 197 -12.23 -44.67 -10.65
N PHE B 198 -12.10 -43.62 -11.45
CA PHE B 198 -12.99 -42.48 -11.53
C PHE B 198 -13.21 -42.22 -13.00
N SER B 199 -14.19 -42.97 -13.57
CA SER B 199 -14.58 -42.80 -14.96
C SER B 199 -15.38 -41.48 -15.02
N MET B 200 -15.76 -41.02 -16.23
CA MET B 200 -16.53 -39.78 -16.39
C MET B 200 -17.83 -39.79 -15.57
N THR B 201 -18.42 -41.01 -15.34
CA THR B 201 -19.62 -41.27 -14.54
C THR B 201 -19.36 -40.82 -13.08
N GLU B 202 -18.20 -41.25 -12.49
CA GLU B 202 -17.77 -40.91 -11.12
C GLU B 202 -17.45 -39.43 -10.96
N VAL B 203 -16.82 -38.81 -11.99
CA VAL B 203 -16.45 -37.38 -12.05
C VAL B 203 -17.79 -36.57 -12.04
N ASP B 204 -18.81 -36.99 -12.83
CA ASP B 204 -20.13 -36.37 -12.90
C ASP B 204 -20.92 -36.49 -11.59
N ARG B 205 -20.87 -37.70 -10.97
CA ARG B 205 -21.54 -38.05 -9.71
C ARG B 205 -21.05 -37.28 -8.50
N LEU B 206 -19.72 -37.30 -8.28
CA LEU B 206 -19.06 -36.72 -7.13
C LEU B 206 -18.54 -35.30 -7.27
N GLY B 207 -18.07 -34.94 -8.46
CA GLY B 207 -17.44 -33.66 -8.75
C GLY B 207 -15.94 -33.87 -8.62
N ILE B 208 -15.12 -33.10 -9.37
CA ILE B 208 -13.65 -33.21 -9.37
C ILE B 208 -13.04 -33.00 -7.93
N GLY B 209 -13.71 -32.22 -7.07
CA GLY B 209 -13.30 -31.95 -5.69
C GLY B 209 -13.23 -33.22 -4.88
N LYS B 210 -14.34 -34.00 -4.86
CA LYS B 210 -14.45 -35.28 -4.15
C LYS B 210 -13.54 -36.34 -4.79
N VAL B 211 -13.43 -36.36 -6.16
CA VAL B 211 -12.59 -37.30 -6.94
C VAL B 211 -11.13 -37.19 -6.47
N MET B 212 -10.61 -35.94 -6.36
CA MET B 212 -9.23 -35.67 -5.93
C MET B 212 -9.00 -35.98 -4.45
N GLU B 213 -9.98 -35.65 -3.59
CA GLU B 213 -9.97 -35.90 -2.15
C GLU B 213 -9.83 -37.42 -1.93
N GLU B 214 -10.68 -38.23 -2.63
CA GLU B 214 -10.69 -39.69 -2.60
C GLU B 214 -9.43 -40.31 -3.18
N THR B 215 -8.96 -39.81 -4.37
CA THR B 215 -7.75 -40.27 -5.07
C THR B 215 -6.52 -40.18 -4.16
N LEU B 216 -6.28 -38.98 -3.59
CA LEU B 216 -5.13 -38.69 -2.72
C LEU B 216 -5.22 -39.41 -1.38
N SER B 217 -6.44 -39.65 -0.84
CA SER B 217 -6.64 -40.38 0.43
C SER B 217 -6.38 -41.87 0.22
N TYR B 218 -6.81 -42.42 -0.94
CA TYR B 218 -6.65 -43.83 -1.32
C TYR B 218 -5.17 -44.20 -1.48
N LEU B 219 -4.36 -43.27 -2.02
CA LEU B 219 -2.94 -43.49 -2.26
C LEU B 219 -2.01 -43.07 -1.12
N LEU B 220 -2.28 -41.93 -0.42
CA LEU B 220 -1.39 -41.43 0.65
C LEU B 220 -1.89 -41.63 2.10
N GLY B 221 -3.13 -42.12 2.28
CA GLY B 221 -3.77 -42.37 3.58
C GLY B 221 -2.99 -43.17 4.59
N ARG B 222 -2.57 -44.42 4.24
CA ARG B 222 -1.80 -45.33 5.12
C ARG B 222 -0.43 -44.70 5.48
N LYS B 223 0.30 -44.21 4.44
CA LYS B 223 1.61 -43.54 4.54
C LYS B 223 1.94 -42.72 3.29
N LYS B 224 2.69 -41.61 3.49
CA LYS B 224 3.15 -40.70 2.42
C LYS B 224 4.21 -41.41 1.60
N ARG B 225 4.09 -41.33 0.27
CA ARG B 225 5.00 -41.96 -0.70
C ARG B 225 5.04 -41.21 -2.05
N PRO B 226 6.10 -41.40 -2.92
CA PRO B 226 6.14 -40.67 -4.21
C PRO B 226 4.96 -40.94 -5.14
N ILE B 227 4.51 -39.90 -5.86
CA ILE B 227 3.40 -39.94 -6.79
C ILE B 227 3.92 -39.86 -8.23
N HIS B 228 3.41 -40.76 -9.10
CA HIS B 228 3.70 -40.81 -10.52
C HIS B 228 2.42 -40.44 -11.27
N LEU B 229 2.44 -39.30 -11.96
CA LEU B 229 1.30 -38.84 -12.73
C LEU B 229 1.53 -39.14 -14.21
N SER B 230 0.75 -40.07 -14.76
CA SER B 230 0.82 -40.43 -16.17
C SER B 230 -0.40 -39.79 -16.82
N PHE B 231 -0.15 -38.62 -17.43
CA PHE B 231 -1.17 -37.80 -18.08
C PHE B 231 -1.21 -37.95 -19.59
N ASP B 232 -2.28 -38.59 -20.07
CA ASP B 232 -2.59 -38.76 -21.48
C ASP B 232 -3.45 -37.52 -21.74
N VAL B 233 -3.11 -36.73 -22.78
CA VAL B 233 -3.85 -35.51 -23.14
C VAL B 233 -5.28 -35.83 -23.61
N ASP B 234 -5.57 -37.08 -24.10
CA ASP B 234 -6.92 -37.48 -24.53
C ASP B 234 -7.87 -37.66 -23.31
N GLY B 235 -7.34 -37.54 -22.08
CA GLY B 235 -8.11 -37.61 -20.82
C GLY B 235 -9.03 -36.41 -20.75
N LEU B 236 -8.54 -35.27 -21.29
CA LEU B 236 -9.25 -34.01 -21.41
C LEU B 236 -10.10 -34.06 -22.68
N ASP B 237 -11.24 -33.35 -22.68
CA ASP B 237 -12.20 -33.29 -23.81
C ASP B 237 -11.55 -32.82 -25.13
N PRO B 238 -11.94 -33.35 -26.35
CA PRO B 238 -11.33 -32.90 -27.62
C PRO B 238 -11.51 -31.40 -27.95
N SER B 239 -12.27 -30.64 -27.13
CA SER B 239 -12.47 -29.19 -27.29
C SER B 239 -11.26 -28.41 -26.71
N PHE B 240 -10.36 -29.10 -25.97
CA PHE B 240 -9.14 -28.54 -25.36
C PHE B 240 -7.88 -29.18 -25.93
N THR B 241 -7.90 -30.52 -26.11
CA THR B 241 -6.78 -31.30 -26.67
C THR B 241 -7.21 -32.09 -27.95
N PRO B 242 -7.62 -31.42 -29.09
CA PRO B 242 -8.01 -32.19 -30.30
C PRO B 242 -6.90 -32.92 -31.04
N ALA B 243 -5.66 -32.37 -31.04
CA ALA B 243 -4.48 -32.96 -31.70
C ALA B 243 -3.89 -34.14 -30.90
N THR B 244 -4.64 -35.26 -30.94
CA THR B 244 -4.36 -36.54 -30.27
C THR B 244 -4.91 -37.70 -31.13
N GLY B 245 -4.29 -38.86 -30.97
CA GLY B 245 -4.59 -40.09 -31.70
C GLY B 245 -5.95 -40.72 -31.48
N THR B 246 -6.36 -40.86 -30.20
CA THR B 246 -7.63 -41.49 -29.82
C THR B 246 -8.56 -40.50 -29.05
N PRO B 247 -9.17 -39.45 -29.71
CA PRO B 247 -10.05 -38.53 -28.97
C PRO B 247 -11.43 -39.12 -28.69
N VAL B 248 -11.96 -38.89 -27.46
CA VAL B 248 -13.27 -39.35 -27.00
C VAL B 248 -14.02 -38.17 -26.39
N VAL B 249 -15.24 -37.89 -26.89
CA VAL B 249 -16.14 -36.82 -26.46
C VAL B 249 -16.59 -37.02 -24.99
N GLY B 250 -16.94 -35.91 -24.33
CA GLY B 250 -17.38 -35.89 -22.93
C GLY B 250 -16.25 -36.07 -21.95
N GLY B 251 -15.13 -35.44 -22.23
CA GLY B 251 -13.94 -35.52 -21.39
C GLY B 251 -13.82 -34.54 -20.27
N LEU B 252 -12.68 -34.62 -19.57
CA LEU B 252 -12.32 -33.75 -18.45
C LEU B 252 -12.16 -32.35 -19.00
N THR B 253 -12.72 -31.37 -18.31
CA THR B 253 -12.65 -29.96 -18.73
C THR B 253 -11.23 -29.42 -18.44
N TYR B 254 -10.91 -28.21 -18.98
CA TYR B 254 -9.64 -27.51 -18.78
C TYR B 254 -9.45 -27.26 -17.28
N ARG B 255 -10.54 -26.83 -16.60
CA ARG B 255 -10.64 -26.55 -15.17
C ARG B 255 -10.38 -27.80 -14.33
N GLU B 256 -11.01 -28.95 -14.71
CA GLU B 256 -10.86 -30.24 -14.03
C GLU B 256 -9.42 -30.74 -14.11
N GLY B 257 -8.81 -30.64 -15.31
CA GLY B 257 -7.42 -31.02 -15.56
C GLY B 257 -6.46 -30.22 -14.71
N LEU B 258 -6.73 -28.89 -14.59
CA LEU B 258 -5.94 -27.96 -13.78
C LEU B 258 -6.15 -28.27 -12.31
N TYR B 259 -7.39 -28.63 -11.92
CA TYR B 259 -7.72 -28.99 -10.54
C TYR B 259 -6.95 -30.22 -10.06
N ILE B 260 -6.94 -31.32 -10.87
CA ILE B 260 -6.25 -32.60 -10.63
C ILE B 260 -4.77 -32.32 -10.35
N THR B 261 -4.11 -31.62 -11.31
CA THR B 261 -2.69 -31.26 -11.30
C THR B 261 -2.33 -30.29 -10.17
N GLU B 262 -3.20 -29.29 -9.84
CA GLU B 262 -2.99 -28.34 -8.73
C GLU B 262 -3.00 -29.11 -7.39
N GLU B 263 -3.93 -30.08 -7.25
CA GLU B 263 -4.08 -30.92 -6.05
C GLU B 263 -2.92 -31.88 -5.87
N ILE B 264 -2.33 -32.39 -6.98
CA ILE B 264 -1.17 -33.30 -6.95
C ILE B 264 0.05 -32.48 -6.47
N TYR B 265 0.27 -31.25 -7.03
CA TYR B 265 1.39 -30.39 -6.62
C TYR B 265 1.40 -30.13 -5.10
N LYS B 266 0.24 -29.69 -4.55
CA LYS B 266 -0.03 -29.34 -3.14
C LYS B 266 0.38 -30.43 -2.11
N THR B 267 0.44 -31.71 -2.53
CA THR B 267 0.87 -32.85 -1.67
C THR B 267 2.39 -32.74 -1.41
N GLY B 268 3.12 -32.17 -2.38
CA GLY B 268 4.57 -32.00 -2.38
C GLY B 268 5.28 -33.32 -2.59
N LEU B 269 4.54 -34.34 -3.10
CA LEU B 269 4.99 -35.71 -3.33
C LEU B 269 5.07 -36.14 -4.81
N LEU B 270 4.84 -35.20 -5.79
CA LEU B 270 4.96 -35.51 -7.23
C LEU B 270 6.44 -35.82 -7.44
N SER B 271 6.69 -36.99 -8.01
CA SER B 271 8.02 -37.52 -8.23
C SER B 271 8.32 -37.93 -9.68
N GLY B 272 7.27 -38.26 -10.42
CA GLY B 272 7.32 -38.64 -11.82
C GLY B 272 6.13 -38.10 -12.57
N LEU B 273 6.36 -37.61 -13.80
CA LEU B 273 5.33 -37.05 -14.67
C LEU B 273 5.52 -37.42 -16.14
N ASP B 274 4.38 -37.76 -16.81
CA ASP B 274 4.30 -38.12 -18.22
C ASP B 274 3.27 -37.23 -18.91
N ILE B 275 3.68 -36.55 -19.98
CA ILE B 275 2.83 -35.68 -20.81
C ILE B 275 2.85 -36.42 -22.13
N MET B 276 1.82 -37.28 -22.31
CA MET B 276 1.68 -38.19 -23.44
C MET B 276 0.55 -37.90 -24.42
N GLU B 277 0.69 -38.51 -25.61
CA GLU B 277 -0.19 -38.57 -26.78
C GLU B 277 -0.42 -37.20 -27.51
N VAL B 278 0.48 -36.20 -27.31
CA VAL B 278 0.39 -34.91 -28.02
C VAL B 278 0.89 -35.22 -29.45
N ASN B 279 -0.01 -35.12 -30.45
CA ASN B 279 0.30 -35.40 -31.85
C ASN B 279 0.03 -34.14 -32.71
N PRO B 280 1.10 -33.33 -32.98
CA PRO B 280 0.92 -32.09 -33.78
C PRO B 280 0.52 -32.28 -35.25
N SER B 281 0.53 -33.51 -35.80
CA SER B 281 0.14 -33.78 -37.19
C SER B 281 -1.36 -34.15 -37.33
N LEU B 282 -2.11 -34.24 -36.19
CA LEU B 282 -3.54 -34.60 -36.18
C LEU B 282 -4.50 -33.43 -35.83
N GLY B 283 -4.06 -32.20 -36.15
CA GLY B 283 -4.85 -31.00 -35.94
C GLY B 283 -5.57 -30.66 -37.23
N LYS B 284 -6.94 -30.64 -37.20
CA LYS B 284 -7.83 -30.31 -38.35
C LYS B 284 -7.54 -28.93 -38.97
N THR B 285 -7.04 -28.00 -38.12
CA THR B 285 -6.62 -26.62 -38.42
C THR B 285 -5.32 -26.34 -37.62
N PRO B 286 -4.38 -25.42 -38.05
CA PRO B 286 -3.16 -25.15 -37.24
C PRO B 286 -3.44 -24.69 -35.79
N GLU B 287 -4.61 -24.04 -35.54
CA GLU B 287 -5.07 -23.56 -34.23
C GLU B 287 -5.33 -24.76 -33.28
N GLU B 288 -5.91 -25.88 -33.81
CA GLU B 288 -6.18 -27.11 -33.02
C GLU B 288 -4.90 -27.70 -32.42
N VAL B 289 -3.76 -27.56 -33.14
CA VAL B 289 -2.42 -28.00 -32.76
C VAL B 289 -1.95 -27.10 -31.59
N THR B 290 -1.97 -25.75 -31.78
CA THR B 290 -1.58 -24.76 -30.76
C THR B 290 -2.38 -24.93 -29.47
N ARG B 291 -3.71 -25.14 -29.60
CA ARG B 291 -4.66 -25.35 -28.50
C ARG B 291 -4.26 -26.53 -27.62
N THR B 292 -3.95 -27.71 -28.24
CA THR B 292 -3.54 -28.97 -27.61
C THR B 292 -2.25 -28.78 -26.82
N VAL B 293 -1.22 -28.20 -27.47
CA VAL B 293 0.11 -27.92 -26.91
C VAL B 293 0.00 -26.90 -25.76
N ASN B 294 -0.80 -25.80 -25.93
CA ASN B 294 -1.03 -24.79 -24.88
C ASN B 294 -1.73 -25.41 -23.67
N THR B 295 -2.70 -26.32 -23.90
CA THR B 295 -3.43 -27.04 -22.84
C THR B 295 -2.43 -27.95 -22.12
N ALA B 296 -1.65 -28.76 -22.87
CA ALA B 296 -0.62 -29.67 -22.33
C ALA B 296 0.43 -28.92 -21.50
N VAL B 297 0.87 -27.71 -21.97
CA VAL B 297 1.86 -26.84 -21.30
C VAL B 297 1.26 -26.35 -19.95
N ALA B 298 0.02 -25.79 -19.99
CA ALA B 298 -0.72 -25.28 -18.82
C ALA B 298 -0.93 -26.35 -17.74
N ILE B 299 -1.22 -27.61 -18.15
CA ILE B 299 -1.40 -28.79 -17.28
C ILE B 299 -0.06 -29.05 -16.54
N THR B 300 1.07 -29.04 -17.30
CA THR B 300 2.45 -29.26 -16.80
C THR B 300 2.85 -28.16 -15.80
N LEU B 301 2.51 -26.88 -16.10
CA LEU B 301 2.82 -25.74 -15.23
C LEU B 301 2.14 -25.88 -13.85
N ALA B 302 0.89 -26.39 -13.85
CA ALA B 302 0.09 -26.63 -12.64
C ALA B 302 0.71 -27.73 -11.76
N CYS B 303 1.38 -28.75 -12.39
CA CYS B 303 2.07 -29.87 -11.70
C CYS B 303 3.25 -29.36 -10.88
N PHE B 304 3.85 -28.21 -11.29
CA PHE B 304 5.04 -27.66 -10.64
C PHE B 304 4.82 -26.30 -9.90
N GLY B 305 3.60 -26.03 -9.46
CA GLY B 305 3.32 -24.82 -8.68
C GLY B 305 2.37 -23.76 -9.15
N LEU B 306 2.13 -23.65 -10.48
CA LEU B 306 1.23 -22.63 -11.01
C LEU B 306 -0.18 -22.82 -10.50
N ALA B 307 -0.60 -21.91 -9.62
CA ALA B 307 -1.89 -21.87 -8.95
C ALA B 307 -2.77 -20.76 -9.52
N ARG B 308 -4.04 -21.11 -9.83
CA ARG B 308 -5.03 -20.17 -10.37
C ARG B 308 -5.33 -19.01 -9.43
N GLU B 309 -5.27 -19.25 -8.10
CA GLU B 309 -5.48 -18.22 -7.07
C GLU B 309 -4.35 -17.17 -7.07
N GLY B 310 -3.20 -17.53 -7.66
CA GLY B 310 -2.00 -16.72 -7.79
C GLY B 310 -0.81 -17.30 -7.05
N ASN B 311 0.38 -16.74 -7.33
CA ASN B 311 1.68 -17.11 -6.75
C ASN B 311 2.49 -15.85 -6.49
N HIS B 312 3.25 -15.82 -5.37
CA HIS B 312 4.11 -14.70 -5.02
C HIS B 312 5.41 -15.16 -4.34
N LYS B 313 6.51 -14.39 -4.58
CA LYS B 313 7.84 -14.63 -4.02
C LYS B 313 7.83 -14.26 -2.50
N PRO B 314 8.69 -14.86 -1.60
CA PRO B 314 8.64 -14.48 -0.17
C PRO B 314 9.33 -13.13 0.14
N ILE B 315 8.78 -12.05 -0.46
CA ILE B 315 9.20 -10.65 -0.35
C ILE B 315 7.98 -9.75 -0.10
N ASP B 316 8.23 -8.56 0.48
CA ASP B 316 7.19 -7.56 0.75
C ASP B 316 6.98 -6.77 -0.54
N TYR B 317 5.84 -7.04 -1.21
CA TYR B 317 5.41 -6.41 -2.47
C TYR B 317 4.94 -4.97 -2.33
N LEU B 318 4.59 -4.54 -1.09
CA LEU B 318 4.14 -3.16 -0.83
C LEU B 318 5.28 -2.21 -0.40
N ASN B 319 6.50 -2.75 -0.14
CA ASN B 319 7.69 -1.99 0.25
C ASN B 319 8.69 -1.90 -0.92
N SER C 2 44.44 26.26 -9.20
CA SER C 2 43.91 25.64 -7.98
C SER C 2 42.86 24.54 -8.27
N ALA C 3 42.43 23.81 -7.21
CA ALA C 3 41.45 22.71 -7.26
C ALA C 3 40.12 23.10 -7.90
N LYS C 4 39.42 22.10 -8.53
CA LYS C 4 38.12 22.23 -9.21
C LYS C 4 37.09 22.91 -8.28
N SER C 5 37.00 22.43 -7.00
CA SER C 5 36.10 22.94 -5.95
C SER C 5 36.35 24.42 -5.57
N ARG C 6 37.52 24.98 -5.95
CA ARG C 6 37.92 26.37 -5.68
C ARG C 6 38.14 27.22 -6.99
N THR C 7 37.63 26.75 -8.16
CA THR C 7 37.75 27.45 -9.46
C THR C 7 36.36 28.00 -9.76
N ILE C 8 36.22 29.36 -9.66
CA ILE C 8 34.95 30.08 -9.79
C ILE C 8 34.86 31.10 -10.96
N GLY C 9 33.64 31.22 -11.47
CA GLY C 9 33.20 32.16 -12.51
C GLY C 9 32.06 32.97 -11.94
N ILE C 10 32.34 34.25 -11.58
CA ILE C 10 31.39 35.22 -10.97
C ILE C 10 30.46 35.78 -12.04
N ILE C 11 29.13 35.73 -11.78
CA ILE C 11 28.10 36.27 -12.66
C ILE C 11 27.17 37.15 -11.82
N GLY C 12 27.21 38.44 -12.11
CA GLY C 12 26.37 39.43 -11.46
C GLY C 12 25.04 39.40 -12.20
N ALA C 13 23.95 39.19 -11.45
CA ALA C 13 22.60 39.13 -12.02
C ALA C 13 21.73 40.27 -11.37
N PRO C 14 21.95 41.57 -11.76
CA PRO C 14 21.15 42.65 -11.16
C PRO C 14 19.72 42.73 -11.74
N PHE C 15 18.85 41.79 -11.31
CA PHE C 15 17.48 41.69 -11.78
C PHE C 15 16.43 41.64 -10.67
N SER C 16 15.33 42.43 -10.82
CA SER C 16 14.24 42.54 -9.85
C SER C 16 12.80 42.26 -10.34
N LYS C 17 12.54 42.28 -11.68
CA LYS C 17 11.20 42.11 -12.30
C LYS C 17 10.46 40.76 -11.99
N GLY C 18 11.13 39.81 -11.32
CA GLY C 18 10.55 38.53 -10.91
C GLY C 18 9.67 38.67 -9.66
N GLN C 19 9.73 39.84 -9.00
CA GLN C 19 8.97 40.20 -7.79
C GLN C 19 8.67 41.73 -7.71
N PRO C 20 7.71 42.23 -6.88
CA PRO C 20 7.44 43.68 -6.89
C PRO C 20 8.29 44.58 -5.97
N ARG C 21 9.09 44.01 -5.04
CA ARG C 21 9.89 44.81 -4.10
C ARG C 21 11.24 45.24 -4.72
N GLY C 22 11.38 46.54 -4.96
CA GLY C 22 12.58 47.14 -5.52
C GLY C 22 13.77 47.11 -4.57
N GLY C 23 14.97 46.90 -5.13
CA GLY C 23 16.22 46.84 -4.38
C GLY C 23 17.03 45.56 -4.48
N VAL C 24 16.37 44.42 -4.83
CA VAL C 24 17.00 43.09 -4.98
C VAL C 24 18.02 43.11 -6.18
N GLU C 25 17.86 44.08 -7.13
CA GLU C 25 18.76 44.28 -8.27
C GLU C 25 20.12 44.85 -7.78
N GLU C 26 20.17 45.42 -6.55
CA GLU C 26 21.38 45.98 -5.93
C GLU C 26 22.17 44.93 -5.10
N GLY C 27 21.66 43.69 -5.11
CA GLY C 27 22.23 42.50 -4.46
C GLY C 27 23.66 42.24 -4.90
N PRO C 28 23.99 42.15 -6.24
CA PRO C 28 25.40 41.95 -6.64
C PRO C 28 26.33 43.07 -6.18
N THR C 29 25.87 44.36 -6.23
CA THR C 29 26.61 45.56 -5.82
C THR C 29 27.09 45.50 -4.35
N VAL C 30 26.18 45.23 -3.38
CA VAL C 30 26.54 45.19 -1.95
C VAL C 30 27.36 43.90 -1.64
N LEU C 31 27.11 42.77 -2.37
CA LEU C 31 27.88 41.53 -2.19
C LEU C 31 29.33 41.78 -2.62
N ARG C 32 29.55 42.53 -3.74
CA ARG C 32 30.84 42.92 -4.29
C ARG C 32 31.53 43.95 -3.38
N LYS C 33 30.76 44.94 -2.82
CA LYS C 33 31.22 46.01 -1.93
C LYS C 33 31.81 45.46 -0.63
N ALA C 34 31.25 44.33 -0.10
CA ALA C 34 31.68 43.64 1.11
C ALA C 34 33.04 42.91 0.94
N GLY C 35 33.53 42.84 -0.31
CA GLY C 35 34.79 42.23 -0.71
C GLY C 35 34.76 40.74 -0.94
N LEU C 36 33.62 40.21 -1.47
CA LEU C 36 33.39 38.78 -1.76
C LEU C 36 34.45 38.16 -2.67
N LEU C 37 34.80 38.85 -3.78
CA LEU C 37 35.81 38.41 -4.76
C LEU C 37 37.20 38.33 -4.15
N GLU C 38 37.58 39.36 -3.34
CA GLU C 38 38.85 39.49 -2.62
C GLU C 38 38.94 38.39 -1.57
N LYS C 39 37.84 38.16 -0.79
CA LYS C 39 37.71 37.15 0.27
C LYS C 39 37.84 35.73 -0.31
N LEU C 40 37.29 35.49 -1.53
CA LEU C 40 37.40 34.21 -2.23
C LEU C 40 38.86 33.98 -2.65
N LYS C 41 39.52 35.03 -3.23
CA LYS C 41 40.94 35.01 -3.66
C LYS C 41 41.92 34.68 -2.50
N GLU C 42 41.59 35.13 -1.26
CA GLU C 42 42.35 34.91 0.00
C GLU C 42 42.23 33.45 0.48
N GLN C 43 41.18 32.74 0.03
CA GLN C 43 40.79 31.37 0.35
C GLN C 43 41.33 30.33 -0.68
N GLU C 44 42.44 30.68 -1.38
CA GLU C 44 43.16 29.90 -2.41
C GLU C 44 42.26 29.60 -3.66
N CYS C 45 41.28 30.49 -3.95
CA CYS C 45 40.36 30.35 -5.10
C CYS C 45 40.86 31.03 -6.37
N ASP C 46 40.55 30.41 -7.54
CA ASP C 46 40.86 30.91 -8.90
C ASP C 46 39.54 31.55 -9.31
N VAL C 47 39.48 32.87 -9.19
CA VAL C 47 38.32 33.71 -9.48
C VAL C 47 38.44 34.46 -10.81
N LYS C 48 37.41 34.29 -11.68
CA LYS C 48 37.26 34.95 -12.99
C LYS C 48 35.90 35.65 -12.93
N ASP C 49 35.93 36.97 -13.10
CA ASP C 49 34.75 37.83 -13.06
C ASP C 49 34.20 38.07 -14.46
N TYR C 50 33.03 37.46 -14.72
CA TYR C 50 32.30 37.57 -16.00
C TYR C 50 31.39 38.82 -16.02
N GLY C 51 31.53 39.65 -14.99
CA GLY C 51 30.82 40.91 -14.77
C GLY C 51 29.36 40.77 -14.42
N ASP C 52 28.68 41.92 -14.35
CA ASP C 52 27.25 42.05 -14.05
C ASP C 52 26.52 42.15 -15.39
N LEU C 53 25.52 41.25 -15.59
CA LEU C 53 24.72 41.16 -16.81
C LEU C 53 23.87 42.41 -17.09
N PRO C 54 23.90 42.94 -18.34
CA PRO C 54 23.07 44.12 -18.65
C PRO C 54 21.65 43.69 -19.04
N PHE C 55 20.66 44.04 -18.19
CA PHE C 55 19.26 43.71 -18.43
C PHE C 55 18.52 44.94 -18.95
N ALA C 56 18.38 44.99 -20.30
CA ALA C 56 17.70 46.05 -21.05
C ALA C 56 16.21 46.08 -20.70
N ASP C 57 15.67 47.31 -20.53
CA ASP C 57 14.26 47.54 -20.21
C ASP C 57 13.39 47.13 -21.39
N ILE C 58 12.37 46.30 -21.11
CA ILE C 58 11.42 45.82 -22.13
C ILE C 58 10.15 46.69 -22.03
N PRO C 59 9.94 47.68 -22.97
CA PRO C 59 8.71 48.49 -22.91
C PRO C 59 7.53 47.66 -23.42
N ASN C 60 6.32 47.98 -22.96
CA ASN C 60 5.03 47.32 -23.30
C ASN C 60 5.05 45.80 -22.92
N ASP C 61 5.72 45.46 -21.78
CA ASP C 61 5.82 44.09 -21.28
C ASP C 61 4.54 43.78 -20.47
N SER C 62 3.46 43.56 -21.23
CA SER C 62 2.10 43.26 -20.80
C SER C 62 2.05 41.94 -19.99
N PRO C 63 1.22 41.83 -18.92
CA PRO C 63 1.20 40.58 -18.14
C PRO C 63 0.52 39.41 -18.85
N PHE C 64 0.95 38.17 -18.54
CA PHE C 64 0.37 36.93 -19.06
C PHE C 64 -0.60 36.58 -17.92
N GLN C 65 -1.90 36.92 -18.11
CA GLN C 65 -3.00 36.73 -17.14
C GLN C 65 -2.68 37.59 -15.87
N ILE C 66 -2.19 36.95 -14.76
CA ILE C 66 -1.81 37.58 -13.48
C ILE C 66 -0.26 37.71 -13.36
N VAL C 67 0.48 36.90 -14.16
CA VAL C 67 1.94 36.77 -14.24
C VAL C 67 2.58 38.08 -14.76
N LYS C 68 3.23 38.81 -13.83
CA LYS C 68 3.91 40.09 -14.02
C LYS C 68 5.27 39.95 -14.71
N ASN C 69 5.55 40.90 -15.63
CA ASN C 69 6.78 41.05 -16.44
C ASN C 69 7.26 39.71 -17.11
N PRO C 70 6.41 38.97 -17.91
CA PRO C 70 6.87 37.69 -18.50
C PRO C 70 8.10 37.78 -19.43
N ARG C 71 8.10 38.76 -20.36
CA ARG C 71 9.20 38.97 -21.33
C ARG C 71 10.49 39.37 -20.64
N SER C 72 10.45 40.29 -19.63
CA SER C 72 11.61 40.77 -18.86
C SER C 72 12.30 39.64 -18.10
N VAL C 73 11.51 38.79 -17.40
CA VAL C 73 11.97 37.64 -16.60
C VAL C 73 12.55 36.56 -17.53
N GLY C 74 11.82 36.26 -18.60
CA GLY C 74 12.18 35.29 -19.63
C GLY C 74 13.49 35.61 -20.32
N LYS C 75 13.68 36.90 -20.69
CA LYS C 75 14.90 37.41 -21.35
C LYS C 75 16.10 37.42 -20.39
N ALA C 76 15.88 37.80 -19.11
CA ALA C 76 16.92 37.84 -18.06
C ALA C 76 17.51 36.45 -17.84
N SER C 77 16.63 35.43 -17.75
CA SER C 77 17.00 34.03 -17.57
C SER C 77 17.69 33.49 -18.83
N GLU C 78 17.20 33.87 -20.04
CA GLU C 78 17.78 33.47 -21.35
C GLU C 78 19.25 33.91 -21.44
N GLN C 79 19.53 35.19 -21.06
CA GLN C 79 20.87 35.81 -21.03
C GLN C 79 21.76 35.05 -20.04
N LEU C 80 21.23 34.82 -18.80
CA LEU C 80 21.90 34.11 -17.72
C LEU C 80 22.23 32.67 -18.10
N ALA C 81 21.32 31.97 -18.83
CA ALA C 81 21.52 30.60 -19.32
C ALA C 81 22.76 30.54 -20.22
N GLY C 82 22.89 31.51 -21.14
CA GLY C 82 24.03 31.62 -22.06
C GLY C 82 25.32 31.86 -21.30
N LYS C 83 25.29 32.79 -20.31
CA LYS C 83 26.41 33.15 -19.45
C LYS C 83 26.90 31.99 -18.58
N VAL C 84 25.96 31.27 -17.88
CA VAL C 84 26.26 30.11 -17.01
C VAL C 84 26.93 28.99 -17.87
N ALA C 85 26.36 28.72 -19.07
CA ALA C 85 26.87 27.72 -20.02
C ALA C 85 28.31 28.02 -20.45
N GLU C 86 28.62 29.32 -20.69
CA GLU C 86 29.95 29.85 -21.08
C GLU C 86 30.95 29.60 -19.94
N VAL C 87 30.54 29.88 -18.68
CA VAL C 87 31.32 29.70 -17.44
C VAL C 87 31.64 28.21 -17.24
N LYS C 88 30.62 27.33 -17.42
CA LYS C 88 30.71 25.89 -17.29
C LYS C 88 31.65 25.26 -18.33
N LYS C 89 31.61 25.76 -19.59
CA LYS C 89 32.48 25.31 -20.70
C LYS C 89 33.97 25.63 -20.44
N ASN C 90 34.23 26.70 -19.65
CA ASN C 90 35.55 27.19 -19.22
C ASN C 90 36.11 26.42 -17.98
N GLY C 91 35.41 25.34 -17.56
CA GLY C 91 35.74 24.48 -16.43
C GLY C 91 35.74 25.15 -15.07
N ARG C 92 34.79 26.07 -14.86
CA ARG C 92 34.62 26.84 -13.63
C ARG C 92 33.26 26.64 -13.00
N ILE C 93 33.17 26.79 -11.66
CA ILE C 93 31.93 26.68 -10.90
C ILE C 93 31.23 28.04 -11.10
N SER C 94 30.00 28.00 -11.62
CA SER C 94 29.22 29.22 -11.85
C SER C 94 28.69 29.74 -10.51
N LEU C 95 28.90 31.05 -10.25
CA LEU C 95 28.46 31.72 -9.04
C LEU C 95 27.62 32.91 -9.46
N VAL C 96 26.30 32.73 -9.36
CA VAL C 96 25.30 33.72 -9.71
C VAL C 96 24.97 34.55 -8.47
N LEU C 97 25.19 35.87 -8.57
CA LEU C 97 24.92 36.83 -7.51
C LEU C 97 23.63 37.51 -7.88
N GLY C 98 22.58 37.17 -7.15
CA GLY C 98 21.24 37.71 -7.36
C GLY C 98 20.98 39.03 -6.64
N GLY C 99 19.86 39.71 -6.93
CA GLY C 99 18.83 39.33 -7.89
C GLY C 99 17.77 38.42 -7.32
N ASP C 100 16.55 38.47 -7.89
CA ASP C 100 15.45 37.62 -7.44
C ASP C 100 15.62 36.17 -7.94
N HIS C 101 14.95 35.20 -7.28
CA HIS C 101 15.05 33.78 -7.59
C HIS C 101 14.49 33.32 -8.96
N SER C 102 13.77 34.18 -9.75
CA SER C 102 13.25 33.78 -11.07
C SER C 102 14.41 33.42 -12.02
N LEU C 103 15.60 34.03 -11.77
CA LEU C 103 16.88 33.87 -12.46
C LEU C 103 17.40 32.41 -12.40
N ALA C 104 16.87 31.58 -11.44
CA ALA C 104 17.23 30.15 -11.31
C ALA C 104 16.85 29.35 -12.55
N ILE C 105 15.83 29.84 -13.35
CA ILE C 105 15.36 29.25 -14.63
C ILE C 105 16.60 29.24 -15.53
N GLY C 106 17.25 30.41 -15.68
CA GLY C 106 18.45 30.57 -16.48
C GLY C 106 19.68 29.87 -15.94
N SER C 107 19.97 30.08 -14.65
CA SER C 107 21.13 29.49 -13.96
C SER C 107 21.19 27.95 -14.05
N ILE C 108 20.09 27.25 -13.70
CA ILE C 108 20.00 25.78 -13.76
C ILE C 108 20.00 25.30 -15.25
N SER C 109 19.18 25.94 -16.14
CA SER C 109 19.09 25.59 -17.58
C SER C 109 20.46 25.62 -18.26
N GLY C 110 21.18 26.74 -18.09
CA GLY C 110 22.52 26.97 -18.63
C GLY C 110 23.53 25.95 -18.15
N HIS C 111 23.45 25.62 -16.84
CA HIS C 111 24.30 24.63 -16.17
C HIS C 111 24.00 23.23 -16.74
N ALA C 112 22.71 22.89 -16.93
CA ALA C 112 22.25 21.60 -17.49
C ALA C 112 22.64 21.37 -18.96
N ARG C 113 22.98 22.43 -19.71
CA ARG C 113 23.41 22.35 -21.11
C ARG C 113 24.80 21.69 -21.21
N VAL C 114 25.64 21.88 -20.15
CA VAL C 114 27.01 21.34 -20.02
C VAL C 114 27.01 20.07 -19.13
N HIS C 115 26.23 20.10 -18.02
CA HIS C 115 26.10 18.98 -17.06
C HIS C 115 24.63 18.49 -16.97
N PRO C 116 24.13 17.67 -17.95
CA PRO C 116 22.72 17.22 -17.91
C PRO C 116 22.30 16.37 -16.70
N ASP C 117 23.28 15.66 -16.11
CA ASP C 117 23.17 14.77 -14.96
C ASP C 117 23.28 15.50 -13.59
N LEU C 118 23.13 16.86 -13.56
CA LEU C 118 23.23 17.62 -12.32
C LEU C 118 22.06 17.37 -11.32
N GLY C 119 22.38 17.50 -10.04
CA GLY C 119 21.47 17.35 -8.90
C GLY C 119 21.28 18.72 -8.26
N VAL C 120 20.02 19.11 -7.98
CA VAL C 120 19.67 20.42 -7.41
C VAL C 120 19.39 20.34 -5.90
N ILE C 121 20.05 21.24 -5.14
CA ILE C 121 19.85 21.44 -3.70
C ILE C 121 19.27 22.87 -3.67
N TRP C 122 18.03 22.98 -3.19
CA TRP C 122 17.28 24.23 -3.12
C TRP C 122 17.07 24.62 -1.65
N VAL C 123 17.94 25.55 -1.16
CA VAL C 123 17.89 26.06 0.22
C VAL C 123 17.07 27.33 0.16
N ASP C 124 15.82 27.23 0.65
CA ASP C 124 14.83 28.30 0.63
C ASP C 124 13.70 27.98 1.61
N ALA C 125 12.98 29.04 2.03
CA ALA C 125 11.80 28.95 2.91
C ALA C 125 10.59 28.51 2.06
N HIS C 126 10.71 28.68 0.74
CA HIS C 126 9.71 28.43 -0.30
C HIS C 126 10.12 27.42 -1.35
N THR C 127 9.11 26.73 -1.93
CA THR C 127 9.30 25.73 -2.98
C THR C 127 9.58 26.34 -4.34
N ASP C 128 9.01 27.55 -4.65
CA ASP C 128 9.15 28.27 -5.93
C ASP C 128 8.78 27.37 -7.14
N ILE C 129 7.79 26.47 -6.92
CA ILE C 129 7.31 25.47 -7.86
C ILE C 129 5.90 25.82 -8.44
N ASN C 130 5.37 27.04 -8.16
CA ASN C 130 4.09 27.48 -8.71
C ASN C 130 4.20 27.58 -10.22
N THR C 131 3.15 27.19 -10.93
CA THR C 131 3.12 27.26 -12.40
C THR C 131 2.46 28.62 -12.75
N PRO C 132 2.56 29.16 -14.00
CA PRO C 132 1.88 30.44 -14.31
C PRO C 132 0.35 30.46 -14.13
N LEU C 133 -0.25 29.27 -13.87
CA LEU C 133 -1.68 29.01 -13.65
C LEU C 133 -2.04 28.76 -12.17
N THR C 134 -1.12 28.18 -11.36
CA THR C 134 -1.32 27.90 -9.92
C THR C 134 -1.02 29.14 -9.03
N THR C 135 -0.12 30.03 -9.52
CA THR C 135 0.30 31.27 -8.84
C THR C 135 -0.90 32.17 -8.51
N THR C 136 -0.85 32.81 -7.32
CA THR C 136 -1.87 33.73 -6.79
C THR C 136 -1.40 35.21 -6.80
N SER C 137 -0.07 35.41 -6.76
CA SER C 137 0.61 36.72 -6.76
C SER C 137 1.04 37.17 -8.15
N GLY C 138 1.32 36.19 -9.04
CA GLY C 138 1.80 36.41 -10.39
C GLY C 138 3.26 36.84 -10.45
N ASN C 139 4.01 36.60 -9.34
CA ASN C 139 5.43 36.94 -9.22
C ASN C 139 6.22 35.71 -9.64
N LEU C 140 6.99 35.85 -10.73
CA LEU C 140 7.78 34.78 -11.34
C LEU C 140 8.95 34.24 -10.46
N HIS C 141 9.36 34.96 -9.37
CA HIS C 141 10.42 34.49 -8.46
C HIS C 141 9.95 33.28 -7.60
N GLY C 142 8.63 33.06 -7.56
CA GLY C 142 7.98 31.96 -6.86
C GLY C 142 7.48 30.89 -7.81
N GLN C 143 8.01 30.89 -9.06
CA GLN C 143 7.70 30.00 -10.17
C GLN C 143 8.92 29.32 -10.90
N PRO C 144 10.25 29.55 -10.57
CA PRO C 144 11.32 28.94 -11.37
C PRO C 144 11.38 27.42 -11.49
N VAL C 145 11.10 26.65 -10.42
CA VAL C 145 11.17 25.17 -10.44
C VAL C 145 10.15 24.55 -11.42
N SER C 146 8.93 25.14 -11.56
CA SER C 146 7.89 24.66 -12.48
C SER C 146 8.35 24.62 -13.95
N PHE C 147 9.10 25.64 -14.39
CA PHE C 147 9.65 25.78 -15.75
C PHE C 147 10.77 24.79 -16.03
N LEU C 148 11.52 24.40 -14.97
CA LEU C 148 12.66 23.50 -15.01
C LEU C 148 12.32 22.00 -14.94
N LEU C 149 11.23 21.60 -14.24
CA LEU C 149 10.83 20.20 -14.08
C LEU C 149 10.22 19.56 -15.32
N LYS C 150 10.76 18.37 -15.72
CA LYS C 150 10.30 17.57 -16.87
C LYS C 150 8.87 17.07 -16.70
N GLU C 151 8.49 16.69 -15.46
CA GLU C 151 7.16 16.18 -15.09
C GLU C 151 6.04 17.24 -15.23
N LEU C 152 6.41 18.54 -15.27
CA LEU C 152 5.45 19.64 -15.42
C LEU C 152 5.35 20.13 -16.90
N LYS C 153 5.87 19.32 -17.88
CA LYS C 153 5.80 19.59 -19.33
C LYS C 153 4.35 19.26 -19.72
N GLY C 154 3.66 20.26 -20.28
CA GLY C 154 2.26 20.18 -20.67
C GLY C 154 1.38 20.89 -19.65
N LYS C 155 1.96 21.22 -18.46
CA LYS C 155 1.34 21.93 -17.34
C LYS C 155 1.72 23.42 -17.36
N ILE C 156 2.79 23.77 -18.13
CA ILE C 156 3.27 25.14 -18.29
C ILE C 156 2.71 25.66 -19.63
N PRO C 157 1.88 26.74 -19.65
CA PRO C 157 1.36 27.25 -20.93
C PRO C 157 2.41 28.07 -21.68
N ASP C 158 2.11 28.49 -22.93
CA ASP C 158 3.04 29.30 -23.75
C ASP C 158 3.08 30.73 -23.21
N VAL C 159 4.00 30.96 -22.26
CA VAL C 159 4.23 32.24 -21.59
C VAL C 159 5.26 33.05 -22.43
N PRO C 160 4.94 34.33 -22.84
CA PRO C 160 5.91 35.12 -23.63
C PRO C 160 7.24 35.28 -22.91
N GLY C 161 8.32 35.11 -23.67
CA GLY C 161 9.69 35.20 -23.21
C GLY C 161 10.29 33.89 -22.70
N PHE C 162 9.47 32.81 -22.60
CA PHE C 162 9.91 31.49 -22.10
C PHE C 162 9.93 30.34 -23.15
N SER C 163 9.80 30.68 -24.45
CA SER C 163 9.83 29.72 -25.57
C SER C 163 11.15 28.94 -25.69
N TRP C 164 12.28 29.54 -25.21
CA TRP C 164 13.64 28.98 -25.22
C TRP C 164 13.83 27.87 -24.15
N VAL C 165 13.03 27.92 -23.04
CA VAL C 165 13.04 27.00 -21.89
C VAL C 165 12.71 25.57 -22.35
N THR C 166 13.60 24.64 -21.99
CA THR C 166 13.52 23.20 -22.25
C THR C 166 13.67 22.57 -20.84
N PRO C 167 12.59 21.96 -20.24
CA PRO C 167 12.73 21.36 -18.88
C PRO C 167 13.90 20.37 -18.86
N CYS C 168 14.89 20.70 -18.02
CA CYS C 168 16.17 19.99 -17.90
C CYS C 168 16.32 19.08 -16.66
N ILE C 169 15.54 19.29 -15.59
CA ILE C 169 15.65 18.47 -14.39
C ILE C 169 14.37 17.65 -14.13
N SER C 170 14.54 16.47 -13.52
CA SER C 170 13.44 15.58 -13.14
C SER C 170 13.09 15.83 -11.67
N ALA C 171 11.88 15.43 -11.24
CA ALA C 171 11.35 15.57 -9.86
C ALA C 171 12.24 14.89 -8.82
N LYS C 172 12.91 13.77 -9.22
CA LYS C 172 13.83 12.94 -8.44
C LYS C 172 15.26 13.54 -8.32
N ASP C 173 15.56 14.61 -9.09
CA ASP C 173 16.87 15.28 -9.12
C ASP C 173 16.94 16.59 -8.30
N ILE C 174 15.92 16.87 -7.48
CA ILE C 174 15.83 18.08 -6.66
C ILE C 174 15.50 17.74 -5.19
N VAL C 175 16.21 18.42 -4.25
CA VAL C 175 16.04 18.30 -2.80
C VAL C 175 15.89 19.71 -2.23
N TYR C 176 14.80 19.92 -1.47
CA TYR C 176 14.48 21.17 -0.80
C TYR C 176 14.95 21.10 0.66
N ILE C 177 15.53 22.20 1.17
CA ILE C 177 15.99 22.32 2.55
C ILE C 177 15.52 23.68 3.13
N GLY C 178 14.70 23.62 4.18
CA GLY C 178 14.22 24.79 4.89
C GLY C 178 12.82 25.33 4.67
N LEU C 179 11.94 24.56 3.99
CA LEU C 179 10.55 24.96 3.67
C LEU C 179 9.71 25.28 4.89
N ARG C 180 8.94 26.38 4.83
CA ARG C 180 8.05 26.84 5.91
C ARG C 180 6.87 27.72 5.40
N ASP C 181 6.85 28.07 4.10
CA ASP C 181 5.79 28.87 3.45
C ASP C 181 5.57 28.35 2.02
N VAL C 182 4.80 27.24 1.95
CA VAL C 182 4.46 26.51 0.72
C VAL C 182 2.96 26.70 0.43
N ASP C 183 2.64 27.26 -0.77
CA ASP C 183 1.27 27.50 -1.25
C ASP C 183 0.51 26.19 -1.50
N PRO C 184 -0.87 26.15 -1.40
CA PRO C 184 -1.60 24.87 -1.62
C PRO C 184 -1.28 24.17 -2.95
N GLY C 185 -1.22 24.94 -4.04
CA GLY C 185 -0.88 24.46 -5.39
C GLY C 185 0.51 23.84 -5.43
N GLU C 186 1.46 24.48 -4.72
CA GLU C 186 2.86 24.06 -4.58
C GLU C 186 2.96 22.76 -3.79
N HIS C 187 2.22 22.66 -2.65
CA HIS C 187 2.17 21.48 -1.78
C HIS C 187 1.58 20.28 -2.53
N TYR C 188 0.58 20.54 -3.43
CA TYR C 188 -0.07 19.54 -4.28
C TYR C 188 0.97 18.93 -5.24
N ILE C 189 1.75 19.80 -5.95
CA ILE C 189 2.83 19.46 -6.91
C ILE C 189 3.88 18.61 -6.20
N LEU C 190 4.34 19.08 -5.03
CA LEU C 190 5.34 18.45 -4.15
C LEU C 190 4.97 17.01 -3.79
N LYS C 191 3.68 16.75 -3.44
CA LYS C 191 3.16 15.43 -3.07
C LYS C 191 2.86 14.53 -4.29
N THR C 192 2.17 15.07 -5.34
CA THR C 192 1.82 14.32 -6.56
C THR C 192 3.03 13.94 -7.43
N LEU C 193 4.14 14.74 -7.37
CA LEU C 193 5.36 14.44 -8.14
C LEU C 193 6.40 13.64 -7.33
N GLY C 194 6.16 13.49 -6.02
CA GLY C 194 7.02 12.77 -5.09
C GLY C 194 8.41 13.34 -4.92
N ILE C 195 8.51 14.69 -4.87
CA ILE C 195 9.76 15.45 -4.71
C ILE C 195 10.26 15.28 -3.27
N LYS C 196 11.59 15.08 -3.12
CA LYS C 196 12.27 14.94 -1.83
C LYS C 196 12.41 16.34 -1.23
N TYR C 197 12.01 16.48 0.03
CA TYR C 197 12.08 17.75 0.77
C TYR C 197 12.33 17.57 2.24
N PHE C 198 12.99 18.57 2.81
CA PHE C 198 13.32 18.69 4.21
C PHE C 198 12.83 20.06 4.62
N SER C 199 11.54 20.11 5.02
CA SER C 199 10.92 21.36 5.50
C SER C 199 11.47 21.60 6.91
N MET C 200 11.16 22.75 7.54
CA MET C 200 11.63 23.05 8.91
C MET C 200 11.23 21.96 9.93
N THR C 201 10.09 21.26 9.67
CA THR C 201 9.55 20.13 10.47
C THR C 201 10.59 18.99 10.45
N GLU C 202 11.13 18.64 9.24
CA GLU C 202 12.13 17.59 9.02
C GLU C 202 13.47 17.97 9.64
N VAL C 203 13.90 19.26 9.49
CA VAL C 203 15.14 19.84 10.04
C VAL C 203 15.08 19.72 11.59
N ASP C 204 13.91 20.05 12.20
CA ASP C 204 13.68 19.95 13.65
C ASP C 204 13.73 18.50 14.15
N ARG C 205 13.13 17.56 13.38
CA ARG C 205 13.05 16.13 13.68
C ARG C 205 14.39 15.42 13.66
N LEU C 206 15.07 15.44 12.50
CA LEU C 206 16.33 14.75 12.23
C LEU C 206 17.61 15.45 12.65
N GLY C 207 17.63 16.78 12.51
CA GLY C 207 18.81 17.62 12.78
C GLY C 207 19.47 17.89 11.44
N ILE C 208 20.21 19.01 11.32
CA ILE C 208 20.87 19.41 10.08
C ILE C 208 21.94 18.35 9.62
N GLY C 209 22.52 17.60 10.57
CA GLY C 209 23.49 16.53 10.34
C GLY C 209 22.89 15.40 9.50
N LYS C 210 21.75 14.85 9.96
CA LYS C 210 20.99 13.78 9.30
C LYS C 210 20.36 14.27 7.99
N VAL C 211 19.89 15.55 7.95
CA VAL C 211 19.29 16.22 6.77
C VAL C 211 20.32 16.19 5.62
N MET C 212 21.58 16.60 5.91
CA MET C 212 22.69 16.65 4.95
C MET C 212 23.15 15.26 4.53
N GLU C 213 23.16 14.28 5.47
CA GLU C 213 23.52 12.87 5.20
C GLU C 213 22.54 12.29 4.17
N GLU C 214 21.22 12.49 4.41
CA GLU C 214 20.12 12.02 3.55
C GLU C 214 20.07 12.74 2.20
N THR C 215 20.30 14.08 2.18
CA THR C 215 20.31 14.93 0.96
C THR C 215 21.40 14.46 -0.01
N LEU C 216 22.65 14.31 0.49
CA LEU C 216 23.80 13.87 -0.31
C LEU C 216 23.66 12.41 -0.77
N SER C 217 23.13 11.50 0.09
CA SER C 217 22.92 10.09 -0.26
C SER C 217 21.82 9.91 -1.34
N TYR C 218 20.75 10.75 -1.29
CA TYR C 218 19.63 10.73 -2.24
C TYR C 218 20.11 11.13 -3.64
N LEU C 219 21.01 12.12 -3.72
CA LEU C 219 21.54 12.65 -4.97
C LEU C 219 22.78 11.97 -5.50
N LEU C 220 23.67 11.45 -4.61
CA LEU C 220 24.94 10.85 -5.04
C LEU C 220 25.06 9.32 -4.87
N GLY C 221 24.22 8.70 -4.03
CA GLY C 221 24.20 7.26 -3.74
C GLY C 221 24.53 6.29 -4.85
N ARG C 222 23.92 6.48 -6.04
CA ARG C 222 24.09 5.66 -7.24
C ARG C 222 25.50 5.77 -7.84
N LYS C 223 26.06 7.01 -7.89
CA LYS C 223 27.38 7.43 -8.40
C LYS C 223 27.53 8.96 -8.29
N LYS C 224 28.78 9.46 -8.26
CA LYS C 224 29.09 10.90 -8.20
C LYS C 224 28.49 11.61 -9.41
N ARG C 225 27.89 12.79 -9.18
CA ARG C 225 27.23 13.65 -10.18
C ARG C 225 27.33 15.15 -9.80
N PRO C 226 27.32 16.13 -10.76
CA PRO C 226 27.43 17.55 -10.37
C PRO C 226 26.29 18.05 -9.50
N ILE C 227 26.61 18.97 -8.57
CA ILE C 227 25.65 19.56 -7.62
C ILE C 227 25.45 21.05 -7.92
N HIS C 228 24.17 21.47 -8.00
CA HIS C 228 23.75 22.85 -8.19
C HIS C 228 23.06 23.26 -6.89
N LEU C 229 23.63 24.25 -6.19
CA LEU C 229 23.06 24.77 -4.96
C LEU C 229 22.41 26.12 -5.25
N SER C 230 21.07 26.18 -5.14
CA SER C 230 20.31 27.41 -5.35
C SER C 230 19.90 27.88 -3.96
N PHE C 231 20.71 28.81 -3.42
CA PHE C 231 20.56 29.36 -2.08
C PHE C 231 19.84 30.70 -2.05
N ASP C 232 18.61 30.67 -1.52
CA ASP C 232 17.77 31.84 -1.31
C ASP C 232 18.05 32.18 0.15
N VAL C 233 18.54 33.43 0.40
CA VAL C 233 18.90 33.92 1.74
C VAL C 233 17.69 33.88 2.72
N ASP C 234 16.42 33.93 2.21
CA ASP C 234 15.23 33.85 3.04
C ASP C 234 15.04 32.42 3.63
N GLY C 235 15.88 31.45 3.21
CA GLY C 235 15.89 30.07 3.72
C GLY C 235 16.34 30.07 5.17
N LEU C 236 17.23 31.03 5.47
CA LEU C 236 17.78 31.32 6.79
C LEU C 236 16.78 32.20 7.51
N ASP C 237 16.76 32.12 8.85
CA ASP C 237 15.86 32.90 9.71
C ASP C 237 16.06 34.43 9.54
N PRO C 238 14.98 35.28 9.57
CA PRO C 238 15.17 36.74 9.42
C PRO C 238 16.08 37.42 10.45
N SER C 239 16.47 36.71 11.56
CA SER C 239 17.39 37.24 12.58
C SER C 239 18.83 37.31 12.04
N PHE C 240 19.11 36.61 10.91
CA PHE C 240 20.42 36.54 10.21
C PHE C 240 20.40 37.21 8.84
N THR C 241 19.28 37.04 8.10
CA THR C 241 19.07 37.62 6.75
C THR C 241 17.78 38.53 6.70
N PRO C 242 17.66 39.66 7.49
CA PRO C 242 16.44 40.48 7.42
C PRO C 242 16.17 41.24 6.13
N ALA C 243 17.25 41.68 5.42
CA ALA C 243 17.16 42.44 4.17
C ALA C 243 16.87 41.54 2.95
N THR C 244 15.61 41.03 2.91
CA THR C 244 15.05 40.14 1.86
C THR C 244 13.53 40.42 1.69
N GLY C 245 13.02 40.17 0.48
CA GLY C 245 11.64 40.39 0.04
C GLY C 245 10.53 39.62 0.74
N THR C 246 10.72 38.31 0.91
CA THR C 246 9.75 37.41 1.55
C THR C 246 10.34 36.74 2.83
N PRO C 247 10.58 37.48 3.96
CA PRO C 247 11.12 36.80 5.16
C PRO C 247 10.03 36.02 5.92
N VAL C 248 10.40 34.82 6.39
CA VAL C 248 9.50 33.91 7.14
C VAL C 248 10.25 33.48 8.42
N VAL C 249 9.61 33.72 9.60
CA VAL C 249 10.14 33.38 10.95
C VAL C 249 10.36 31.86 11.12
N GLY C 250 11.22 31.49 12.07
CA GLY C 250 11.56 30.10 12.37
C GLY C 250 12.39 29.43 11.29
N GLY C 251 13.32 30.17 10.71
CA GLY C 251 14.17 29.63 9.64
C GLY C 251 15.39 28.90 10.11
N LEU C 252 16.24 28.55 9.12
CA LEU C 252 17.51 27.87 9.37
C LEU C 252 18.43 28.85 10.06
N THR C 253 19.21 28.37 11.04
CA THR C 253 20.15 29.22 11.78
C THR C 253 21.39 29.50 10.89
N TYR C 254 22.21 30.49 11.30
CA TYR C 254 23.48 30.90 10.67
C TYR C 254 24.38 29.64 10.60
N ARG C 255 24.42 28.87 11.72
CA ARG C 255 25.16 27.62 11.92
C ARG C 255 24.70 26.54 10.95
N GLU C 256 23.36 26.33 10.81
CA GLU C 256 22.74 25.35 9.90
C GLU C 256 23.09 25.68 8.46
N GLY C 257 23.03 26.97 8.10
CA GLY C 257 23.37 27.51 6.80
C GLY C 257 24.81 27.21 6.43
N LEU C 258 25.74 27.45 7.39
CA LEU C 258 27.16 27.16 7.21
C LEU C 258 27.40 25.66 7.10
N TYR C 259 26.65 24.84 7.91
CA TYR C 259 26.78 23.38 7.89
C TYR C 259 26.39 22.77 6.53
N ILE C 260 25.27 23.22 5.92
CA ILE C 260 24.77 22.76 4.61
C ILE C 260 25.89 22.96 3.55
N THR C 261 26.41 24.20 3.47
CA THR C 261 27.43 24.69 2.55
C THR C 261 28.79 24.02 2.77
N GLU C 262 29.21 23.77 4.06
CA GLU C 262 30.47 23.09 4.40
C GLU C 262 30.43 21.64 3.94
N GLU C 263 29.26 20.97 4.07
CA GLU C 263 29.03 19.59 3.65
C GLU C 263 29.05 19.44 2.14
N ILE C 264 28.44 20.40 1.40
CA ILE C 264 28.41 20.42 -0.08
C ILE C 264 29.84 20.62 -0.59
N TYR C 265 30.65 21.53 0.05
CA TYR C 265 32.03 21.77 -0.36
C TYR C 265 32.88 20.50 -0.30
N LYS C 266 32.84 19.78 0.86
CA LYS C 266 33.57 18.53 1.19
C LYS C 266 33.43 17.43 0.14
N THR C 267 32.27 17.36 -0.56
CA THR C 267 32.01 16.36 -1.63
C THR C 267 32.95 16.63 -2.83
N GLY C 268 33.26 17.92 -3.05
CA GLY C 268 34.10 18.42 -4.14
C GLY C 268 33.32 18.42 -5.45
N LEU C 269 31.98 18.24 -5.35
CA LEU C 269 31.05 18.14 -6.47
C LEU C 269 30.20 19.40 -6.73
N LEU C 270 30.39 20.54 -5.97
CA LEU C 270 29.66 21.80 -6.22
C LEU C 270 30.09 22.27 -7.62
N SER C 271 29.10 22.49 -8.49
CA SER C 271 29.27 22.86 -9.88
C SER C 271 28.55 24.13 -10.31
N GLY C 272 27.46 24.46 -9.61
CA GLY C 272 26.64 25.64 -9.83
C GLY C 272 26.15 26.18 -8.51
N LEU C 273 26.21 27.51 -8.36
CA LEU C 273 25.79 28.21 -7.15
C LEU C 273 25.02 29.48 -7.43
N ASP C 274 23.93 29.68 -6.66
CA ASP C 274 23.05 30.85 -6.70
C ASP C 274 22.91 31.44 -5.29
N ILE C 275 23.24 32.73 -5.12
CA ILE C 275 23.11 33.45 -3.84
C ILE C 275 22.07 34.49 -4.21
N MET C 276 20.81 34.14 -3.92
CA MET C 276 19.64 34.94 -4.29
C MET C 276 18.86 35.61 -3.17
N GLU C 277 18.05 36.61 -3.58
CA GLU C 277 17.08 37.42 -2.85
C GLU C 277 17.67 38.42 -1.80
N VAL C 278 18.96 38.82 -1.93
CA VAL C 278 19.56 39.81 -1.00
C VAL C 278 19.00 41.16 -1.50
N ASN C 279 18.20 41.84 -0.65
CA ASN C 279 17.60 43.13 -0.97
C ASN C 279 18.09 44.21 0.03
N PRO C 280 19.17 44.97 -0.32
CA PRO C 280 19.70 46.01 0.58
C PRO C 280 18.79 47.19 0.95
N SER C 281 17.68 47.42 0.20
CA SER C 281 16.74 48.50 0.49
C SER C 281 15.66 48.10 1.52
N LEU C 282 15.60 46.78 1.86
CA LEU C 282 14.62 46.22 2.81
C LEU C 282 15.19 45.96 4.23
N GLY C 283 16.19 46.75 4.61
CA GLY C 283 16.81 46.72 5.92
C GLY C 283 16.25 47.87 6.74
N LYS C 284 15.66 47.55 7.92
CA LYS C 284 15.06 48.54 8.85
C LYS C 284 16.09 49.54 9.41
N THR C 285 17.35 49.10 9.52
CA THR C 285 18.54 49.82 10.00
C THR C 285 19.74 49.47 9.08
N PRO C 286 20.82 50.30 8.91
CA PRO C 286 21.96 49.90 8.04
C PRO C 286 22.67 48.62 8.51
N GLU C 287 22.58 48.31 9.84
CA GLU C 287 23.13 47.13 10.50
C GLU C 287 22.45 45.86 9.94
N GLU C 288 21.09 45.90 9.74
CA GLU C 288 20.28 44.81 9.19
C GLU C 288 20.72 44.41 7.79
N VAL C 289 21.14 45.40 6.97
CA VAL C 289 21.63 45.27 5.59
C VAL C 289 22.98 44.54 5.66
N THR C 290 23.95 45.10 6.44
CA THR C 290 25.31 44.56 6.64
C THR C 290 25.26 43.13 7.19
N ARG C 291 24.33 42.83 8.13
CA ARG C 291 24.12 41.51 8.73
C ARG C 291 23.69 40.49 7.66
N THR C 292 22.79 40.88 6.73
CA THR C 292 22.28 40.04 5.62
C THR C 292 23.44 39.75 4.63
N VAL C 293 24.19 40.82 4.24
CA VAL C 293 25.32 40.77 3.30
C VAL C 293 26.43 39.88 3.88
N ASN C 294 26.85 40.12 5.14
CA ASN C 294 27.89 39.34 5.85
C ASN C 294 27.53 37.86 5.94
N THR C 295 26.23 37.54 6.16
CA THR C 295 25.70 36.17 6.22
C THR C 295 25.82 35.53 4.83
N ALA C 296 25.32 36.22 3.77
CA ALA C 296 25.38 35.76 2.37
C ALA C 296 26.82 35.51 1.91
N VAL C 297 27.79 36.37 2.34
CA VAL C 297 29.23 36.26 2.06
C VAL C 297 29.75 34.97 2.75
N ALA C 298 29.45 34.79 4.07
CA ALA C 298 29.85 33.61 4.87
C ALA C 298 29.36 32.30 4.23
N ILE C 299 28.08 32.29 3.73
CA ILE C 299 27.45 31.16 3.05
C ILE C 299 28.28 30.80 1.80
N THR C 300 28.60 31.83 0.97
CA THR C 300 29.40 31.73 -0.27
C THR C 300 30.80 31.20 0.03
N LEU C 301 31.51 31.77 1.05
CA LEU C 301 32.87 31.36 1.44
C LEU C 301 32.96 29.90 1.88
N ALA C 302 31.93 29.41 2.60
CA ALA C 302 31.81 28.03 3.08
C ALA C 302 31.64 27.06 1.90
N CYS C 303 30.97 27.51 0.79
CA CYS C 303 30.75 26.74 -0.44
C CYS C 303 32.08 26.44 -1.17
N PHE C 304 33.12 27.31 -0.96
CA PHE C 304 34.42 27.20 -1.61
C PHE C 304 35.62 27.00 -0.62
N GLY C 305 35.38 26.27 0.47
CA GLY C 305 36.45 25.91 1.40
C GLY C 305 36.54 26.40 2.82
N LEU C 306 36.01 27.62 3.12
CA LEU C 306 36.08 28.20 4.47
C LEU C 306 35.36 27.33 5.50
N ALA C 307 36.17 26.72 6.39
CA ALA C 307 35.73 25.81 7.44
C ALA C 307 35.86 26.43 8.82
N ARG C 308 34.84 26.19 9.69
CA ARG C 308 34.82 26.70 11.07
C ARG C 308 35.94 26.08 11.92
N GLU C 309 36.32 24.81 11.63
CA GLU C 309 37.42 24.09 12.29
C GLU C 309 38.79 24.74 12.01
N GLY C 310 38.86 25.50 10.90
CA GLY C 310 40.02 26.21 10.42
C GLY C 310 40.48 25.73 9.06
N ASN C 311 41.33 26.54 8.41
CA ASN C 311 41.92 26.28 7.10
C ASN C 311 43.40 26.58 7.15
N HIS C 312 44.23 25.72 6.50
CA HIS C 312 45.68 25.90 6.44
C HIS C 312 46.22 25.57 5.05
N LYS C 313 47.18 26.40 4.59
CA LYS C 313 47.89 26.25 3.30
C LYS C 313 48.79 24.99 3.39
N PRO C 314 49.04 24.21 2.29
CA PRO C 314 49.89 23.00 2.41
C PRO C 314 51.40 23.30 2.55
N ILE C 315 51.77 23.80 3.74
CA ILE C 315 53.12 24.20 4.21
C ILE C 315 53.30 23.80 5.70
N ASP C 316 54.57 23.73 6.17
CA ASP C 316 54.91 23.40 7.55
C ASP C 316 54.92 24.73 8.32
N TYR C 317 53.92 24.91 9.21
CA TYR C 317 53.74 26.11 10.03
C TYR C 317 54.68 26.15 11.25
N LEU C 318 55.17 24.98 11.70
CA LEU C 318 56.09 24.84 12.85
C LEU C 318 57.59 24.95 12.47
N ASN C 319 57.91 25.02 11.15
CA ASN C 319 59.28 25.12 10.62
C ASN C 319 59.52 26.48 9.94
N SER D 2 -16.48 19.85 9.46
CA SER D 2 -15.14 19.39 9.11
C SER D 2 -14.65 18.25 10.04
N ALA D 3 -13.38 17.76 9.84
CA ALA D 3 -12.71 16.69 10.60
C ALA D 3 -12.67 16.97 12.11
N LYS D 4 -12.73 15.89 12.94
CA LYS D 4 -12.71 15.94 14.41
C LYS D 4 -11.52 16.74 14.96
N SER D 5 -10.31 16.55 14.37
CA SER D 5 -9.07 17.26 14.73
C SER D 5 -9.10 18.77 14.38
N ARG D 6 -10.11 19.20 13.57
CA ARG D 6 -10.32 20.59 13.12
C ARG D 6 -11.66 21.20 13.62
N THR D 7 -12.39 20.49 14.53
CA THR D 7 -13.66 20.94 15.13
C THR D 7 -13.30 21.56 16.50
N ILE D 8 -13.48 22.90 16.63
CA ILE D 8 -13.09 23.68 17.81
C ILE D 8 -14.25 24.46 18.49
N GLY D 9 -14.12 24.59 19.81
CA GLY D 9 -14.98 25.32 20.72
C GLY D 9 -14.11 26.24 21.54
N ILE D 10 -14.09 27.54 21.16
CA ILE D 10 -13.28 28.59 21.80
C ILE D 10 -13.97 29.10 23.06
N ILE D 11 -13.24 29.02 24.19
CA ILE D 11 -13.65 29.46 25.52
C ILE D 11 -12.67 30.55 25.97
N GLY D 12 -13.20 31.74 26.16
CA GLY D 12 -12.45 32.89 26.65
C GLY D 12 -12.44 32.83 28.15
N ALA D 13 -11.24 32.74 28.75
CA ALA D 13 -11.07 32.67 30.20
C ALA D 13 -10.25 33.91 30.68
N PRO D 14 -10.90 35.12 30.79
CA PRO D 14 -10.16 36.32 31.22
C PRO D 14 -10.01 36.34 32.74
N PHE D 15 -8.97 35.66 33.24
CA PHE D 15 -8.72 35.55 34.67
C PHE D 15 -7.27 35.83 35.05
N SER D 16 -7.05 36.67 36.09
CA SER D 16 -5.71 37.05 36.54
C SER D 16 -5.32 36.79 38.00
N LYS D 17 -6.31 36.54 38.89
CA LYS D 17 -6.11 36.38 40.34
C LYS D 17 -5.31 35.10 40.77
N GLY D 18 -4.83 34.30 39.80
CA GLY D 18 -3.99 33.14 40.06
C GLY D 18 -2.52 33.52 40.20
N GLN D 19 -2.20 34.79 39.89
CA GLN D 19 -0.87 35.44 39.92
C GLN D 19 -0.99 36.95 40.29
N PRO D 20 0.09 37.70 40.69
CA PRO D 20 -0.10 39.11 41.07
C PRO D 20 -0.02 40.18 39.96
N ARG D 21 0.61 39.90 38.80
CA ARG D 21 0.79 40.86 37.69
C ARG D 21 -0.47 41.03 36.82
N GLY D 22 -1.06 42.22 36.88
CA GLY D 22 -2.27 42.58 36.14
C GLY D 22 -2.08 42.65 34.63
N GLY D 23 -3.14 42.27 33.89
CA GLY D 23 -3.14 42.28 32.43
C GLY D 23 -3.30 40.97 31.70
N VAL D 24 -3.02 39.80 32.37
CA VAL D 24 -3.13 38.46 31.76
C VAL D 24 -4.62 38.17 31.35
N GLU D 25 -5.61 38.85 32.00
CA GLU D 25 -7.05 38.74 31.71
C GLU D 25 -7.38 39.27 30.30
N GLU D 26 -6.52 40.12 29.72
CA GLU D 26 -6.71 40.68 28.37
C GLU D 26 -6.25 39.70 27.26
N GLY D 27 -5.71 38.54 27.66
CA GLY D 27 -5.24 37.47 26.78
C GLY D 27 -6.28 37.05 25.75
N PRO D 28 -7.55 36.65 26.11
CA PRO D 28 -8.54 36.29 25.08
C PRO D 28 -8.82 37.42 24.07
N THR D 29 -8.93 38.69 24.54
CA THR D 29 -9.20 39.90 23.74
C THR D 29 -8.16 40.11 22.61
N VAL D 30 -6.86 40.21 22.98
CA VAL D 30 -5.71 40.46 22.09
C VAL D 30 -5.49 39.23 21.14
N LEU D 31 -5.79 37.98 21.61
CA LEU D 31 -5.68 36.77 20.78
C LEU D 31 -6.76 36.80 19.67
N ARG D 32 -8.00 37.25 20.03
CA ARG D 32 -9.15 37.40 19.12
C ARG D 32 -8.88 38.54 18.11
N LYS D 33 -8.34 39.70 18.62
CA LYS D 33 -7.99 40.91 17.84
C LYS D 33 -6.92 40.63 16.77
N ALA D 34 -6.05 39.62 17.00
CA ALA D 34 -5.00 39.16 16.09
C ALA D 34 -5.60 38.33 14.92
N GLY D 35 -6.90 38.04 15.01
CA GLY D 35 -7.70 37.30 14.04
C GLY D 35 -7.56 35.79 14.12
N LEU D 36 -7.52 35.23 15.36
CA LEU D 36 -7.39 33.79 15.63
C LEU D 36 -8.52 32.97 15.01
N LEU D 37 -9.80 33.37 15.24
CA LEU D 37 -11.01 32.73 14.70
C LEU D 37 -11.01 32.69 13.17
N GLU D 38 -10.65 33.82 12.52
CA GLU D 38 -10.57 34.00 11.06
C GLU D 38 -9.51 33.11 10.44
N LYS D 39 -8.29 33.08 11.05
CA LYS D 39 -7.13 32.28 10.62
C LYS D 39 -7.43 30.78 10.69
N LEU D 40 -8.15 30.34 11.76
CA LEU D 40 -8.57 28.94 11.96
C LEU D 40 -9.60 28.55 10.89
N LYS D 41 -10.62 29.40 10.61
CA LYS D 41 -11.67 29.18 9.60
C LYS D 41 -11.09 29.04 8.17
N GLU D 42 -9.99 29.80 7.86
CA GLU D 42 -9.26 29.80 6.59
C GLU D 42 -8.49 28.47 6.38
N GLN D 43 -8.14 27.81 7.50
CA GLN D 43 -7.41 26.55 7.67
C GLN D 43 -8.37 25.31 7.74
N GLU D 44 -9.59 25.45 7.13
CA GLU D 44 -10.66 24.44 7.02
C GLU D 44 -11.23 23.98 8.41
N CYS D 45 -11.16 24.86 9.45
CA CYS D 45 -11.67 24.56 10.80
C CYS D 45 -13.14 24.98 10.97
N ASP D 46 -13.87 24.20 11.80
CA ASP D 46 -15.27 24.41 12.18
C ASP D 46 -15.14 24.99 13.60
N VAL D 47 -15.21 26.32 13.68
CA VAL D 47 -15.05 27.12 14.91
C VAL D 47 -16.37 27.71 15.42
N LYS D 48 -16.65 27.46 16.70
CA LYS D 48 -17.79 27.95 17.48
C LYS D 48 -17.18 28.70 18.66
N ASP D 49 -17.58 29.97 18.80
CA ASP D 49 -17.12 30.88 19.83
C ASP D 49 -18.14 30.95 20.97
N TYR D 50 -17.77 30.38 22.13
CA TYR D 50 -18.57 30.33 23.37
C TYR D 50 -18.44 31.61 24.24
N GLY D 51 -17.70 32.60 23.72
CA GLY D 51 -17.46 33.89 24.34
C GLY D 51 -16.55 33.85 25.54
N ASP D 52 -16.43 35.00 26.23
CA ASP D 52 -15.61 35.16 27.43
C ASP D 52 -16.47 34.89 28.64
N LEU D 53 -15.99 33.97 29.51
CA LEU D 53 -16.69 33.60 30.75
C LEU D 53 -16.75 34.79 31.70
N PRO D 54 -17.94 35.09 32.32
CA PRO D 54 -18.00 36.22 33.24
C PRO D 54 -17.42 35.76 34.59
N PHE D 55 -16.31 36.36 34.98
CA PHE D 55 -15.71 35.98 36.25
C PHE D 55 -16.10 37.03 37.27
N ALA D 56 -17.40 36.95 37.70
CA ALA D 56 -18.06 37.82 38.67
C ALA D 56 -17.17 37.98 39.90
N ASP D 57 -17.00 39.25 40.34
CA ASP D 57 -16.16 39.63 41.47
C ASP D 57 -16.50 38.87 42.74
N ILE D 58 -15.44 38.35 43.38
CA ILE D 58 -15.52 37.63 44.65
C ILE D 58 -14.71 38.52 45.64
N PRO D 59 -15.34 39.61 46.20
CA PRO D 59 -14.60 40.43 47.17
C PRO D 59 -14.58 39.71 48.52
N ASN D 60 -13.74 40.19 49.47
CA ASN D 60 -13.55 39.59 50.82
C ASN D 60 -13.09 38.11 50.61
N ASP D 61 -12.01 37.96 49.82
CA ASP D 61 -11.36 36.71 49.46
C ASP D 61 -9.94 36.77 50.04
N SER D 62 -9.90 36.62 51.38
CA SER D 62 -8.71 36.65 52.22
C SER D 62 -7.80 35.43 51.92
N PRO D 63 -6.44 35.52 52.07
CA PRO D 63 -5.59 34.36 51.77
C PRO D 63 -5.70 33.20 52.73
N PHE D 64 -5.55 31.95 52.19
CA PHE D 64 -5.53 30.69 52.92
C PHE D 64 -4.02 30.56 53.19
N GLN D 65 -3.58 30.90 54.43
CA GLN D 65 -2.17 30.91 54.89
C GLN D 65 -1.39 31.95 54.04
N ILE D 66 -0.66 31.52 52.99
CA ILE D 66 0.11 32.37 52.06
C ILE D 66 -0.55 32.39 50.64
N VAL D 67 -1.43 31.40 50.38
CA VAL D 67 -2.16 31.16 49.12
C VAL D 67 -3.16 32.32 48.83
N LYS D 68 -2.83 33.16 47.81
CA LYS D 68 -3.58 34.35 47.35
C LYS D 68 -4.83 34.03 46.53
N ASN D 69 -5.89 34.84 46.73
CA ASN D 69 -7.24 34.80 46.10
C ASN D 69 -7.80 33.34 45.92
N PRO D 70 -7.90 32.49 46.99
CA PRO D 70 -8.36 31.10 46.78
C PRO D 70 -9.78 30.89 46.24
N ARG D 71 -10.76 31.68 46.70
CA ARG D 71 -12.17 31.58 46.28
C ARG D 71 -12.35 31.95 44.81
N SER D 72 -11.71 33.07 44.37
CA SER D 72 -11.74 33.57 42.97
C SER D 72 -11.16 32.54 41.99
N VAL D 73 -9.96 31.97 42.31
CA VAL D 73 -9.24 30.95 41.52
C VAL D 73 -10.06 29.66 41.42
N GLY D 74 -10.56 29.19 42.58
CA GLY D 74 -11.38 27.99 42.69
C GLY D 74 -12.67 28.05 41.90
N LYS D 75 -13.42 29.18 42.03
CA LYS D 75 -14.69 29.42 41.33
C LYS D 75 -14.48 29.60 39.82
N ALA D 76 -13.38 30.31 39.39
CA ALA D 76 -13.06 30.52 37.98
C ALA D 76 -12.82 29.16 37.29
N SER D 77 -12.03 28.27 37.97
CA SER D 77 -11.74 26.92 37.51
C SER D 77 -13.02 26.07 37.52
N GLU D 78 -13.90 26.22 38.56
CA GLU D 78 -15.17 25.50 38.67
C GLU D 78 -16.10 25.83 37.49
N GLN D 79 -16.22 27.15 37.15
CA GLN D 79 -17.02 27.70 36.05
C GLN D 79 -16.46 27.21 34.71
N LEU D 80 -15.10 27.23 34.57
CA LEU D 80 -14.39 26.78 33.37
C LEU D 80 -14.58 25.27 33.17
N ALA D 81 -14.58 24.47 34.26
CA ALA D 81 -14.80 23.02 34.24
C ALA D 81 -16.13 22.66 33.58
N GLY D 82 -17.21 23.36 33.96
CA GLY D 82 -18.55 23.18 33.42
C GLY D 82 -18.64 23.57 31.96
N LYS D 83 -17.91 24.65 31.58
CA LYS D 83 -17.87 25.17 30.21
C LYS D 83 -17.07 24.23 29.29
N VAL D 84 -15.89 23.72 29.73
CA VAL D 84 -15.03 22.78 28.97
C VAL D 84 -15.84 21.49 28.68
N ALA D 85 -16.50 20.91 29.72
CA ALA D 85 -17.34 19.70 29.63
C ALA D 85 -18.48 19.89 28.60
N GLU D 86 -19.15 21.07 28.60
CA GLU D 86 -20.24 21.47 27.68
C GLU D 86 -19.74 21.48 26.22
N VAL D 87 -18.53 22.04 25.99
CA VAL D 87 -17.85 22.12 24.68
C VAL D 87 -17.52 20.68 24.23
N LYS D 88 -16.99 19.86 25.17
CA LYS D 88 -16.63 18.46 24.93
C LYS D 88 -17.82 17.57 24.58
N LYS D 89 -19.00 17.80 25.23
CA LYS D 89 -20.24 17.06 24.97
C LYS D 89 -20.80 17.34 23.56
N ASN D 90 -20.49 18.53 22.99
CA ASN D 90 -20.87 19.01 21.65
C ASN D 90 -19.94 18.47 20.52
N GLY D 91 -18.97 17.61 20.90
CA GLY D 91 -17.99 16.98 20.01
C GLY D 91 -17.03 17.97 19.39
N ARG D 92 -16.49 18.88 20.24
CA ARG D 92 -15.55 19.94 19.86
C ARG D 92 -14.31 19.93 20.75
N ILE D 93 -13.15 20.34 20.18
CA ILE D 93 -11.88 20.44 20.90
C ILE D 93 -12.00 21.76 21.67
N SER D 94 -11.85 21.69 23.01
CA SER D 94 -11.94 22.84 23.89
C SER D 94 -10.65 23.67 23.78
N LEU D 95 -10.79 24.93 23.35
CA LEU D 95 -9.69 25.88 23.20
C LEU D 95 -9.88 27.01 24.21
N VAL D 96 -9.16 26.87 25.33
CA VAL D 96 -9.18 27.80 26.45
C VAL D 96 -8.12 28.87 26.23
N LEU D 97 -8.58 30.12 26.09
CA LEU D 97 -7.74 31.28 25.91
C LEU D 97 -7.58 31.91 27.28
N GLY D 98 -6.35 31.87 27.77
CA GLY D 98 -5.98 32.41 29.06
C GLY D 98 -5.63 33.90 29.01
N GLY D 99 -5.51 34.57 30.17
CA GLY D 99 -5.68 34.03 31.51
C GLY D 99 -4.44 33.34 32.06
N ASP D 100 -4.35 33.26 33.40
CA ASP D 100 -3.21 32.62 34.07
C ASP D 100 -3.39 31.09 34.10
N HIS D 101 -2.28 30.34 34.27
CA HIS D 101 -2.27 28.88 34.26
C HIS D 101 -3.05 28.18 35.40
N SER D 102 -3.57 28.90 36.43
CA SER D 102 -4.36 28.27 37.51
C SER D 102 -5.66 27.68 36.94
N LEU D 103 -6.12 28.23 35.78
CA LEU D 103 -7.31 27.84 35.01
C LEU D 103 -7.21 26.42 34.45
N ALA D 104 -5.97 25.83 34.40
CA ALA D 104 -5.70 24.45 33.96
C ALA D 104 -6.45 23.46 34.86
N ILE D 105 -6.64 23.82 36.19
CA ILE D 105 -7.40 23.04 37.19
C ILE D 105 -8.78 22.78 36.57
N GLY D 106 -9.44 23.86 36.14
CA GLY D 106 -10.76 23.84 35.52
C GLY D 106 -10.78 23.17 34.17
N SER D 107 -9.87 23.59 33.26
CA SER D 107 -9.75 23.05 31.91
C SER D 107 -9.56 21.53 31.87
N ILE D 108 -8.59 21.00 32.65
CA ILE D 108 -8.29 19.56 32.73
C ILE D 108 -9.45 18.82 33.43
N SER D 109 -9.92 19.30 34.62
CA SER D 109 -11.05 18.68 35.37
C SER D 109 -12.32 18.55 34.53
N GLY D 110 -12.63 19.60 33.75
CA GLY D 110 -13.78 19.67 32.86
C GLY D 110 -13.71 18.70 31.70
N HIS D 111 -12.53 18.64 31.05
CA HIS D 111 -12.22 17.76 29.92
C HIS D 111 -12.29 16.29 30.39
N ALA D 112 -11.74 16.00 31.59
CA ALA D 112 -11.72 14.67 32.22
C ALA D 112 -13.11 14.12 32.56
N ARG D 113 -14.13 15.00 32.75
CA ARG D 113 -15.51 14.59 33.05
C ARG D 113 -16.13 13.83 31.88
N VAL D 114 -15.77 14.24 30.64
CA VAL D 114 -16.23 13.67 29.37
C VAL D 114 -15.27 12.54 28.93
N HIS D 115 -13.93 12.80 28.99
CA HIS D 115 -12.88 11.85 28.61
C HIS D 115 -11.95 11.54 29.82
N PRO D 116 -12.34 10.59 30.74
CA PRO D 116 -11.47 10.29 31.91
C PRO D 116 -10.11 9.65 31.62
N ASP D 117 -9.96 9.05 30.43
CA ASP D 117 -8.75 8.37 29.96
C ASP D 117 -7.71 9.31 29.29
N LEU D 118 -7.92 10.65 29.32
CA LEU D 118 -7.03 11.63 28.70
C LEU D 118 -5.59 11.68 29.27
N GLY D 119 -4.65 12.02 28.39
CA GLY D 119 -3.23 12.21 28.66
C GLY D 119 -2.92 13.70 28.59
N VAL D 120 -1.99 14.19 29.43
CA VAL D 120 -1.62 15.60 29.48
C VAL D 120 -0.18 15.86 29.00
N ILE D 121 -0.02 16.84 28.07
CA ILE D 121 1.25 17.35 27.54
C ILE D 121 1.27 18.77 28.08
N TRP D 122 2.22 19.05 28.99
CA TRP D 122 2.38 20.33 29.68
C TRP D 122 3.64 21.06 29.18
N VAL D 123 3.44 22.01 28.24
CA VAL D 123 4.52 22.83 27.65
C VAL D 123 4.62 24.11 28.49
N ASP D 124 5.71 24.20 29.29
CA ASP D 124 5.99 25.30 30.23
C ASP D 124 7.44 25.24 30.71
N ALA D 125 7.96 26.39 31.18
CA ALA D 125 9.29 26.55 31.76
C ALA D 125 9.24 26.04 33.22
N HIS D 126 8.01 25.96 33.76
CA HIS D 126 7.65 25.58 35.13
C HIS D 126 6.79 24.33 35.23
N THR D 127 6.93 23.60 36.34
CA THR D 127 6.17 22.38 36.63
C THR D 127 4.73 22.68 37.07
N ASP D 128 4.49 23.82 37.79
CA ASP D 128 3.18 24.25 38.34
C ASP D 128 2.56 23.14 39.23
N ILE D 129 3.44 22.37 39.91
CA ILE D 129 3.10 21.24 40.75
C ILE D 129 3.26 21.55 42.27
N ASN D 130 3.51 22.84 42.64
CA ASN D 130 3.61 23.23 44.05
C ASN D 130 2.26 22.96 44.71
N THR D 131 2.28 22.41 45.92
CA THR D 131 1.05 22.14 46.66
C THR D 131 0.76 23.45 47.46
N PRO D 132 -0.47 23.69 48.03
CA PRO D 132 -0.67 24.92 48.83
C PRO D 132 0.24 25.04 50.07
N LEU D 133 0.96 23.94 50.43
CA LEU D 133 1.91 23.81 51.55
C LEU D 133 3.38 23.96 51.12
N THR D 134 3.75 23.54 49.88
CA THR D 134 5.13 23.63 49.34
C THR D 134 5.42 25.00 48.70
N THR D 135 4.36 25.75 48.29
CA THR D 135 4.45 27.07 47.66
C THR D 135 5.09 28.11 48.62
N THR D 136 5.90 29.02 48.03
CA THR D 136 6.60 30.11 48.72
C THR D 136 6.02 31.49 48.34
N SER D 137 5.47 31.58 47.10
CA SER D 137 4.86 32.79 46.53
C SER D 137 3.37 32.91 46.92
N GLY D 138 2.69 31.76 46.98
CA GLY D 138 1.27 31.65 47.29
C GLY D 138 0.39 31.91 46.07
N ASN D 139 1.01 31.99 44.85
CA ASN D 139 0.33 32.22 43.58
C ASN D 139 -0.11 30.88 43.04
N LEU D 140 -1.44 30.72 42.88
CA LEU D 140 -2.10 29.49 42.43
C LEU D 140 -1.82 29.08 40.96
N HIS D 141 -1.20 29.97 40.12
CA HIS D 141 -0.85 29.65 38.73
C HIS D 141 0.36 28.67 38.66
N GLY D 142 1.07 28.53 39.79
CA GLY D 142 2.20 27.64 39.97
C GLY D 142 1.90 26.44 40.84
N GLN D 143 0.59 26.14 41.00
CA GLN D 143 -0.02 25.06 41.78
C GLN D 143 -1.10 24.18 41.05
N PRO D 144 -1.51 24.37 39.74
CA PRO D 144 -2.59 23.55 39.18
C PRO D 144 -2.42 22.04 39.15
N VAL D 145 -1.23 21.51 38.79
CA VAL D 145 -0.96 20.07 38.67
C VAL D 145 -1.16 19.34 40.03
N SER D 146 -0.79 19.98 41.18
CA SER D 146 -0.93 19.41 42.53
C SER D 146 -2.39 19.01 42.85
N PHE D 147 -3.36 19.89 42.48
CA PHE D 147 -4.80 19.67 42.66
C PHE D 147 -5.33 18.56 41.75
N LEU D 148 -4.71 18.37 40.56
CA LEU D 148 -5.10 17.38 39.55
C LEU D 148 -4.50 15.98 39.72
N LEU D 149 -3.31 15.84 40.37
CA LEU D 149 -2.64 14.53 40.55
C LEU D 149 -3.22 13.65 41.64
N LYS D 150 -3.59 12.40 41.26
CA LYS D 150 -4.15 11.35 42.14
C LYS D 150 -3.19 10.96 43.28
N GLU D 151 -1.87 10.89 42.98
CA GLU D 151 -0.80 10.53 43.91
C GLU D 151 -0.60 11.56 45.04
N LEU D 152 -1.09 12.81 44.86
CA LEU D 152 -1.00 13.89 45.83
C LEU D 152 -2.29 14.05 46.70
N LYS D 153 -3.25 13.08 46.61
CA LYS D 153 -4.50 13.04 47.38
C LYS D 153 -4.10 12.70 48.83
N GLY D 154 -4.28 13.68 49.69
CA GLY D 154 -3.94 13.64 51.12
C GLY D 154 -2.90 14.67 51.48
N LYS D 155 -2.24 15.27 50.45
CA LYS D 155 -1.20 16.30 50.57
C LYS D 155 -1.74 17.71 50.26
N ILE D 156 -2.99 17.78 49.72
CA ILE D 156 -3.65 19.05 49.37
C ILE D 156 -4.59 19.44 50.53
N PRO D 157 -4.32 20.56 51.26
CA PRO D 157 -5.23 20.96 52.36
C PRO D 157 -6.53 21.55 51.82
N ASP D 158 -7.52 21.75 52.71
CA ASP D 158 -8.83 22.30 52.37
C ASP D 158 -8.74 23.81 52.07
N VAL D 159 -8.47 24.12 50.79
CA VAL D 159 -8.33 25.49 50.29
C VAL D 159 -9.74 26.00 49.90
N PRO D 160 -10.23 27.16 50.46
CA PRO D 160 -11.58 27.64 50.11
C PRO D 160 -11.77 27.88 48.61
N GLY D 161 -12.87 27.35 48.08
CA GLY D 161 -13.23 27.42 46.66
C GLY D 161 -12.80 26.21 45.85
N PHE D 162 -12.13 25.22 46.49
CA PHE D 162 -11.64 24.01 45.81
C PHE D 162 -12.28 22.67 46.27
N SER D 163 -13.39 22.70 47.06
CA SER D 163 -14.07 21.46 47.52
C SER D 163 -14.57 20.56 46.38
N TRP D 164 -14.92 21.18 45.23
CA TRP D 164 -15.40 20.53 43.99
C TRP D 164 -14.31 19.68 43.29
N VAL D 165 -13.01 20.02 43.53
CA VAL D 165 -11.81 19.38 42.93
C VAL D 165 -11.68 17.91 43.38
N THR D 166 -11.58 17.04 42.37
CA THR D 166 -11.37 15.61 42.45
C THR D 166 -10.15 15.34 41.54
N PRO D 167 -9.02 14.75 42.05
CA PRO D 167 -7.86 14.48 41.18
C PRO D 167 -8.27 13.53 40.06
N CYS D 168 -8.07 13.98 38.80
CA CYS D 168 -8.48 13.26 37.59
C CYS D 168 -7.32 12.62 36.78
N ILE D 169 -6.04 12.93 37.10
CA ILE D 169 -4.91 12.35 36.36
C ILE D 169 -3.88 11.70 37.27
N SER D 170 -3.36 10.54 36.85
CA SER D 170 -2.31 9.80 37.55
C SER D 170 -0.98 10.39 37.06
N ALA D 171 0.10 10.25 37.87
CA ALA D 171 1.47 10.72 37.59
C ALA D 171 2.00 10.25 36.23
N LYS D 172 1.59 9.02 35.83
CA LYS D 172 1.92 8.32 34.59
C LYS D 172 1.17 8.87 33.35
N ASP D 173 0.13 9.72 33.54
CA ASP D 173 -0.70 10.32 32.49
C ASP D 173 -0.34 11.78 32.12
N ILE D 174 0.83 12.28 32.57
CA ILE D 174 1.33 13.64 32.33
C ILE D 174 2.82 13.62 31.87
N VAL D 175 3.15 14.46 30.86
CA VAL D 175 4.48 14.66 30.28
C VAL D 175 4.75 16.18 30.25
N TYR D 176 5.90 16.60 30.81
CA TYR D 176 6.38 17.98 30.85
C TYR D 176 7.42 18.20 29.76
N ILE D 177 7.34 19.36 29.07
CA ILE D 177 8.27 19.78 28.00
C ILE D 177 8.62 21.26 28.20
N GLY D 178 9.93 21.53 28.29
CA GLY D 178 10.47 22.88 28.40
C GLY D 178 10.92 23.42 29.75
N LEU D 179 10.92 22.56 30.80
CA LEU D 179 11.29 22.93 32.18
C LEU D 179 12.69 23.51 32.32
N ARG D 180 12.80 24.63 33.08
CA ARG D 180 14.05 25.35 33.35
C ARG D 180 13.99 26.21 34.66
N ASP D 181 12.83 26.21 35.37
CA ASP D 181 12.61 26.92 36.63
C ASP D 181 11.63 26.13 37.50
N VAL D 182 12.19 25.14 38.20
CA VAL D 182 11.49 24.21 39.09
C VAL D 182 11.92 24.46 40.53
N ASP D 183 10.93 24.75 41.42
CA ASP D 183 11.14 25.01 42.85
C ASP D 183 11.64 23.74 43.59
N PRO D 184 12.40 23.86 44.74
CA PRO D 184 12.86 22.64 45.45
C PRO D 184 11.74 21.64 45.78
N GLY D 185 10.60 22.13 46.29
CA GLY D 185 9.42 21.35 46.61
C GLY D 185 8.86 20.63 45.40
N GLU D 186 8.81 21.35 44.26
CA GLU D 186 8.34 20.87 42.96
C GLU D 186 9.23 19.76 42.40
N HIS D 187 10.57 19.93 42.49
CA HIS D 187 11.57 18.94 42.04
C HIS D 187 11.46 17.64 42.83
N TYR D 188 11.16 17.73 44.16
CA TYR D 188 10.96 16.58 45.05
C TYR D 188 9.72 15.79 44.57
N ILE D 189 8.58 16.48 44.32
CA ILE D 189 7.30 15.92 43.85
C ILE D 189 7.54 15.21 42.49
N LEU D 190 8.23 15.90 41.55
CA LEU D 190 8.58 15.43 40.21
C LEU D 190 9.39 14.10 40.23
N LYS D 191 10.45 14.02 41.07
CA LYS D 191 11.31 12.85 41.18
C LYS D 191 10.69 11.68 41.96
N THR D 192 10.07 11.94 43.14
CA THR D 192 9.45 10.88 43.98
C THR D 192 8.23 10.23 43.34
N LEU D 193 7.39 11.00 42.60
CA LEU D 193 6.20 10.44 41.93
C LEU D 193 6.54 9.78 40.57
N GLY D 194 7.75 10.03 40.07
CA GLY D 194 8.29 9.50 38.82
C GLY D 194 7.58 9.97 37.56
N ILE D 195 7.19 11.27 37.52
CA ILE D 195 6.52 11.91 36.38
C ILE D 195 7.55 12.04 35.24
N LYS D 196 7.11 11.73 34.00
CA LYS D 196 7.94 11.83 32.80
C LYS D 196 8.07 13.30 32.45
N TYR D 197 9.31 13.75 32.26
CA TYR D 197 9.63 15.13 31.93
C TYR D 197 10.79 15.21 30.96
N PHE D 198 10.78 16.30 30.19
CA PHE D 198 11.80 16.67 29.23
C PHE D 198 12.05 18.12 29.51
N SER D 199 13.02 18.38 30.44
CA SER D 199 13.42 19.73 30.81
C SER D 199 14.31 20.22 29.64
N MET D 200 14.77 21.48 29.67
CA MET D 200 15.65 22.03 28.64
C MET D 200 16.91 21.16 28.42
N THR D 201 17.40 20.48 29.50
CA THR D 201 18.54 19.56 29.54
C THR D 201 18.27 18.37 28.59
N GLU D 202 17.07 17.74 28.71
CA GLU D 202 16.64 16.59 27.90
C GLU D 202 16.39 16.99 26.44
N VAL D 203 15.86 18.22 26.22
CA VAL D 203 15.59 18.80 24.88
C VAL D 203 16.96 18.97 24.18
N ASP D 204 17.98 19.49 24.91
CA ASP D 204 19.35 19.68 24.40
C ASP D 204 20.04 18.34 24.11
N ARG D 205 19.88 17.35 25.02
CA ARG D 205 20.45 16.00 24.93
C ARG D 205 19.96 15.20 23.75
N LEU D 206 18.62 15.11 23.60
CA LEU D 206 17.93 14.29 22.60
C LEU D 206 17.51 14.96 21.31
N GLY D 207 17.06 16.22 21.39
CA GLY D 207 16.53 16.97 20.26
C GLY D 207 15.02 16.82 20.32
N ILE D 208 14.27 17.85 19.86
CA ILE D 208 12.80 17.91 19.87
C ILE D 208 12.13 16.69 19.11
N GLY D 209 12.86 16.10 18.15
CA GLY D 209 12.45 14.94 17.37
C GLY D 209 12.25 13.73 18.25
N LYS D 210 13.33 13.35 18.99
CA LYS D 210 13.34 12.23 19.94
C LYS D 210 12.39 12.50 21.12
N VAL D 211 12.34 13.78 21.62
CA VAL D 211 11.48 14.26 22.72
C VAL D 211 9.99 13.99 22.37
N MET D 212 9.56 14.39 21.15
CA MET D 212 8.17 14.20 20.70
C MET D 212 7.86 12.73 20.44
N GLU D 213 8.84 11.96 19.90
CA GLU D 213 8.70 10.51 19.62
C GLU D 213 8.49 9.77 20.95
N GLU D 214 9.25 10.16 22.00
CA GLU D 214 9.18 9.58 23.34
C GLU D 214 7.90 9.98 24.07
N THR D 215 7.51 11.29 24.00
CA THR D 215 6.30 11.89 24.62
C THR D 215 5.03 11.16 24.17
N LEU D 216 4.83 11.05 22.84
CA LEU D 216 3.68 10.40 22.22
C LEU D 216 3.68 8.86 22.43
N SER D 217 4.87 8.22 22.52
CA SER D 217 5.01 6.77 22.76
C SER D 217 4.63 6.46 24.22
N TYR D 218 5.10 7.31 25.18
CA TYR D 218 4.83 7.18 26.61
C TYR D 218 3.33 7.31 26.93
N LEU D 219 2.62 8.23 26.21
CA LEU D 219 1.20 8.48 26.43
C LEU D 219 0.23 7.66 25.55
N LEU D 220 0.62 7.25 24.32
CA LEU D 220 -0.29 6.52 23.43
C LEU D 220 0.11 5.06 23.09
N GLY D 221 1.32 4.64 23.49
CA GLY D 221 1.87 3.30 23.26
C GLY D 221 0.98 2.14 23.62
N ARG D 222 0.44 2.13 24.88
CA ARG D 222 -0.46 1.10 25.42
C ARG D 222 -1.76 1.03 24.61
N LYS D 223 -2.42 2.20 24.40
CA LYS D 223 -3.68 2.40 23.65
C LYS D 223 -3.93 3.88 23.30
N LYS D 224 -4.72 4.12 22.21
CA LYS D 224 -5.11 5.45 21.74
C LYS D 224 -6.06 6.06 22.78
N ARG D 225 -5.76 7.29 23.19
CA ARG D 225 -6.50 8.05 24.20
C ARG D 225 -6.50 9.56 23.91
N PRO D 226 -7.56 10.36 24.32
CA PRO D 226 -7.54 11.81 24.03
C PRO D 226 -6.37 12.56 24.67
N ILE D 227 -5.86 13.60 24.00
CA ILE D 227 -4.72 14.40 24.46
C ILE D 227 -5.15 15.81 24.85
N HIS D 228 -4.70 16.27 26.05
CA HIS D 228 -4.91 17.60 26.57
C HIS D 228 -3.56 18.31 26.57
N LEU D 229 -3.42 19.33 25.72
CA LEU D 229 -2.20 20.12 25.63
C LEU D 229 -2.41 21.43 26.39
N SER D 230 -1.65 21.61 27.48
CA SER D 230 -1.71 22.82 28.30
C SER D 230 -0.40 23.56 27.99
N PHE D 231 -0.52 24.56 27.11
CA PHE D 231 0.59 25.39 26.63
C PHE D 231 0.66 26.74 27.32
N ASP D 232 1.74 26.91 28.11
CA ASP D 232 2.07 28.14 28.82
C ASP D 232 3.08 28.76 27.86
N VAL D 233 2.81 30.01 27.42
CA VAL D 233 3.67 30.75 26.46
C VAL D 233 5.10 30.94 27.00
N ASP D 234 5.32 30.99 28.35
CA ASP D 234 6.66 31.15 28.94
C ASP D 234 7.54 29.87 28.74
N GLY D 235 6.96 28.80 28.16
CA GLY D 235 7.65 27.54 27.82
C GLY D 235 8.65 27.80 26.71
N LEU D 236 8.27 28.74 25.82
CA LEU D 236 9.06 29.22 24.69
C LEU D 236 9.99 30.32 25.22
N ASP D 237 11.14 30.50 24.57
CA ASP D 237 12.16 31.51 24.93
C ASP D 237 11.59 32.94 24.94
N PRO D 238 11.99 33.84 25.91
CA PRO D 238 11.48 35.23 25.91
C PRO D 238 11.78 36.06 24.65
N SER D 239 12.61 35.53 23.70
CA SER D 239 12.91 36.22 22.44
C SER D 239 11.70 36.09 21.46
N PHE D 240 10.75 35.15 21.74
CA PHE D 240 9.53 34.89 20.96
C PHE D 240 8.25 35.29 21.71
N THR D 241 8.17 34.96 23.02
CA THR D 241 7.02 35.27 23.90
C THR D 241 7.48 36.15 25.12
N PRO D 242 7.96 37.43 24.93
CA PRO D 242 8.38 38.24 26.10
C PRO D 242 7.26 38.75 27.00
N ALA D 243 6.06 39.02 26.42
CA ALA D 243 4.88 39.53 27.13
C ALA D 243 4.16 38.40 27.88
N THR D 244 4.81 37.98 28.98
CA THR D 244 4.41 36.91 29.91
C THR D 244 4.89 37.27 31.33
N GLY D 245 4.18 36.75 32.33
CA GLY D 245 4.42 36.99 33.76
C GLY D 245 5.74 36.52 34.34
N THR D 246 6.11 35.26 34.07
CA THR D 246 7.34 34.63 34.59
C THR D 246 8.28 34.16 33.43
N PRO D 247 8.98 35.08 32.70
CA PRO D 247 9.87 34.63 31.61
C PRO D 247 11.19 34.06 32.13
N VAL D 248 11.68 32.99 31.49
CA VAL D 248 12.95 32.31 31.83
C VAL D 248 13.75 32.14 30.54
N VAL D 249 15.00 32.65 30.53
CA VAL D 249 15.95 32.59 29.40
C VAL D 249 16.32 31.13 29.06
N GLY D 250 16.72 30.91 27.79
CA GLY D 250 17.11 29.60 27.28
C GLY D 250 15.95 28.65 27.06
N GLY D 251 14.85 29.17 26.53
CA GLY D 251 13.66 28.38 26.30
C GLY D 251 13.58 27.66 24.98
N LEU D 252 12.40 27.06 24.75
CA LEU D 252 12.06 26.34 23.53
C LEU D 252 12.01 27.37 22.41
N THR D 253 12.62 27.04 21.27
CA THR D 253 12.64 27.93 20.10
C THR D 253 11.23 27.98 19.46
N TYR D 254 11.02 28.92 18.52
CA TYR D 254 9.76 29.10 17.76
C TYR D 254 9.50 27.78 17.00
N ARG D 255 10.57 27.22 16.38
CA ARG D 255 10.61 25.97 15.61
C ARG D 255 10.21 24.78 16.47
N GLU D 256 10.83 24.63 17.66
CA GLU D 256 10.55 23.55 18.63
C GLU D 256 9.09 23.59 19.06
N GLY D 257 8.57 24.80 19.35
CA GLY D 257 7.18 25.03 19.73
C GLY D 257 6.22 24.56 18.65
N LEU D 258 6.56 24.88 17.36
CA LEU D 258 5.79 24.48 16.19
C LEU D 258 5.89 22.98 15.97
N TYR D 259 7.08 22.36 16.19
CA TYR D 259 7.31 20.93 16.05
C TYR D 259 6.46 20.10 17.03
N ILE D 260 6.41 20.53 18.32
CA ILE D 260 5.63 19.90 19.41
C ILE D 260 4.15 19.79 18.97
N THR D 261 3.58 20.95 18.59
CA THR D 261 2.20 21.16 18.16
C THR D 261 1.89 20.45 16.83
N GLU D 262 2.84 20.43 15.86
CA GLU D 262 2.67 19.73 14.56
C GLU D 262 2.53 18.24 14.80
N GLU D 263 3.36 17.68 15.71
CA GLU D 263 3.38 16.28 16.09
C GLU D 263 2.11 15.86 16.84
N ILE D 264 1.56 16.77 17.68
CA ILE D 264 0.32 16.57 18.44
C ILE D 264 -0.87 16.52 17.46
N TYR D 265 -0.93 17.44 16.45
CA TYR D 265 -2.00 17.45 15.45
C TYR D 265 -2.06 16.13 14.67
N LYS D 266 -0.89 15.68 14.15
CA LYS D 266 -0.66 14.47 13.35
C LYS D 266 -1.18 13.17 13.99
N THR D 267 -1.30 13.12 15.35
CA THR D 267 -1.84 11.96 16.09
C THR D 267 -3.36 11.86 15.85
N GLY D 268 -3.99 13.03 15.64
CA GLY D 268 -5.42 13.19 15.42
C GLY D 268 -6.21 12.91 16.68
N LEU D 269 -5.55 13.07 17.85
CA LEU D 269 -6.12 12.79 19.17
C LEU D 269 -6.21 14.02 20.10
N LEU D 270 -5.83 15.25 19.61
CA LEU D 270 -5.91 16.50 20.38
C LEU D 270 -7.40 16.69 20.70
N SER D 271 -7.70 16.82 21.98
CA SER D 271 -9.04 16.95 22.50
C SER D 271 -9.26 18.18 23.39
N GLY D 272 -8.19 18.66 24.02
CA GLY D 272 -8.19 19.83 24.90
C GLY D 272 -6.94 20.66 24.67
N LEU D 273 -7.10 21.99 24.60
CA LEU D 273 -6.01 22.94 24.39
C LEU D 273 -6.16 24.19 25.25
N ASP D 274 -5.03 24.60 25.87
CA ASP D 274 -4.91 25.79 26.72
C ASP D 274 -3.78 26.65 26.17
N ILE D 275 -4.06 27.95 25.95
CA ILE D 275 -3.08 28.95 25.46
C ILE D 275 -3.08 29.94 26.60
N MET D 276 -2.12 29.73 27.51
CA MET D 276 -1.98 30.48 28.76
C MET D 276 -0.77 31.38 28.89
N GLU D 277 -0.89 32.31 29.86
CA GLU D 277 0.04 33.32 30.38
C GLU D 277 0.40 34.46 29.39
N VAL D 278 -0.45 34.73 28.37
CA VAL D 278 -0.21 35.84 27.42
C VAL D 278 -0.69 37.09 28.19
N ASN D 279 0.27 37.93 28.62
CA ASN D 279 -0.03 39.17 29.35
C ASN D 279 0.33 40.36 28.43
N PRO D 280 -0.68 40.95 27.72
CA PRO D 280 -0.40 42.09 26.81
C PRO D 280 0.02 43.43 27.46
N SER D 281 0.10 43.49 28.80
CA SER D 281 0.52 44.71 29.51
C SER D 281 1.98 44.61 30.02
N LEU D 282 2.65 43.44 29.82
CA LEU D 282 4.03 43.20 30.28
C LEU D 282 5.11 43.28 29.17
N GLY D 283 4.73 43.78 27.99
CA GLY D 283 5.64 43.97 26.87
C GLY D 283 6.39 45.28 27.08
N LYS D 284 7.75 45.23 27.06
CA LYS D 284 8.66 46.39 27.22
C LYS D 284 8.50 47.45 26.10
N THR D 285 7.96 47.03 24.94
CA THR D 285 7.66 47.81 23.74
C THR D 285 6.34 47.26 23.12
N PRO D 286 5.49 48.06 22.39
CA PRO D 286 4.26 47.49 21.78
C PRO D 286 4.51 46.32 20.81
N GLU D 287 5.72 46.24 20.19
CA GLU D 287 6.16 45.17 19.28
C GLU D 287 6.29 43.84 20.05
N GLU D 288 6.82 43.88 21.30
CA GLU D 288 7.00 42.70 22.18
C GLU D 288 5.66 42.02 22.47
N VAL D 289 4.58 42.82 22.58
CA VAL D 289 3.18 42.40 22.82
C VAL D 289 2.71 41.67 21.54
N THR D 290 2.78 42.32 20.34
CA THR D 290 2.37 41.76 19.04
C THR D 290 3.13 40.47 18.74
N ARG D 291 4.46 40.44 19.02
CA ARG D 291 5.36 39.29 18.83
C ARG D 291 4.86 38.07 19.63
N THR D 292 4.49 38.26 20.92
CA THR D 292 3.98 37.23 21.84
C THR D 292 2.67 36.63 21.31
N VAL D 293 1.71 37.51 20.95
CA VAL D 293 0.38 37.16 20.43
C VAL D 293 0.54 36.42 19.08
N ASN D 294 1.40 36.93 18.15
CA ASN D 294 1.67 36.28 16.85
C ASN D 294 2.28 34.88 17.03
N THR D 295 3.15 34.71 18.04
CA THR D 295 3.79 33.43 18.38
C THR D 295 2.69 32.50 18.92
N ALA D 296 1.86 32.99 19.90
CA ALA D 296 0.76 32.23 20.51
C ALA D 296 -0.28 31.78 19.47
N VAL D 297 -0.60 32.65 18.47
CA VAL D 297 -1.54 32.38 17.35
C VAL D 297 -0.94 31.26 16.48
N ALA D 298 0.36 31.36 16.10
CA ALA D 298 1.10 30.37 15.30
C ALA D 298 1.08 28.97 15.93
N ILE D 299 1.33 28.88 17.27
CA ILE D 299 1.32 27.66 18.08
C ILE D 299 -0.08 27.02 17.96
N THR D 300 -1.15 27.85 18.14
CA THR D 300 -2.57 27.46 18.05
C THR D 300 -2.91 26.93 16.65
N LEU D 301 -2.46 27.62 15.58
CA LEU D 301 -2.72 27.21 14.18
C LEU D 301 -2.14 25.83 13.86
N ALA D 302 -0.93 25.54 14.39
CA ALA D 302 -0.21 24.27 14.22
C ALA D 302 -0.94 23.12 14.95
N CYS D 303 -1.67 23.44 16.05
CA CYS D 303 -2.47 22.48 16.84
C CYS D 303 -3.67 21.98 16.02
N PHE D 304 -4.14 22.76 15.00
CA PHE D 304 -5.30 22.40 14.20
C PHE D 304 -5.02 22.20 12.68
N GLY D 305 -3.82 21.73 12.34
CA GLY D 305 -3.49 21.41 10.95
C GLY D 305 -2.46 22.16 10.17
N LEU D 306 -2.13 23.43 10.55
CA LEU D 306 -1.15 24.23 9.83
C LEU D 306 0.25 23.63 9.93
N ALA D 307 0.72 23.10 8.78
CA ALA D 307 2.02 22.47 8.64
C ALA D 307 2.97 23.33 7.83
N ARG D 308 4.24 23.36 8.25
CA ARG D 308 5.31 24.13 7.59
C ARG D 308 5.63 23.60 6.19
N GLU D 309 5.46 22.27 5.95
CA GLU D 309 5.68 21.64 4.64
C GLU D 309 4.63 22.09 3.59
N GLY D 310 3.48 22.58 4.09
CA GLY D 310 2.35 23.05 3.31
C GLY D 310 1.08 22.30 3.58
N ASN D 311 -0.04 22.83 3.06
CA ASN D 311 -1.40 22.28 3.18
C ASN D 311 -2.14 22.48 1.88
N HIS D 312 -2.93 21.46 1.46
CA HIS D 312 -3.74 21.54 0.24
C HIS D 312 -5.07 20.80 0.37
N LYS D 313 -6.13 21.36 -0.24
CA LYS D 313 -7.50 20.82 -0.26
C LYS D 313 -7.53 19.54 -1.15
N PRO D 314 -8.49 18.56 -0.97
CA PRO D 314 -8.46 17.36 -1.84
C PRO D 314 -9.05 17.61 -3.24
N ILE D 315 -8.40 18.54 -3.98
CA ILE D 315 -8.72 19.02 -5.34
C ILE D 315 -7.48 19.02 -6.26
N ASP D 316 -7.71 18.95 -7.59
CA ASP D 316 -6.65 18.97 -8.58
C ASP D 316 -6.29 20.43 -8.84
N TYR D 317 -5.15 20.86 -8.25
CA TYR D 317 -4.62 22.23 -8.36
C TYR D 317 -4.06 22.56 -9.75
N LEU D 318 -3.79 21.53 -10.59
CA LEU D 318 -3.27 21.71 -11.95
C LEU D 318 -4.41 21.70 -13.02
N ASN D 319 -5.70 21.67 -12.58
CA ASN D 319 -6.89 21.70 -13.44
C ASN D 319 -8.03 22.54 -12.87
N SER E 2 29.96 20.25 52.77
CA SER E 2 29.44 20.06 51.41
C SER E 2 30.21 18.98 50.64
N ALA E 3 29.57 18.41 49.58
CA ALA E 3 30.12 17.37 48.68
C ALA E 3 31.35 17.88 47.93
N LYS E 4 32.27 16.94 47.52
CA LYS E 4 33.53 17.20 46.81
C LYS E 4 33.32 18.06 45.53
N SER E 5 32.24 17.77 44.75
CA SER E 5 31.85 18.47 43.52
C SER E 5 31.27 19.88 43.78
N ARG E 6 30.97 20.21 45.07
CA ARG E 6 30.43 21.50 45.51
C ARG E 6 31.43 22.28 46.43
N THR E 7 32.62 21.69 46.73
CA THR E 7 33.67 22.32 47.56
C THR E 7 34.49 23.19 46.60
N ILE E 8 34.39 24.53 46.75
CA ILE E 8 35.02 25.55 45.88
C ILE E 8 36.03 26.45 46.62
N GLY E 9 37.08 26.81 45.87
CA GLY E 9 38.17 27.72 46.25
C GLY E 9 38.28 28.75 45.15
N ILE E 10 37.63 29.91 45.35
CA ILE E 10 37.56 31.03 44.39
C ILE E 10 38.87 31.86 44.42
N ILE E 11 39.41 32.15 43.22
CA ILE E 11 40.61 32.95 42.96
C ILE E 11 40.25 34.02 41.91
N GLY E 12 40.49 35.28 42.27
CA GLY E 12 40.27 36.44 41.42
C GLY E 12 41.56 36.73 40.67
N ALA E 13 41.48 36.79 39.33
CA ALA E 13 42.64 37.06 38.46
C ALA E 13 42.45 38.40 37.65
N PRO E 14 42.61 39.60 38.31
CA PRO E 14 42.42 40.87 37.57
C PRO E 14 43.64 41.19 36.69
N PHE E 15 43.67 40.56 35.50
CA PHE E 15 44.74 40.70 34.50
C PHE E 15 44.24 40.93 33.08
N SER E 16 44.91 41.85 32.34
CA SER E 16 44.56 42.24 30.97
C SER E 16 45.68 42.26 29.92
N LYS E 17 46.96 42.32 30.34
CA LYS E 17 48.15 42.43 29.47
C LYS E 17 48.40 41.22 28.48
N GLY E 18 47.50 40.24 28.45
CA GLY E 18 47.56 39.09 27.54
C GLY E 18 46.89 39.37 26.21
N GLN E 19 46.21 40.54 26.10
CA GLN E 19 45.48 41.09 24.94
C GLN E 19 45.49 42.66 24.93
N PRO E 20 45.20 43.39 23.80
CA PRO E 20 45.29 44.87 23.86
C PRO E 20 44.01 45.65 24.26
N ARG E 21 42.88 44.96 24.55
CA ARG E 21 41.62 45.62 24.94
C ARG E 21 41.48 45.74 26.46
N GLY E 22 41.52 46.99 26.94
CA GLY E 22 41.40 47.33 28.36
C GLY E 22 40.00 47.13 28.89
N GLY E 23 39.90 46.51 30.08
CA GLY E 23 38.64 46.23 30.76
C GLY E 23 38.41 44.84 31.29
N VAL E 24 39.12 43.81 30.73
CA VAL E 24 38.99 42.39 31.12
C VAL E 24 39.53 42.17 32.58
N GLU E 25 40.35 43.13 33.11
CA GLU E 25 40.89 43.13 34.47
C GLU E 25 39.75 43.37 35.48
N GLU E 26 38.66 44.05 35.04
CA GLU E 26 37.45 44.35 35.81
C GLU E 26 36.43 43.18 35.80
N GLY E 27 36.84 42.05 35.18
CA GLY E 27 36.10 40.80 35.06
C GLY E 27 35.73 40.18 36.39
N PRO E 28 36.69 39.87 37.33
CA PRO E 28 36.29 39.30 38.65
C PRO E 28 35.43 40.25 39.49
N THR E 29 35.66 41.59 39.37
CA THR E 29 34.98 42.69 40.05
C THR E 29 33.45 42.63 39.85
N VAL E 30 32.99 42.64 38.57
CA VAL E 30 31.57 42.60 38.18
C VAL E 30 30.97 41.21 38.48
N LEU E 31 31.76 40.11 38.30
CA LEU E 31 31.35 38.72 38.60
C LEU E 31 31.01 38.55 40.09
N ARG E 32 31.79 39.23 40.98
CA ARG E 32 31.61 39.26 42.44
C ARG E 32 30.41 40.14 42.79
N LYS E 33 30.25 41.30 42.09
CA LYS E 33 29.16 42.28 42.24
C LYS E 33 27.79 41.68 41.90
N ALA E 34 27.76 40.69 40.97
CA ALA E 34 26.56 39.95 40.54
C ALA E 34 26.04 39.04 41.67
N GLY E 35 26.92 38.73 42.63
CA GLY E 35 26.67 37.91 43.80
C GLY E 35 26.92 36.43 43.60
N LEU E 36 28.00 36.08 42.82
CA LEU E 36 28.41 34.71 42.49
C LEU E 36 28.69 33.85 43.72
N LEU E 37 29.46 34.37 44.71
CA LEU E 37 29.80 33.69 45.97
C LEU E 37 28.53 33.37 46.75
N GLU E 38 27.63 34.38 46.90
CA GLU E 38 26.33 34.33 47.58
C GLU E 38 25.41 33.30 46.92
N LYS E 39 25.29 33.33 45.55
CA LYS E 39 24.49 32.43 44.73
C LYS E 39 24.98 30.99 44.83
N LEU E 40 26.33 30.78 44.90
CA LEU E 40 26.96 29.47 45.06
C LEU E 40 26.68 28.90 46.45
N LYS E 41 26.74 29.74 47.52
CA LYS E 41 26.47 29.37 48.93
C LYS E 41 25.02 28.89 49.10
N GLU E 42 24.07 29.51 48.35
CA GLU E 42 22.62 29.22 48.32
C GLU E 42 22.32 27.87 47.61
N GLN E 43 23.34 27.32 46.91
CA GLN E 43 23.33 26.08 46.13
C GLN E 43 24.06 24.91 46.87
N GLU E 44 24.16 24.99 48.23
CA GLU E 44 24.78 24.02 49.16
C GLU E 44 26.29 23.77 48.82
N CYS E 45 27.02 24.89 48.55
CA CYS E 45 28.45 24.89 48.21
C CYS E 45 29.33 25.43 49.34
N ASP E 46 30.49 24.77 49.56
CA ASP E 46 31.49 25.16 50.56
C ASP E 46 32.44 26.11 49.79
N VAL E 47 32.11 27.41 49.84
CA VAL E 47 32.82 28.49 49.16
C VAL E 47 33.80 29.22 50.10
N LYS E 48 35.10 29.20 49.71
CA LYS E 48 36.22 29.86 50.38
C LYS E 48 36.82 30.84 49.38
N ASP E 49 36.96 32.10 49.82
CA ASP E 49 37.51 33.17 49.00
C ASP E 49 38.99 33.42 49.30
N TYR E 50 39.84 33.10 48.31
CA TYR E 50 41.30 33.26 48.35
C TYR E 50 41.71 34.67 47.85
N GLY E 51 40.71 35.51 47.59
CA GLY E 51 40.81 36.89 47.13
C GLY E 51 41.29 37.08 45.71
N ASP E 52 41.56 38.35 45.37
CA ASP E 52 42.06 38.81 44.07
C ASP E 52 43.58 38.92 44.19
N LEU E 53 44.31 38.24 43.27
CA LEU E 53 45.77 38.23 43.22
C LEU E 53 46.37 39.62 42.93
N PRO E 54 47.38 40.08 43.73
CA PRO E 54 47.95 41.41 43.46
C PRO E 54 49.02 41.34 42.36
N PHE E 55 48.60 41.67 41.11
CA PHE E 55 49.47 41.66 39.94
C PHE E 55 50.19 43.01 39.82
N ALA E 56 51.45 43.05 40.26
CA ALA E 56 52.31 44.23 40.26
C ALA E 56 52.72 44.59 38.83
N ASP E 57 52.63 45.90 38.51
CA ASP E 57 52.98 46.49 37.21
C ASP E 57 54.48 46.34 36.95
N ILE E 58 54.83 45.73 35.80
CA ILE E 58 56.21 45.48 35.38
C ILE E 58 56.63 46.54 34.32
N PRO E 59 57.40 47.60 34.70
CA PRO E 59 57.82 48.60 33.70
C PRO E 59 58.99 48.10 32.84
N ASN E 60 59.20 48.74 31.67
CA ASN E 60 60.23 48.45 30.64
C ASN E 60 60.09 47.00 30.07
N ASP E 61 58.84 46.46 30.09
CA ASP E 61 58.48 45.12 29.60
C ASP E 61 58.37 45.15 28.06
N SER E 62 59.55 45.21 27.41
CA SER E 62 59.77 45.25 25.96
C SER E 62 59.24 43.97 25.28
N PRO E 63 58.62 44.06 24.05
CA PRO E 63 58.11 42.84 23.41
C PRO E 63 59.17 41.87 22.88
N PHE E 64 58.90 40.56 23.03
CA PHE E 64 59.75 39.47 22.54
C PHE E 64 59.29 39.28 21.10
N GLN E 65 60.08 39.81 20.13
CA GLN E 65 59.86 39.81 18.67
C GLN E 65 58.57 40.62 18.36
N ILE E 66 57.37 39.98 18.42
CA ILE E 66 56.04 40.57 18.18
C ILE E 66 55.12 40.33 19.43
N VAL E 67 55.49 39.33 20.28
CA VAL E 67 54.82 38.90 21.51
C VAL E 67 54.87 40.04 22.55
N LYS E 68 53.72 40.72 22.79
CA LYS E 68 53.54 41.85 23.71
C LYS E 68 53.37 41.45 25.18
N ASN E 69 53.95 42.29 26.08
CA ASN E 69 53.98 42.19 27.54
C ASN E 69 54.41 40.74 28.03
N PRO E 70 55.58 40.15 27.59
CA PRO E 70 55.92 38.78 28.02
C PRO E 70 56.12 38.56 29.52
N ARG E 71 56.91 39.43 30.19
CA ARG E 71 57.21 39.37 31.63
C ARG E 71 55.98 39.47 32.52
N SER E 72 54.99 40.31 32.12
CA SER E 72 53.72 40.54 32.83
C SER E 72 52.82 39.29 32.81
N VAL E 73 52.66 38.67 31.62
CA VAL E 73 51.86 37.46 31.36
C VAL E 73 52.46 36.23 32.08
N GLY E 74 53.79 36.08 31.98
CA GLY E 74 54.56 35.00 32.59
C GLY E 74 54.45 34.97 34.10
N LYS E 75 54.63 36.15 34.75
CA LYS E 75 54.55 36.35 36.21
C LYS E 75 53.13 36.17 36.73
N ALA E 76 52.11 36.69 35.99
CA ALA E 76 50.67 36.58 36.33
C ALA E 76 50.27 35.10 36.40
N SER E 77 50.73 34.29 35.39
CA SER E 77 50.49 32.85 35.31
C SER E 77 51.33 32.14 36.38
N GLU E 78 52.57 32.63 36.70
CA GLU E 78 53.45 32.06 37.73
C GLU E 78 52.79 32.19 39.12
N GLN E 79 52.23 33.38 39.42
CA GLN E 79 51.52 33.74 40.64
C GLN E 79 50.25 32.90 40.79
N LEU E 80 49.44 32.79 39.70
CA LEU E 80 48.18 32.02 39.66
C LEU E 80 48.44 30.52 39.85
N ALA E 81 49.55 29.98 39.25
CA ALA E 81 49.95 28.57 39.37
C ALA E 81 50.13 28.14 40.84
N GLY E 82 50.86 28.96 41.61
CA GLY E 82 51.12 28.76 43.03
C GLY E 82 49.85 28.81 43.87
N LYS E 83 48.89 29.71 43.48
CA LYS E 83 47.61 29.91 44.15
C LYS E 83 46.64 28.76 43.85
N VAL E 84 46.58 28.27 42.57
CA VAL E 84 45.72 27.14 42.13
C VAL E 84 46.16 25.87 42.88
N ALA E 85 47.51 25.61 42.91
CA ALA E 85 48.16 24.47 43.59
C ALA E 85 47.81 24.46 45.09
N GLU E 86 47.83 25.65 45.75
CA GLU E 86 47.50 25.88 47.17
C GLU E 86 46.02 25.49 47.43
N VAL E 87 45.09 25.96 46.55
CA VAL E 87 43.64 25.71 46.58
C VAL E 87 43.37 24.20 46.44
N LYS E 88 44.06 23.54 45.49
CA LYS E 88 43.98 22.11 45.20
C LYS E 88 44.47 21.24 46.36
N LYS E 89 45.55 21.69 47.05
CA LYS E 89 46.15 21.04 48.23
C LYS E 89 45.20 21.08 49.44
N ASN E 90 44.28 22.08 49.46
CA ASN E 90 43.25 22.29 50.49
C ASN E 90 41.93 21.51 50.18
N GLY E 91 41.98 20.66 49.13
CA GLY E 91 40.89 19.80 48.66
C GLY E 91 39.67 20.51 48.11
N ARG E 92 39.87 21.68 47.47
CA ARG E 92 38.82 22.52 46.87
C ARG E 92 38.98 22.63 45.37
N ILE E 93 37.85 22.79 44.64
CA ILE E 93 37.82 22.98 43.18
C ILE E 93 38.25 24.42 42.97
N SER E 94 39.31 24.61 42.15
CA SER E 94 39.84 25.93 41.82
C SER E 94 38.91 26.62 40.84
N LEU E 95 38.47 27.84 41.18
CA LEU E 95 37.60 28.67 40.36
C LEU E 95 38.29 30.00 40.09
N VAL E 96 38.88 30.09 38.89
CA VAL E 96 39.63 31.26 38.41
C VAL E 96 38.66 32.20 37.68
N LEU E 97 38.53 33.43 38.22
CA LEU E 97 37.69 34.48 37.66
C LEU E 97 38.62 35.38 36.86
N GLY E 98 38.45 35.33 35.56
CA GLY E 98 39.24 36.09 34.60
C GLY E 98 38.68 37.47 34.29
N GLY E 99 39.46 38.36 33.64
CA GLY E 99 40.83 38.15 33.17
C GLY E 99 40.93 37.49 31.81
N ASP E 100 41.99 37.82 31.05
CA ASP E 100 42.21 37.25 29.72
C ASP E 100 42.67 35.77 29.81
N HIS E 101 42.38 34.97 28.76
CA HIS E 101 42.68 33.54 28.68
C HIS E 101 44.18 33.12 28.74
N SER E 102 45.15 34.08 28.79
CA SER E 102 46.59 33.72 28.89
C SER E 102 46.88 33.09 30.27
N LEU E 103 46.08 33.46 31.30
CA LEU E 103 46.11 32.97 32.68
C LEU E 103 45.86 31.44 32.79
N ALA E 104 45.35 30.79 31.69
CA ALA E 104 45.11 29.35 31.59
C ALA E 104 46.41 28.55 31.67
N ILE E 105 47.60 29.22 31.40
CA ILE E 105 48.96 28.65 31.50
C ILE E 105 49.11 28.31 32.99
N GLY E 106 48.96 29.33 33.85
CA GLY E 106 49.05 29.23 35.30
C GLY E 106 48.04 28.30 35.95
N SER E 107 46.74 28.50 35.62
CA SER E 107 45.63 27.70 36.15
C SER E 107 45.78 26.19 35.89
N ILE E 108 46.14 25.78 34.65
CA ILE E 108 46.32 24.36 34.29
C ILE E 108 47.63 23.85 34.93
N SER E 109 48.77 24.63 34.83
CA SER E 109 50.08 24.28 35.40
C SER E 109 50.01 24.02 36.90
N GLY E 110 49.33 24.91 37.62
CA GLY E 110 49.13 24.85 39.07
C GLY E 110 48.30 23.65 39.50
N HIS E 111 47.23 23.36 38.73
CA HIS E 111 46.31 22.25 38.94
C HIS E 111 47.04 20.92 38.64
N ALA E 112 47.94 20.92 37.63
CA ALA E 112 48.75 19.77 37.22
C ALA E 112 49.81 19.37 38.26
N ARG E 113 50.25 20.33 39.11
CA ARG E 113 51.24 20.13 40.19
C ARG E 113 50.67 19.19 41.26
N VAL E 114 49.33 19.24 41.49
CA VAL E 114 48.57 18.43 42.47
C VAL E 114 47.89 17.23 41.75
N HIS E 115 47.39 17.43 40.50
CA HIS E 115 46.73 16.40 39.68
C HIS E 115 47.41 16.28 38.28
N PRO E 116 48.52 15.49 38.11
CA PRO E 116 49.17 15.41 36.78
C PRO E 116 48.41 14.63 35.69
N ASP E 117 47.41 13.81 36.08
CA ASP E 117 46.59 12.97 35.21
C ASP E 117 45.30 13.67 34.68
N LEU E 118 45.14 14.99 34.93
CA LEU E 118 43.98 15.81 34.53
C LEU E 118 43.71 15.83 33.01
N GLY E 119 42.44 16.00 32.67
CA GLY E 119 41.89 16.10 31.32
C GLY E 119 41.25 17.46 31.16
N VAL E 120 41.65 18.20 30.11
CA VAL E 120 41.17 19.55 29.80
C VAL E 120 40.02 19.56 28.79
N ILE E 121 38.96 20.32 29.12
CA ILE E 121 37.78 20.61 28.31
C ILE E 121 37.92 22.12 28.12
N TRP E 122 38.22 22.51 26.87
CA TRP E 122 38.42 23.89 26.45
C TRP E 122 37.19 24.37 25.67
N VAL E 123 36.37 25.23 26.30
CA VAL E 123 35.16 25.80 25.68
C VAL E 123 35.55 27.20 25.25
N ASP E 124 35.65 27.37 23.92
CA ASP E 124 36.08 28.60 23.27
C ASP E 124 35.74 28.60 21.78
N ALA E 125 35.69 29.81 21.18
CA ALA E 125 35.46 30.03 19.75
C ALA E 125 36.81 29.83 19.02
N HIS E 126 37.91 29.90 19.78
CA HIS E 126 39.31 29.83 19.37
C HIS E 126 40.09 28.66 19.99
N THR E 127 41.18 28.24 19.33
CA THR E 127 42.06 27.16 19.77
C THR E 127 43.09 27.62 20.82
N ASP E 128 43.49 28.93 20.81
CA ASP E 128 44.50 29.53 21.74
C ASP E 128 45.81 28.69 21.80
N ILE E 129 46.14 28.02 20.67
CA ILE E 129 47.26 27.10 20.49
C ILE E 129 48.44 27.71 19.67
N ASN E 130 48.37 29.05 19.34
CA ASN E 130 49.43 29.75 18.60
C ASN E 130 50.72 29.72 19.43
N THR E 131 51.85 29.48 18.76
CA THR E 131 53.17 29.44 19.39
C THR E 131 53.70 30.90 19.36
N PRO E 132 54.76 31.32 20.15
CA PRO E 132 55.25 32.71 20.03
C PRO E 132 55.82 33.08 18.65
N LEU E 133 55.95 32.06 17.75
CA LEU E 133 56.44 32.14 16.36
C LEU E 133 55.31 32.10 15.31
N THR E 134 54.23 31.28 15.54
CA THR E 134 53.09 31.14 14.61
C THR E 134 52.08 32.30 14.73
N THR E 135 52.09 33.02 15.89
CA THR E 135 51.21 34.16 16.19
C THR E 135 51.44 35.34 15.23
N THR E 136 50.34 36.02 14.83
CA THR E 136 50.31 37.18 13.93
C THR E 136 49.97 38.46 14.69
N SER E 137 49.32 38.32 15.86
CA SER E 137 48.91 39.41 16.75
C SER E 137 49.94 39.74 17.82
N GLY E 138 50.55 38.70 18.40
CA GLY E 138 51.53 38.80 19.48
C GLY E 138 50.87 38.81 20.85
N ASN E 139 49.53 38.58 20.89
CA ASN E 139 48.71 38.54 22.10
C ASN E 139 48.75 37.13 22.67
N LEU E 140 49.25 37.01 23.92
CA LEU E 140 49.42 35.74 24.63
C LEU E 140 48.11 35.04 25.05
N HIS E 141 46.93 35.73 25.03
CA HIS E 141 45.63 35.13 25.38
C HIS E 141 45.17 34.09 24.31
N GLY E 142 45.78 34.17 23.12
CA GLY E 142 45.57 33.28 21.98
C GLY E 142 46.75 32.34 21.78
N GLN E 143 47.56 32.15 22.84
CA GLN E 143 48.76 31.32 22.93
C GLN E 143 48.87 30.36 24.17
N PRO E 144 47.93 30.26 25.18
CA PRO E 144 48.17 29.40 26.34
C PRO E 144 48.34 27.89 26.12
N VAL E 145 47.57 27.25 25.21
CA VAL E 145 47.63 25.80 24.95
C VAL E 145 49.05 25.37 24.47
N SER E 146 49.71 26.19 23.61
CA SER E 146 51.05 25.93 23.09
C SER E 146 52.12 25.76 24.18
N PHE E 147 52.07 26.60 25.23
CA PHE E 147 52.97 26.59 26.39
C PHE E 147 52.75 25.37 27.30
N LEU E 148 51.52 24.83 27.31
CA LEU E 148 51.08 23.69 28.13
C LEU E 148 51.28 22.31 27.49
N LEU E 149 51.37 22.22 26.14
CA LEU E 149 51.51 20.96 25.40
C LEU E 149 52.94 20.39 25.34
N LYS E 150 53.05 19.08 25.68
CA LYS E 150 54.28 18.28 25.71
C LYS E 150 54.86 18.04 24.32
N GLU E 151 54.00 17.93 23.28
CA GLU E 151 54.39 17.71 21.87
C GLU E 151 54.97 18.96 21.21
N LEU E 152 54.65 20.16 21.77
CA LEU E 152 55.13 21.44 21.25
C LEU E 152 56.44 21.92 21.94
N LYS E 153 57.08 21.02 22.72
CA LYS E 153 58.34 21.24 23.43
C LYS E 153 59.44 21.24 22.35
N GLY E 154 60.14 22.36 22.24
CA GLY E 154 61.20 22.61 21.26
C GLY E 154 60.74 23.63 20.22
N LYS E 155 59.40 23.76 20.06
CA LYS E 155 58.71 24.67 19.14
C LYS E 155 58.36 26.00 19.85
N ILE E 156 58.60 26.05 21.20
CA ILE E 156 58.36 27.22 22.07
C ILE E 156 59.73 27.85 22.43
N PRO E 157 60.05 29.10 21.94
CA PRO E 157 61.35 29.71 22.31
C PRO E 157 61.37 30.21 23.76
N ASP E 158 62.58 30.53 24.27
CA ASP E 158 62.78 31.03 25.63
C ASP E 158 62.30 32.50 25.73
N VAL E 159 60.99 32.64 26.03
CA VAL E 159 60.28 33.92 26.18
C VAL E 159 60.49 34.44 27.63
N PRO E 160 60.92 35.74 27.85
CA PRO E 160 61.13 36.24 29.22
C PRO E 160 59.87 36.18 30.09
N GLY E 161 60.04 35.65 31.30
CA GLY E 161 59.00 35.46 32.30
C GLY E 161 58.34 34.09 32.25
N PHE E 162 58.65 33.26 31.22
CA PHE E 162 58.11 31.91 31.00
C PHE E 162 59.13 30.76 31.25
N SER E 163 60.25 31.05 31.95
CA SER E 163 61.30 30.07 32.29
C SER E 163 60.80 28.97 33.24
N TRP E 164 59.87 29.33 34.16
CA TRP E 164 59.22 28.46 35.17
C TRP E 164 58.33 27.37 34.54
N VAL E 165 57.72 27.68 33.35
CA VAL E 165 56.79 26.84 32.55
C VAL E 165 57.43 25.48 32.20
N THR E 166 56.67 24.41 32.48
CA THR E 166 56.98 23.02 32.23
C THR E 166 55.71 22.42 31.55
N PRO E 167 55.77 21.91 30.27
CA PRO E 167 54.58 21.32 29.63
C PRO E 167 54.03 20.15 30.45
N CYS E 168 52.78 20.32 30.94
CA CYS E 168 52.09 19.38 31.82
C CYS E 168 51.06 18.46 31.15
N ILE E 169 50.53 18.82 29.97
CA ILE E 169 49.53 18.00 29.26
C ILE E 169 49.97 17.61 27.85
N SER E 170 49.49 16.43 27.38
CA SER E 170 49.74 15.89 26.05
C SER E 170 48.57 16.27 25.13
N ALA E 171 48.77 16.15 23.78
CA ALA E 171 47.79 16.45 22.72
C ALA E 171 46.46 15.68 22.92
N LYS E 172 46.55 14.45 23.46
CA LYS E 172 45.45 13.51 23.77
C LYS E 172 44.62 13.89 25.04
N ASP E 173 45.17 14.77 25.91
CA ASP E 173 44.56 15.20 27.18
C ASP E 173 43.67 16.46 27.11
N ILE E 174 43.47 17.05 25.91
CA ILE E 174 42.66 18.27 25.69
C ILE E 174 41.58 18.04 24.60
N VAL E 175 40.34 18.52 24.89
CA VAL E 175 39.16 18.46 24.00
C VAL E 175 38.59 19.88 23.87
N TYR E 176 38.50 20.36 22.61
CA TYR E 176 37.96 21.67 22.27
C TYR E 176 36.47 21.58 21.96
N ILE E 177 35.68 22.59 22.39
CA ILE E 177 34.24 22.69 22.12
C ILE E 177 33.89 24.12 21.73
N GLY E 178 33.32 24.29 20.54
CA GLY E 178 32.87 25.58 20.03
C GLY E 178 33.68 26.38 19.02
N LEU E 179 34.78 25.79 18.50
CA LEU E 179 35.70 26.40 17.53
C LEU E 179 35.00 26.90 16.27
N ARG E 180 35.38 28.11 15.81
CA ARG E 180 34.83 28.80 14.63
C ARG E 180 35.77 29.89 14.06
N ASP E 181 36.87 30.21 14.80
CA ASP E 181 37.89 31.20 14.42
C ASP E 181 39.27 30.66 14.80
N VAL E 182 39.74 29.72 13.98
CA VAL E 182 41.03 29.03 14.13
C VAL E 182 41.97 29.57 13.05
N ASP E 183 43.13 30.14 13.47
CA ASP E 183 44.16 30.72 12.58
C ASP E 183 44.84 29.63 11.71
N PRO E 184 45.42 29.93 10.50
CA PRO E 184 46.06 28.86 9.69
C PRO E 184 47.12 28.05 10.43
N GLY E 185 47.98 28.73 11.20
CA GLY E 185 49.03 28.13 12.03
C GLY E 185 48.47 27.19 13.07
N GLU E 186 47.37 27.64 13.72
CA GLU E 186 46.62 26.92 14.75
C GLU E 186 45.94 25.66 14.22
N HIS E 187 45.36 25.74 12.99
CA HIS E 187 44.68 24.61 12.32
C HIS E 187 45.68 23.50 11.98
N TYR E 188 46.94 23.87 11.63
CA TYR E 188 48.05 22.96 11.32
C TYR E 188 48.40 22.17 12.58
N ILE E 189 48.64 22.89 13.73
CA ILE E 189 48.98 22.35 15.05
C ILE E 189 47.89 21.34 15.50
N LEU E 190 46.60 21.76 15.43
CA LEU E 190 45.41 20.97 15.79
C LEU E 190 45.34 19.62 15.03
N LYS E 191 45.57 19.64 13.69
CA LYS E 191 45.51 18.45 12.84
C LYS E 191 46.75 17.57 12.93
N THR E 192 47.98 18.16 12.92
CA THR E 192 49.25 17.40 12.99
C THR E 192 49.44 16.70 14.34
N LEU E 193 48.97 17.30 15.46
CA LEU E 193 49.08 16.69 16.80
C LEU E 193 47.92 15.71 17.11
N GLY E 194 46.89 15.74 16.26
CA GLY E 194 45.70 14.89 16.35
C GLY E 194 44.86 15.10 17.59
N ILE E 195 44.65 16.39 17.97
CA ILE E 195 43.86 16.81 19.14
C ILE E 195 42.37 16.62 18.81
N LYS E 196 41.60 16.08 19.79
CA LYS E 196 40.15 15.88 19.67
C LYS E 196 39.50 17.26 19.77
N TYR E 197 38.59 17.56 18.84
CA TYR E 197 37.89 18.84 18.78
C TYR E 197 36.48 18.72 18.26
N PHE E 198 35.63 19.63 18.75
CA PHE E 198 34.25 19.77 18.37
C PHE E 198 34.04 21.22 17.98
N SER E 199 34.27 21.51 16.68
CA SER E 199 34.07 22.86 16.13
C SER E 199 32.53 23.01 15.98
N MET E 200 32.05 24.22 15.66
CA MET E 200 30.61 24.47 15.47
C MET E 200 29.97 23.50 14.47
N THR E 201 30.76 23.06 13.44
CA THR E 201 30.39 22.09 12.39
C THR E 201 29.98 20.75 13.06
N GLU E 202 30.83 20.24 14.00
CA GLU E 202 30.63 19.00 14.77
C GLU E 202 29.43 19.12 15.72
N VAL E 203 29.27 20.31 16.37
CA VAL E 203 28.17 20.64 17.29
C VAL E 203 26.84 20.60 16.47
N ASP E 204 26.84 21.12 15.22
CA ASP E 204 25.70 21.14 14.30
C ASP E 204 25.30 19.76 13.80
N ARG E 205 26.32 18.95 13.44
CA ARG E 205 26.20 17.59 12.92
C ARG E 205 25.65 16.60 13.94
N LEU E 206 26.29 16.53 15.12
CA LEU E 206 26.00 15.60 16.19
C LEU E 206 24.96 16.05 17.22
N GLY E 207 24.93 17.35 17.52
CA GLY E 207 24.06 17.90 18.55
C GLY E 207 24.88 17.91 19.83
N ILE E 208 24.61 18.86 20.74
CA ILE E 208 25.36 19.02 22.00
C ILE E 208 25.31 17.72 22.90
N GLY E 209 24.26 16.90 22.75
CA GLY E 209 24.06 15.63 23.45
C GLY E 209 25.16 14.64 23.14
N LYS E 210 25.34 14.35 21.82
CA LYS E 210 26.36 13.45 21.28
C LYS E 210 27.77 14.02 21.50
N VAL E 211 27.93 15.38 21.44
CA VAL E 211 29.19 16.12 21.67
C VAL E 211 29.73 15.80 23.07
N MET E 212 28.89 15.98 24.12
CA MET E 212 29.25 15.72 25.53
C MET E 212 29.51 14.27 25.83
N GLU E 213 28.73 13.35 25.21
CA GLU E 213 28.85 11.89 25.32
C GLU E 213 30.24 11.49 24.79
N GLU E 214 30.63 11.99 23.59
CA GLU E 214 31.92 11.74 22.93
C GLU E 214 33.10 12.36 23.69
N THR E 215 32.95 13.63 24.18
CA THR E 215 33.95 14.39 24.94
C THR E 215 34.37 13.65 26.24
N LEU E 216 33.36 13.30 27.07
CA LEU E 216 33.53 12.63 28.36
C LEU E 216 33.99 11.17 28.20
N SER E 217 33.56 10.45 27.14
CA SER E 217 33.97 9.05 26.87
C SER E 217 35.43 8.99 26.41
N TYR E 218 35.92 10.04 25.71
CA TYR E 218 37.29 10.15 25.21
C TYR E 218 38.26 10.40 26.38
N LEU E 219 37.91 11.34 27.28
CA LEU E 219 38.72 11.73 28.45
C LEU E 219 38.61 10.79 29.66
N LEU E 220 37.39 10.28 29.95
CA LEU E 220 37.13 9.39 31.12
C LEU E 220 36.81 7.92 30.73
N GLY E 221 37.31 7.46 29.58
CA GLY E 221 37.12 6.11 29.06
C GLY E 221 37.74 5.01 29.90
N ARG E 222 39.07 4.83 29.73
CA ARG E 222 39.95 3.86 30.41
C ARG E 222 39.76 3.83 31.94
N LYS E 223 39.69 5.03 32.59
CA LYS E 223 39.51 5.26 34.03
C LYS E 223 38.99 6.69 34.34
N LYS E 224 38.51 6.91 35.60
CA LYS E 224 38.02 8.20 36.09
C LYS E 224 39.24 9.07 36.44
N ARG E 225 39.29 10.29 35.88
CA ARG E 225 40.38 11.27 36.04
C ARG E 225 39.88 12.72 36.30
N PRO E 226 40.65 13.63 37.00
CA PRO E 226 40.17 15.00 37.25
C PRO E 226 39.95 15.83 35.98
N ILE E 227 38.89 16.66 35.97
CA ILE E 227 38.50 17.52 34.84
C ILE E 227 38.82 18.99 35.10
N HIS E 228 39.45 19.65 34.11
CA HIS E 228 39.76 21.07 34.13
C HIS E 228 38.95 21.70 33.00
N LEU E 229 38.02 22.60 33.37
CA LEU E 229 37.18 23.31 32.40
C LEU E 229 37.67 24.73 32.26
N SER E 230 38.28 25.03 31.11
CA SER E 230 38.77 26.38 30.80
C SER E 230 37.69 26.95 29.87
N PHE E 231 36.78 27.75 30.47
CA PHE E 231 35.64 28.36 29.78
C PHE E 231 35.86 29.83 29.40
N ASP E 232 35.94 30.06 28.10
CA ASP E 232 36.08 31.38 27.50
C ASP E 232 34.63 31.72 27.16
N VAL E 233 34.16 32.89 27.64
CA VAL E 233 32.78 33.36 27.41
C VAL E 233 32.48 33.56 25.91
N ASP E 234 33.53 33.79 25.06
CA ASP E 234 33.34 33.95 23.61
C ASP E 234 33.01 32.62 22.91
N GLY E 235 33.02 31.48 23.65
CA GLY E 235 32.66 30.15 23.16
C GLY E 235 31.18 30.16 22.81
N LEU E 236 30.42 30.92 23.62
CA LEU E 236 28.98 31.16 23.49
C LEU E 236 28.79 32.32 22.53
N ASP E 237 27.68 32.28 21.79
CA ASP E 237 27.29 33.27 20.77
C ASP E 237 27.26 34.73 21.29
N PRO E 238 27.67 35.77 20.48
CA PRO E 238 27.62 37.17 20.95
C PRO E 238 26.25 37.69 21.41
N SER E 239 25.16 36.93 21.11
CA SER E 239 23.79 37.29 21.52
C SER E 239 23.59 37.02 23.03
N PHE E 240 24.47 36.20 23.66
CA PHE E 240 24.45 35.85 25.09
C PHE E 240 25.64 36.42 25.88
N THR E 241 26.83 36.50 25.24
CA THR E 241 28.07 37.05 25.81
C THR E 241 28.67 38.17 24.90
N PRO E 242 28.00 39.35 24.68
CA PRO E 242 28.60 40.38 23.80
C PRO E 242 29.82 41.13 24.35
N ALA E 243 29.86 41.37 25.69
CA ALA E 243 30.95 42.08 26.37
C ALA E 243 32.19 41.19 26.58
N THR E 244 32.82 40.83 25.44
CA THR E 244 34.02 39.99 25.31
C THR E 244 34.94 40.58 24.20
N GLY E 245 36.24 40.41 24.37
CA GLY E 245 37.30 40.89 23.48
C GLY E 245 37.28 40.43 22.04
N THR E 246 37.06 39.11 21.82
CA THR E 246 37.06 38.50 20.48
C THR E 246 35.72 37.75 20.21
N PRO E 247 34.56 38.48 19.99
CA PRO E 247 33.30 37.76 19.71
C PRO E 247 33.21 37.27 18.27
N VAL E 248 32.73 36.02 18.09
CA VAL E 248 32.57 35.37 16.77
C VAL E 248 31.12 34.85 16.65
N VAL E 249 30.44 35.24 15.55
CA VAL E 249 29.06 34.89 15.17
C VAL E 249 28.87 33.37 14.98
N GLY E 250 27.66 32.89 15.21
CA GLY E 250 27.27 31.49 15.08
C GLY E 250 27.90 30.60 16.14
N GLY E 251 27.81 31.06 17.39
CA GLY E 251 28.36 30.37 18.56
C GLY E 251 27.43 29.41 19.26
N LEU E 252 27.90 28.89 20.40
CA LEU E 252 27.17 27.96 21.24
C LEU E 252 26.01 28.72 21.87
N THR E 253 24.84 28.07 21.95
CA THR E 253 23.65 28.69 22.55
C THR E 253 23.80 28.70 24.08
N TYR E 254 22.93 29.49 24.76
CA TYR E 254 22.83 29.62 26.22
C TYR E 254 22.54 28.22 26.79
N ARG E 255 21.63 27.47 26.11
CA ARG E 255 21.21 26.09 26.40
C ARG E 255 22.37 25.11 26.31
N GLU E 256 23.16 25.16 25.20
CA GLU E 256 24.33 24.30 24.95
C GLU E 256 25.40 24.52 26.00
N GLY E 257 25.63 25.80 26.36
CA GLY E 257 26.57 26.24 27.38
C GLY E 257 26.21 25.65 28.72
N LEU E 258 24.89 25.69 29.05
CA LEU E 258 24.34 25.12 30.29
C LEU E 258 24.43 23.60 30.26
N TYR E 259 24.17 22.96 29.09
CA TYR E 259 24.23 21.50 28.91
C TYR E 259 25.65 20.96 29.11
N ILE E 260 26.70 21.65 28.56
CA ILE E 260 28.14 21.29 28.66
C ILE E 260 28.49 21.21 30.17
N THR E 261 28.21 22.30 30.90
CA THR E 261 28.45 22.53 32.33
C THR E 261 27.64 21.56 33.21
N GLU E 262 26.36 21.25 32.84
CA GLU E 262 25.50 20.31 33.58
C GLU E 262 26.08 18.90 33.50
N GLU E 263 26.49 18.45 32.29
CA GLU E 263 27.10 17.14 32.03
C GLU E 263 28.45 16.97 32.71
N ILE E 264 29.25 18.08 32.78
CA ILE E 264 30.56 18.11 33.46
C ILE E 264 30.33 17.93 34.97
N TYR E 265 29.33 18.63 35.57
CA TYR E 265 29.01 18.50 37.00
C TYR E 265 28.61 17.05 37.38
N LYS E 266 27.72 16.43 36.58
CA LYS E 266 27.17 15.06 36.73
C LYS E 266 28.23 13.96 36.85
N THR E 267 29.44 14.16 36.27
CA THR E 267 30.56 13.21 36.34
C THR E 267 31.14 13.14 37.77
N GLY E 268 31.02 14.26 38.51
CA GLY E 268 31.54 14.42 39.88
C GLY E 268 33.05 14.54 39.90
N LEU E 269 33.65 14.76 38.70
CA LEU E 269 35.09 14.86 38.46
C LEU E 269 35.60 16.28 38.12
N LEU E 270 34.74 17.35 38.24
CA LEU E 270 35.18 18.74 38.00
C LEU E 270 36.15 19.06 39.14
N SER E 271 37.39 19.40 38.76
CA SER E 271 38.49 19.68 39.67
C SER E 271 39.07 21.09 39.53
N GLY E 272 38.98 21.66 38.32
CA GLY E 272 39.45 22.99 37.98
C GLY E 272 38.50 23.70 37.04
N LEU E 273 38.29 25.01 37.25
CA LEU E 273 37.42 25.85 36.45
C LEU E 273 37.97 27.27 36.23
N ASP E 274 37.85 27.75 34.97
CA ASP E 274 38.26 29.07 34.50
C ASP E 274 37.07 29.72 33.79
N ILE E 275 36.72 30.95 34.20
CA ILE E 275 35.63 31.75 33.61
C ILE E 275 36.40 33.00 33.12
N MET E 276 36.80 32.95 31.84
CA MET E 276 37.65 33.95 31.17
C MET E 276 36.99 34.79 30.09
N GLU E 277 37.67 35.91 29.75
CA GLU E 277 37.43 36.95 28.74
C GLU E 277 36.17 37.83 29.00
N VAL E 278 35.73 37.96 30.28
CA VAL E 278 34.58 38.80 30.66
C VAL E 278 35.16 40.22 30.74
N ASN E 279 34.86 41.05 29.71
CA ASN E 279 35.32 42.44 29.64
C ASN E 279 34.09 43.37 29.78
N PRO E 280 33.76 43.85 31.02
CA PRO E 280 32.59 44.74 31.20
C PRO E 280 32.61 46.09 30.46
N SER E 281 33.80 46.59 30.05
CA SER E 281 33.92 47.87 29.32
C SER E 281 33.64 47.76 27.80
N LEU E 282 33.40 46.53 27.29
CA LEU E 282 33.14 46.28 25.85
C LEU E 282 31.65 46.03 25.50
N GLY E 283 30.76 46.28 26.46
CA GLY E 283 29.32 46.15 26.29
C GLY E 283 28.78 47.44 25.71
N LYS E 284 28.20 47.38 24.47
CA LYS E 284 27.62 48.51 23.71
C LYS E 284 26.56 49.31 24.47
N THR E 285 25.77 48.61 25.32
CA THR E 285 24.69 49.15 26.19
C THR E 285 24.91 48.63 27.64
N PRO E 286 24.37 49.28 28.73
CA PRO E 286 24.56 48.71 30.09
C PRO E 286 23.92 47.32 30.25
N GLU E 287 22.89 47.02 29.42
CA GLU E 287 22.14 45.76 29.34
C GLU E 287 23.07 44.63 28.85
N GLU E 288 23.92 44.90 27.82
CA GLU E 288 24.88 43.96 27.21
C GLU E 288 25.94 43.49 28.22
N VAL E 289 26.36 44.38 29.14
CA VAL E 289 27.35 44.18 30.21
C VAL E 289 26.75 43.16 31.21
N THR E 290 25.54 43.47 31.74
CA THR E 290 24.78 42.64 32.69
C THR E 290 24.44 41.27 32.10
N ARG E 291 24.08 41.21 30.79
CA ARG E 291 23.74 40.00 30.03
C ARG E 291 24.90 39.00 30.02
N THR E 292 26.15 39.47 29.69
CA THR E 292 27.41 38.70 29.64
C THR E 292 27.75 38.11 31.03
N VAL E 293 27.68 38.97 32.07
CA VAL E 293 27.96 38.65 33.47
C VAL E 293 26.94 37.61 33.97
N ASN E 294 25.61 37.82 33.75
CA ASN E 294 24.54 36.89 34.14
C ASN E 294 24.69 35.53 33.48
N THR E 295 25.08 35.51 32.18
CA THR E 295 25.33 34.28 31.39
C THR E 295 26.50 33.53 32.05
N ALA E 296 27.63 34.25 32.32
CA ALA E 296 28.84 33.72 32.97
C ALA E 296 28.53 33.16 34.36
N VAL E 297 27.66 33.85 35.15
CA VAL E 297 27.22 33.45 36.51
C VAL E 297 26.44 32.11 36.39
N ALA E 298 25.44 32.05 35.45
CA ALA E 298 24.60 30.88 35.15
C ALA E 298 25.47 29.67 34.73
N ILE E 299 26.54 29.91 33.92
CA ILE E 299 27.50 28.90 33.44
C ILE E 299 28.23 28.32 34.68
N THR E 300 28.76 29.21 35.56
CA THR E 300 29.48 28.89 36.81
C THR E 300 28.59 28.10 37.78
N LEU E 301 27.32 28.52 37.99
CA LEU E 301 26.37 27.84 38.88
C LEU E 301 26.03 26.42 38.41
N ALA E 302 25.93 26.21 37.08
CA ALA E 302 25.66 24.90 36.45
C ALA E 302 26.82 23.92 36.65
N CYS E 303 28.07 24.45 36.75
CA CYS E 303 29.31 23.68 37.00
C CYS E 303 29.31 23.06 38.40
N PHE E 304 28.60 23.71 39.38
CA PHE E 304 28.57 23.26 40.77
C PHE E 304 27.18 22.76 41.26
N GLY E 305 26.37 22.22 40.33
CA GLY E 305 25.09 21.63 40.69
C GLY E 305 23.76 22.15 40.21
N LEU E 306 23.66 23.46 39.87
CA LEU E 306 22.41 24.05 39.40
C LEU E 306 21.95 23.42 38.09
N ALA E 307 20.84 22.68 38.19
CA ALA E 307 20.21 21.96 37.10
C ALA E 307 18.88 22.58 36.71
N ARG E 308 18.60 22.60 35.39
CA ARG E 308 17.38 23.14 34.81
C ARG E 308 16.12 22.32 35.16
N GLU E 309 16.29 21.00 35.43
CA GLU E 309 15.17 20.13 35.83
C GLU E 309 14.70 20.42 37.27
N GLY E 310 15.56 21.09 38.03
CA GLY E 310 15.38 21.47 39.42
C GLY E 310 16.44 20.90 40.33
N ASN E 311 16.44 21.37 41.59
CA ASN E 311 17.33 20.98 42.67
C ASN E 311 16.53 20.95 43.96
N HIS E 312 16.80 19.96 44.82
CA HIS E 312 16.14 19.80 46.11
C HIS E 312 17.09 19.24 47.17
N LYS E 313 16.93 19.73 48.41
CA LYS E 313 17.71 19.35 49.60
C LYS E 313 17.36 17.88 50.01
N PRO E 314 18.24 17.08 50.69
CA PRO E 314 17.86 15.69 51.04
C PRO E 314 16.89 15.58 52.24
N ILE E 315 15.69 16.19 52.09
CA ILE E 315 14.57 16.27 53.04
C ILE E 315 13.23 15.94 52.33
N ASP E 316 12.21 15.51 53.12
CA ASP E 316 10.88 15.18 52.63
C ASP E 316 10.07 16.49 52.60
N TYR E 317 9.88 17.04 51.38
CA TYR E 317 9.13 18.30 51.12
C TYR E 317 7.62 18.17 51.29
N LEU E 318 7.06 16.94 51.13
CA LEU E 318 5.63 16.66 51.27
C LEU E 318 5.16 16.52 52.74
N ASN E 319 6.11 16.49 53.70
CA ASN E 319 5.87 16.38 55.14
C ASN E 319 6.38 17.62 55.89
N SER F 2 -32.50 -61.82 -24.20
CA SER F 2 -31.67 -61.06 -23.26
C SER F 2 -32.47 -60.48 -22.07
N ALA F 3 -31.76 -59.85 -21.07
CA ALA F 3 -32.31 -59.24 -19.85
C ALA F 3 -33.41 -58.20 -20.13
N LYS F 4 -34.39 -58.09 -19.19
CA LYS F 4 -35.57 -57.18 -19.23
C LYS F 4 -35.17 -55.75 -19.60
N SER F 5 -34.13 -55.19 -18.93
CA SER F 5 -33.57 -53.85 -19.13
C SER F 5 -32.90 -53.63 -20.52
N ARG F 6 -32.72 -54.72 -21.30
CA ARG F 6 -32.11 -54.70 -22.64
C ARG F 6 -33.05 -55.29 -23.74
N THR F 7 -34.35 -55.54 -23.41
CA THR F 7 -35.36 -56.06 -24.35
C THR F 7 -36.13 -54.82 -24.84
N ILE F 8 -35.94 -54.46 -26.14
CA ILE F 8 -36.49 -53.26 -26.79
C ILE F 8 -37.44 -53.54 -27.97
N GLY F 9 -38.43 -52.65 -28.13
CA GLY F 9 -39.44 -52.61 -29.18
C GLY F 9 -39.44 -51.22 -29.79
N ILE F 10 -38.67 -51.06 -30.91
CA ILE F 10 -38.50 -49.80 -31.66
C ILE F 10 -39.79 -49.40 -32.38
N ILE F 11 -40.21 -48.14 -32.20
CA ILE F 11 -41.39 -47.55 -32.83
C ILE F 11 -40.93 -46.24 -33.49
N GLY F 12 -41.07 -46.19 -34.80
CA GLY F 12 -40.75 -45.02 -35.62
C GLY F 12 -41.97 -44.12 -35.65
N ALA F 13 -41.80 -42.85 -35.24
CA ALA F 13 -42.89 -41.87 -35.22
C ALA F 13 -42.61 -40.64 -36.14
N PRO F 14 -42.73 -40.80 -37.51
CA PRO F 14 -42.45 -39.66 -38.42
C PRO F 14 -43.61 -38.64 -38.46
N PHE F 15 -43.62 -37.72 -37.47
CA PHE F 15 -44.65 -36.69 -37.31
C PHE F 15 -44.07 -35.32 -36.96
N SER F 16 -44.52 -34.25 -37.67
CA SER F 16 -44.05 -32.87 -37.49
C SER F 16 -45.13 -31.81 -37.18
N LYS F 17 -46.41 -32.08 -37.51
CA LYS F 17 -47.58 -31.19 -37.35
C LYS F 17 -47.91 -30.72 -35.89
N GLY F 18 -47.05 -31.05 -34.92
CA GLY F 18 -47.18 -30.64 -33.51
C GLY F 18 -46.47 -29.32 -33.23
N GLN F 19 -45.72 -28.81 -34.25
CA GLN F 19 -44.92 -27.57 -34.28
C GLN F 19 -44.82 -27.01 -35.75
N PRO F 20 -44.45 -25.71 -36.02
CA PRO F 20 -44.43 -25.24 -37.42
C PRO F 20 -43.12 -25.45 -38.22
N ARG F 21 -42.03 -25.94 -37.59
CA ARG F 21 -40.73 -26.16 -38.27
C ARG F 21 -40.61 -27.57 -38.86
N GLY F 22 -40.65 -27.63 -40.19
CA GLY F 22 -40.55 -28.86 -40.98
C GLY F 22 -39.19 -29.52 -40.91
N GLY F 23 -39.20 -30.86 -40.90
CA GLY F 23 -37.99 -31.67 -40.85
C GLY F 23 -37.85 -32.62 -39.67
N VAL F 24 -38.62 -32.39 -38.56
CA VAL F 24 -38.56 -33.21 -37.34
C VAL F 24 -39.17 -34.64 -37.62
N GLU F 25 -40.00 -34.78 -38.69
CA GLU F 25 -40.59 -36.05 -39.13
C GLU F 25 -39.50 -37.00 -39.69
N GLU F 26 -38.35 -36.44 -40.13
CA GLU F 26 -37.20 -37.16 -40.69
C GLU F 26 -36.26 -37.72 -39.58
N GLY F 27 -36.60 -37.44 -38.31
CA GLY F 27 -35.91 -37.90 -37.10
C GLY F 27 -35.71 -39.41 -37.04
N PRO F 28 -36.79 -40.28 -37.13
CA PRO F 28 -36.56 -41.75 -37.09
C PRO F 28 -35.66 -42.29 -38.20
N THR F 29 -35.78 -41.77 -39.45
CA THR F 29 -35.02 -42.15 -40.64
C THR F 29 -33.50 -41.93 -40.45
N VAL F 30 -33.08 -40.72 -40.00
CA VAL F 30 -31.67 -40.34 -39.78
C VAL F 30 -31.13 -41.10 -38.53
N LEU F 31 -31.99 -41.36 -37.50
CA LEU F 31 -31.61 -42.13 -36.29
C LEU F 31 -31.30 -43.58 -36.68
N ARG F 32 -32.12 -44.17 -37.60
CA ARG F 32 -31.96 -45.54 -38.14
C ARG F 32 -30.70 -45.63 -39.02
N LYS F 33 -30.44 -44.58 -39.84
CA LYS F 33 -29.29 -44.46 -40.75
C LYS F 33 -27.94 -44.36 -40.01
N ALA F 34 -27.96 -43.91 -38.72
CA ALA F 34 -26.79 -43.80 -37.84
C ALA F 34 -26.36 -45.17 -37.27
N GLY F 35 -27.18 -46.19 -37.53
CA GLY F 35 -26.99 -47.58 -37.11
C GLY F 35 -27.41 -47.88 -35.70
N LEU F 36 -28.41 -47.13 -35.17
CA LEU F 36 -28.97 -47.25 -33.83
C LEU F 36 -29.39 -48.67 -33.45
N LEU F 37 -30.21 -49.34 -34.32
CA LEU F 37 -30.69 -50.71 -34.13
C LEU F 37 -29.54 -51.72 -34.10
N GLU F 38 -28.54 -51.55 -34.99
CA GLU F 38 -27.33 -52.40 -35.09
C GLU F 38 -26.45 -52.22 -33.84
N LYS F 39 -26.21 -50.95 -33.41
CA LYS F 39 -25.42 -50.57 -32.23
C LYS F 39 -26.02 -51.12 -30.93
N LEU F 40 -27.37 -51.21 -30.86
CA LEU F 40 -28.09 -51.76 -29.70
C LEU F 40 -27.91 -53.28 -29.63
N LYS F 41 -28.04 -54.01 -30.78
CA LYS F 41 -27.87 -55.47 -30.90
C LYS F 41 -26.45 -55.93 -30.50
N GLU F 42 -25.43 -55.08 -30.76
CA GLU F 42 -24.00 -55.28 -30.43
C GLU F 42 -23.78 -55.19 -28.91
N GLN F 43 -24.66 -54.41 -28.22
CA GLN F 43 -24.69 -54.12 -26.78
C GLN F 43 -25.55 -55.17 -25.99
N GLU F 44 -25.68 -56.41 -26.55
CA GLU F 44 -26.41 -57.58 -26.03
C GLU F 44 -27.92 -57.27 -25.77
N CYS F 45 -28.56 -56.56 -26.73
CA CYS F 45 -29.98 -56.18 -26.70
C CYS F 45 -30.84 -57.02 -27.64
N ASP F 46 -32.08 -57.34 -27.19
CA ASP F 46 -33.09 -58.07 -27.95
C ASP F 46 -33.89 -56.91 -28.57
N VAL F 47 -33.60 -56.63 -29.86
CA VAL F 47 -34.19 -55.54 -30.64
C VAL F 47 -35.19 -56.05 -31.68
N LYS F 48 -36.47 -55.60 -31.54
CA LYS F 48 -37.58 -55.90 -32.44
C LYS F 48 -38.08 -54.56 -32.98
N ASP F 49 -38.08 -54.43 -34.33
CA ASP F 49 -38.54 -53.23 -35.03
C ASP F 49 -40.00 -53.36 -35.40
N TYR F 50 -40.85 -52.50 -34.78
CA TYR F 50 -42.29 -52.43 -35.01
C TYR F 50 -42.63 -51.48 -36.19
N GLY F 51 -41.56 -50.98 -36.84
CA GLY F 51 -41.58 -50.08 -37.99
C GLY F 51 -41.99 -48.65 -37.70
N ASP F 52 -42.08 -47.85 -38.78
CA ASP F 52 -42.47 -46.45 -38.78
C ASP F 52 -43.99 -46.39 -38.94
N LEU F 53 -44.68 -45.72 -38.00
CA LEU F 53 -46.14 -45.56 -38.00
C LEU F 53 -46.64 -44.71 -39.18
N PRO F 54 -47.61 -45.20 -40.00
CA PRO F 54 -48.10 -44.38 -41.11
C PRO F 54 -49.12 -43.35 -40.64
N PHE F 55 -48.70 -42.08 -40.56
CA PHE F 55 -49.55 -40.96 -40.14
C PHE F 55 -50.16 -40.31 -41.37
N ALA F 56 -51.43 -40.65 -41.64
CA ALA F 56 -52.22 -40.16 -42.77
C ALA F 56 -52.53 -38.67 -42.63
N ASP F 57 -52.27 -37.90 -43.73
CA ASP F 57 -52.50 -36.46 -43.84
C ASP F 57 -54.01 -36.18 -43.75
N ILE F 58 -54.40 -35.37 -42.74
CA ILE F 58 -55.80 -35.00 -42.49
C ILE F 58 -56.11 -33.64 -43.18
N PRO F 59 -56.87 -33.62 -44.32
CA PRO F 59 -57.19 -32.34 -44.96
C PRO F 59 -58.32 -31.60 -44.24
N ASN F 60 -58.41 -30.26 -44.45
CA ASN F 60 -59.37 -29.31 -43.87
C ASN F 60 -59.32 -29.27 -42.30
N ASP F 61 -58.14 -29.63 -41.72
CA ASP F 61 -57.88 -29.65 -40.28
C ASP F 61 -57.73 -28.22 -39.75
N SER F 62 -58.90 -27.58 -39.50
CA SER F 62 -59.05 -26.22 -38.99
C SER F 62 -58.53 -26.10 -37.54
N PRO F 63 -57.80 -25.00 -37.15
CA PRO F 63 -57.32 -24.89 -35.78
C PRO F 63 -58.38 -24.56 -34.74
N PHE F 64 -58.26 -25.16 -33.53
CA PHE F 64 -59.15 -24.96 -32.38
C PHE F 64 -58.56 -23.72 -31.68
N GLN F 65 -59.22 -22.54 -31.89
CA GLN F 65 -58.85 -21.21 -31.38
C GLN F 65 -57.51 -20.77 -32.03
N ILE F 66 -56.35 -21.06 -31.38
CA ILE F 66 -54.99 -20.75 -31.84
C ILE F 66 -54.18 -22.08 -32.01
N VAL F 67 -54.65 -23.17 -31.36
CA VAL F 67 -54.09 -24.52 -31.33
C VAL F 67 -54.10 -25.13 -32.77
N LYS F 68 -52.92 -25.06 -33.42
CA LYS F 68 -52.65 -25.53 -34.80
C LYS F 68 -52.65 -27.05 -34.92
N ASN F 69 -53.24 -27.57 -36.03
CA ASN F 69 -53.38 -28.98 -36.43
C ASN F 69 -53.98 -29.87 -35.27
N PRO F 70 -55.23 -29.63 -34.75
CA PRO F 70 -55.74 -30.47 -33.63
C PRO F 70 -56.00 -31.94 -33.96
N ARG F 71 -56.72 -32.25 -35.05
CA ARG F 71 -57.07 -33.61 -35.50
C ARG F 71 -55.84 -34.47 -35.84
N SER F 72 -54.84 -33.86 -36.53
CA SER F 72 -53.58 -34.49 -36.95
C SER F 72 -52.72 -34.98 -35.77
N VAL F 73 -52.62 -34.15 -34.70
CA VAL F 73 -51.86 -34.44 -33.47
C VAL F 73 -52.57 -35.53 -32.65
N GLY F 74 -53.88 -35.35 -32.45
CA GLY F 74 -54.76 -36.26 -31.71
C GLY F 74 -54.77 -37.68 -32.26
N LYS F 75 -54.78 -37.82 -33.61
CA LYS F 75 -54.77 -39.11 -34.33
C LYS F 75 -53.39 -39.77 -34.24
N ALA F 76 -52.29 -38.99 -34.42
CA ALA F 76 -50.89 -39.44 -34.36
C ALA F 76 -50.56 -40.04 -32.99
N SER F 77 -51.06 -39.41 -31.91
CA SER F 77 -50.88 -39.86 -30.54
C SER F 77 -51.78 -41.08 -30.26
N GLU F 78 -53.01 -41.14 -30.86
CA GLU F 78 -53.95 -42.27 -30.71
C GLU F 78 -53.35 -43.54 -31.31
N GLN F 79 -52.67 -43.40 -32.49
CA GLN F 79 -51.98 -44.47 -33.23
C GLN F 79 -50.78 -44.96 -32.41
N LEU F 80 -50.01 -44.01 -31.79
CA LEU F 80 -48.85 -44.31 -30.95
C LEU F 80 -49.26 -45.00 -29.65
N ALA F 81 -50.43 -44.59 -29.05
CA ALA F 81 -50.98 -45.17 -27.82
C ALA F 81 -51.26 -46.68 -27.99
N GLY F 82 -51.88 -47.05 -29.12
CA GLY F 82 -52.20 -48.43 -29.47
C GLY F 82 -50.94 -49.27 -29.70
N LYS F 83 -49.91 -48.66 -30.35
CA LYS F 83 -48.63 -49.28 -30.68
C LYS F 83 -47.75 -49.49 -29.44
N VAL F 84 -47.60 -48.47 -28.55
CA VAL F 84 -46.81 -48.53 -27.30
C VAL F 84 -47.37 -49.65 -26.39
N ALA F 85 -48.73 -49.71 -26.23
CA ALA F 85 -49.46 -50.71 -25.44
C ALA F 85 -49.19 -52.13 -25.95
N GLU F 86 -49.17 -52.32 -27.29
CA GLU F 86 -48.91 -53.57 -28.01
C GLU F 86 -47.47 -54.04 -27.70
N VAL F 87 -46.49 -53.09 -27.70
CA VAL F 87 -45.06 -53.32 -27.42
C VAL F 87 -44.91 -53.73 -25.94
N LYS F 88 -45.57 -52.96 -25.02
CA LYS F 88 -45.55 -53.17 -23.57
C LYS F 88 -46.14 -54.52 -23.16
N LYS F 89 -47.19 -54.99 -23.86
CA LYS F 89 -47.85 -56.29 -23.64
C LYS F 89 -46.94 -57.45 -24.06
N ASN F 90 -46.03 -57.21 -25.05
CA ASN F 90 -45.04 -58.15 -25.59
C ASN F 90 -43.73 -58.23 -24.75
N GLY F 91 -43.76 -57.67 -23.53
CA GLY F 91 -42.66 -57.64 -22.56
C GLY F 91 -41.40 -56.92 -23.01
N ARG F 92 -41.57 -55.82 -23.80
CA ARG F 92 -40.48 -54.99 -24.35
C ARG F 92 -40.54 -53.53 -23.91
N ILE F 93 -39.36 -52.87 -23.85
CA ILE F 93 -39.22 -51.45 -23.51
C ILE F 93 -39.53 -50.72 -24.81
N SER F 94 -40.57 -49.88 -24.80
CA SER F 94 -41.00 -49.11 -25.97
C SER F 94 -40.04 -47.94 -26.21
N LEU F 95 -39.44 -47.91 -27.41
CA LEU F 95 -38.51 -46.86 -27.84
C LEU F 95 -39.15 -46.08 -28.98
N VAL F 96 -39.69 -44.91 -28.64
CA VAL F 96 -40.35 -44.01 -29.58
C VAL F 96 -39.28 -43.07 -30.16
N LEU F 97 -39.13 -43.12 -31.50
CA LEU F 97 -38.20 -42.28 -32.23
C LEU F 97 -39.02 -41.18 -32.88
N GLY F 98 -38.85 -39.97 -32.35
CA GLY F 98 -39.55 -38.78 -32.82
C GLY F 98 -38.85 -38.05 -33.96
N GLY F 99 -39.47 -37.02 -34.55
CA GLY F 99 -40.81 -36.50 -34.25
C GLY F 99 -40.84 -35.49 -33.12
N ASP F 100 -41.84 -34.59 -33.17
CA ASP F 100 -42.04 -33.56 -32.14
C ASP F 100 -42.57 -34.17 -30.83
N HIS F 101 -42.35 -33.48 -29.70
CA HIS F 101 -42.73 -33.94 -28.35
C HIS F 101 -44.26 -34.06 -28.06
N SER F 102 -45.19 -33.68 -29.00
CA SER F 102 -46.65 -33.82 -28.77
C SER F 102 -47.07 -35.29 -28.72
N LEU F 103 -46.26 -36.17 -29.36
CA LEU F 103 -46.41 -37.62 -29.43
C LEU F 103 -46.34 -38.28 -28.03
N ALA F 104 -45.74 -37.57 -27.01
CA ALA F 104 -45.62 -38.01 -25.61
C ALA F 104 -46.98 -38.30 -24.97
N ILE F 105 -48.10 -37.68 -25.51
CA ILE F 105 -49.49 -37.89 -25.10
C ILE F 105 -49.73 -39.39 -25.35
N GLY F 106 -49.49 -39.83 -26.59
CA GLY F 106 -49.63 -41.20 -27.04
C GLY F 106 -48.72 -42.20 -26.37
N SER F 107 -47.40 -41.90 -26.32
CA SER F 107 -46.37 -42.74 -25.71
C SER F 107 -46.63 -43.06 -24.23
N ILE F 108 -46.96 -42.04 -23.41
CA ILE F 108 -47.24 -42.19 -21.97
C ILE F 108 -48.63 -42.88 -21.80
N SER F 109 -49.69 -42.43 -22.55
CA SER F 109 -51.04 -43.03 -22.49
C SER F 109 -51.03 -44.53 -22.80
N GLY F 110 -50.27 -44.91 -23.84
CA GLY F 110 -50.09 -46.28 -24.29
C GLY F 110 -49.38 -47.16 -23.29
N HIS F 111 -48.31 -46.61 -22.66
CA HIS F 111 -47.49 -47.26 -21.64
C HIS F 111 -48.33 -47.47 -20.36
N ALA F 112 -49.11 -46.43 -19.96
CA ALA F 112 -50.00 -46.42 -18.79
C ALA F 112 -51.14 -47.45 -18.84
N ARG F 113 -51.57 -47.84 -20.06
CA ARG F 113 -52.61 -48.84 -20.31
C ARG F 113 -52.19 -50.21 -19.77
N VAL F 114 -50.87 -50.52 -19.84
CA VAL F 114 -50.22 -51.77 -19.38
C VAL F 114 -49.63 -51.58 -17.97
N HIS F 115 -48.90 -50.45 -17.73
CA HIS F 115 -48.28 -50.10 -16.45
C HIS F 115 -48.90 -48.79 -15.87
N PRO F 116 -50.08 -48.85 -15.16
CA PRO F 116 -50.69 -47.62 -14.62
C PRO F 116 -49.94 -46.94 -13.46
N ASP F 117 -49.01 -47.67 -12.80
CA ASP F 117 -48.19 -47.23 -11.66
C ASP F 117 -46.87 -46.53 -12.07
N LEU F 118 -46.64 -46.31 -13.39
CA LEU F 118 -45.44 -45.68 -13.97
C LEU F 118 -45.14 -44.27 -13.44
N GLY F 119 -43.83 -43.94 -13.46
CA GLY F 119 -43.23 -42.66 -13.09
C GLY F 119 -42.60 -42.05 -14.33
N VAL F 120 -42.71 -40.71 -14.46
CA VAL F 120 -42.18 -39.98 -15.61
C VAL F 120 -40.96 -39.11 -15.27
N ILE F 121 -39.87 -39.28 -16.03
CA ILE F 121 -38.63 -38.51 -15.96
C ILE F 121 -38.65 -37.75 -17.30
N TRP F 122 -38.90 -36.44 -17.23
CA TRP F 122 -39.00 -35.55 -18.39
C TRP F 122 -37.72 -34.70 -18.53
N VAL F 123 -36.83 -35.10 -19.45
CA VAL F 123 -35.56 -34.40 -19.71
C VAL F 123 -35.84 -33.46 -20.88
N ASP F 124 -35.89 -32.13 -20.58
CA ASP F 124 -36.22 -31.09 -21.53
C ASP F 124 -35.84 -29.71 -21.00
N ALA F 125 -35.64 -28.74 -21.92
CA ALA F 125 -35.34 -27.34 -21.62
C ALA F 125 -36.65 -26.64 -21.22
N HIS F 126 -37.79 -27.24 -21.65
CA HIS F 126 -39.17 -26.79 -21.47
C HIS F 126 -40.04 -27.74 -20.65
N THR F 127 -41.13 -27.20 -20.05
CA THR F 127 -42.10 -27.96 -19.25
C THR F 127 -43.13 -28.71 -20.09
N ASP F 128 -43.51 -28.18 -21.29
CA ASP F 128 -44.53 -28.75 -22.22
C ASP F 128 -45.88 -29.02 -21.48
N ILE F 129 -46.18 -28.17 -20.47
CA ILE F 129 -47.34 -28.24 -19.59
C ILE F 129 -48.42 -27.16 -19.93
N ASN F 130 -48.25 -26.42 -21.08
CA ASN F 130 -49.23 -25.42 -21.52
C ASN F 130 -50.53 -26.16 -21.85
N THR F 131 -51.66 -25.62 -21.42
CA THR F 131 -52.99 -26.19 -21.67
C THR F 131 -53.43 -25.58 -23.03
N PRO F 132 -54.48 -26.10 -23.76
CA PRO F 132 -54.87 -25.44 -25.04
C PRO F 132 -55.37 -23.98 -24.92
N LEU F 133 -55.53 -23.48 -23.66
CA LEU F 133 -55.96 -22.13 -23.31
C LEU F 133 -54.81 -21.21 -22.87
N THR F 134 -53.84 -21.73 -22.07
CA THR F 134 -52.67 -20.98 -21.58
C THR F 134 -51.62 -20.71 -22.67
N THR F 135 -51.58 -21.56 -23.73
CA THR F 135 -50.64 -21.49 -24.86
C THR F 135 -50.77 -20.16 -25.64
N THR F 136 -49.60 -19.60 -26.03
CA THR F 136 -49.46 -18.34 -26.79
C THR F 136 -49.10 -18.58 -28.26
N SER F 137 -48.41 -19.73 -28.54
CA SER F 137 -47.99 -20.16 -29.87
C SER F 137 -49.05 -21.03 -30.57
N GLY F 138 -49.71 -21.89 -29.79
CA GLY F 138 -50.73 -22.84 -30.25
C GLY F 138 -50.16 -24.19 -30.67
N ASN F 139 -48.83 -24.35 -30.59
CA ASN F 139 -48.11 -25.57 -30.95
C ASN F 139 -48.31 -26.62 -29.86
N LEU F 140 -48.85 -27.78 -30.25
CA LEU F 140 -49.17 -28.91 -29.36
C LEU F 140 -47.94 -29.62 -28.77
N HIS F 141 -46.71 -29.45 -29.35
CA HIS F 141 -45.46 -30.06 -28.85
C HIS F 141 -45.03 -29.46 -27.47
N GLY F 142 -45.57 -28.28 -27.15
CA GLY F 142 -45.36 -27.55 -25.91
C GLY F 142 -46.57 -27.65 -24.99
N GLN F 143 -47.43 -28.67 -25.23
CA GLN F 143 -48.68 -28.99 -24.53
C GLN F 143 -48.89 -30.48 -24.04
N PRO F 144 -48.01 -31.52 -24.30
CA PRO F 144 -48.35 -32.89 -23.89
C PRO F 144 -48.61 -33.21 -22.41
N VAL F 145 -47.88 -32.59 -21.46
CA VAL F 145 -48.03 -32.86 -20.01
C VAL F 145 -49.45 -32.48 -19.49
N SER F 146 -50.03 -31.36 -19.98
CA SER F 146 -51.37 -30.86 -19.60
C SER F 146 -52.50 -31.87 -19.87
N PHE F 147 -52.44 -32.57 -21.03
CA PHE F 147 -53.40 -33.59 -21.45
C PHE F 147 -53.33 -34.86 -20.59
N LEU F 148 -52.11 -35.20 -20.12
CA LEU F 148 -51.79 -36.39 -19.31
C LEU F 148 -52.01 -36.24 -17.79
N LEU F 149 -51.98 -34.99 -17.24
CA LEU F 149 -52.15 -34.74 -15.80
C LEU F 149 -53.61 -34.75 -15.33
N LYS F 150 -53.88 -35.56 -14.27
CA LYS F 150 -55.17 -35.76 -13.60
C LYS F 150 -55.70 -34.50 -12.93
N GLU F 151 -54.79 -33.67 -12.37
CA GLU F 151 -55.08 -32.40 -11.68
C GLU F 151 -55.57 -31.31 -12.64
N LEU F 152 -55.20 -31.40 -13.94
CA LEU F 152 -55.56 -30.43 -14.97
C LEU F 152 -56.87 -30.81 -15.72
N LYS F 153 -57.60 -31.85 -15.25
CA LYS F 153 -58.88 -32.32 -15.80
C LYS F 153 -59.93 -31.26 -15.45
N GLY F 154 -60.62 -30.76 -16.49
CA GLY F 154 -61.63 -29.72 -16.39
C GLY F 154 -61.15 -28.41 -17.00
N LYS F 155 -59.81 -28.23 -17.05
CA LYS F 155 -59.09 -27.08 -17.60
C LYS F 155 -58.78 -27.33 -19.10
N ILE F 156 -58.76 -28.62 -19.51
CA ILE F 156 -58.51 -29.08 -20.88
C ILE F 156 -59.86 -29.10 -21.62
N PRO F 157 -60.10 -28.21 -22.64
CA PRO F 157 -61.39 -28.25 -23.36
C PRO F 157 -61.44 -29.38 -24.39
N ASP F 158 -62.64 -29.64 -24.97
CA ASP F 158 -62.84 -30.68 -25.98
C ASP F 158 -62.22 -30.27 -27.33
N VAL F 159 -60.91 -30.54 -27.46
CA VAL F 159 -60.08 -30.26 -28.64
C VAL F 159 -60.35 -31.40 -29.67
N PRO F 160 -60.69 -31.10 -30.97
CA PRO F 160 -60.98 -32.19 -31.95
C PRO F 160 -59.84 -33.19 -32.16
N GLY F 161 -60.19 -34.47 -31.97
CA GLY F 161 -59.28 -35.61 -32.10
C GLY F 161 -58.65 -36.07 -30.80
N PHE F 162 -58.98 -35.41 -29.65
CA PHE F 162 -58.46 -35.71 -28.31
C PHE F 162 -59.51 -36.34 -27.34
N SER F 163 -60.67 -36.82 -27.87
CA SER F 163 -61.74 -37.46 -27.09
C SER F 163 -61.32 -38.78 -26.42
N TRP F 164 -60.34 -39.50 -27.02
CA TRP F 164 -59.76 -40.76 -26.54
C TRP F 164 -58.89 -40.57 -25.30
N VAL F 165 -58.24 -39.37 -25.17
CA VAL F 165 -57.32 -38.95 -24.09
C VAL F 165 -58.04 -38.98 -22.73
N THR F 166 -57.43 -39.74 -21.81
CA THR F 166 -57.84 -39.94 -20.42
C THR F 166 -56.58 -39.61 -19.58
N PRO F 167 -56.64 -38.71 -18.55
CA PRO F 167 -55.43 -38.40 -17.75
C PRO F 167 -55.00 -39.65 -16.97
N CYS F 168 -53.77 -40.11 -17.25
CA CYS F 168 -53.16 -41.31 -16.70
C CYS F 168 -52.16 -41.08 -15.55
N ILE F 169 -51.56 -39.88 -15.44
CA ILE F 169 -50.58 -39.54 -14.38
C ILE F 169 -51.00 -38.34 -13.53
N SER F 170 -50.55 -38.33 -12.27
CA SER F 170 -50.77 -37.26 -11.28
C SER F 170 -49.53 -36.35 -11.27
N ALA F 171 -49.67 -35.11 -10.71
CA ALA F 171 -48.62 -34.09 -10.59
C ALA F 171 -47.37 -34.62 -9.86
N LYS F 172 -47.59 -35.52 -8.87
CA LYS F 172 -46.61 -36.22 -8.02
C LYS F 172 -45.82 -37.34 -8.74
N ASP F 173 -46.28 -37.77 -9.94
CA ASP F 173 -45.68 -38.86 -10.73
C ASP F 173 -44.73 -38.39 -11.87
N ILE F 174 -44.45 -37.08 -11.99
CA ILE F 174 -43.57 -36.51 -13.03
C ILE F 174 -42.46 -35.62 -12.41
N VAL F 175 -41.20 -35.84 -12.86
CA VAL F 175 -39.99 -35.11 -12.44
C VAL F 175 -39.31 -34.55 -13.69
N TYR F 176 -39.14 -33.22 -13.72
CA TYR F 176 -38.48 -32.48 -14.80
C TYR F 176 -37.00 -32.31 -14.53
N ILE F 177 -36.17 -32.41 -15.59
CA ILE F 177 -34.71 -32.23 -15.52
C ILE F 177 -34.27 -31.37 -16.71
N GLY F 178 -33.57 -30.28 -16.42
CA GLY F 178 -33.01 -29.37 -17.40
C GLY F 178 -33.77 -28.13 -17.85
N LEU F 179 -34.84 -27.74 -17.11
CA LEU F 179 -35.70 -26.58 -17.41
C LEU F 179 -34.93 -25.27 -17.41
N ARG F 180 -35.15 -24.43 -18.44
CA ARG F 180 -34.50 -23.12 -18.60
C ARG F 180 -35.35 -22.11 -19.41
N ASP F 181 -36.45 -22.58 -20.05
CA ASP F 181 -37.39 -21.77 -20.84
C ASP F 181 -38.83 -22.22 -20.55
N VAL F 182 -39.34 -21.73 -19.40
CA VAL F 182 -40.68 -22.04 -18.88
C VAL F 182 -41.54 -20.77 -19.04
N ASP F 183 -42.70 -20.91 -19.73
CA ASP F 183 -43.67 -19.82 -19.97
C ASP F 183 -44.36 -19.38 -18.65
N PRO F 184 -44.87 -18.10 -18.51
CA PRO F 184 -45.54 -17.69 -17.25
C PRO F 184 -46.68 -18.62 -16.80
N GLY F 185 -47.53 -19.02 -17.76
CA GLY F 185 -48.66 -19.93 -17.54
C GLY F 185 -48.17 -21.29 -17.06
N GLU F 186 -47.08 -21.77 -17.68
CA GLU F 186 -46.41 -23.04 -17.39
C GLU F 186 -45.77 -23.04 -16.00
N HIS F 187 -45.14 -21.89 -15.59
CA HIS F 187 -44.51 -21.73 -14.28
C HIS F 187 -45.57 -21.73 -13.18
N TYR F 188 -46.75 -21.10 -13.46
CA TYR F 188 -47.91 -21.03 -12.56
C TYR F 188 -48.39 -22.45 -12.25
N ILE F 189 -48.62 -23.28 -13.32
CA ILE F 189 -49.06 -24.69 -13.25
C ILE F 189 -48.03 -25.50 -12.44
N LEU F 190 -46.73 -25.39 -12.79
CA LEU F 190 -45.59 -26.06 -12.14
C LEU F 190 -45.55 -25.86 -10.61
N LYS F 191 -45.71 -24.60 -10.15
CA LYS F 191 -45.69 -24.23 -8.73
C LYS F 191 -46.98 -24.57 -7.99
N THR F 192 -48.17 -24.22 -8.55
CA THR F 192 -49.49 -24.48 -7.92
C THR F 192 -49.81 -25.99 -7.81
N LEU F 193 -49.36 -26.83 -8.77
CA LEU F 193 -49.60 -28.29 -8.71
C LEU F 193 -48.56 -29.01 -7.82
N GLY F 194 -47.47 -28.32 -7.49
CA GLY F 194 -46.38 -28.81 -6.65
C GLY F 194 -45.58 -29.94 -7.25
N ILE F 195 -45.33 -29.86 -8.57
CA ILE F 195 -44.55 -30.83 -9.37
C ILE F 195 -43.07 -30.69 -8.99
N LYS F 196 -42.38 -31.83 -8.80
CA LYS F 196 -40.96 -31.87 -8.48
C LYS F 196 -40.22 -31.57 -9.79
N TYR F 197 -39.26 -30.63 -9.73
CA TYR F 197 -38.47 -30.19 -10.88
C TYR F 197 -37.03 -29.87 -10.53
N PHE F 198 -36.15 -30.08 -11.52
CA PHE F 198 -34.73 -29.82 -11.47
C PHE F 198 -34.39 -28.96 -12.68
N SER F 199 -34.59 -27.64 -12.54
CA SER F 199 -34.28 -26.65 -13.56
C SER F 199 -32.75 -26.52 -13.61
N MET F 200 -32.18 -25.79 -14.60
CA MET F 200 -30.73 -25.60 -14.70
C MET F 200 -30.11 -25.03 -13.41
N THR F 201 -30.88 -24.23 -12.63
CA THR F 201 -30.50 -23.62 -11.33
C THR F 201 -30.22 -24.74 -10.31
N GLU F 202 -31.12 -25.76 -10.23
CA GLU F 202 -31.02 -26.91 -9.32
C GLU F 202 -29.85 -27.81 -9.72
N VAL F 203 -29.64 -27.99 -11.05
CA VAL F 203 -28.54 -28.80 -11.63
C VAL F 203 -27.19 -28.15 -11.23
N ASP F 204 -27.08 -26.79 -11.32
CA ASP F 204 -25.88 -26.03 -10.95
C ASP F 204 -25.58 -26.09 -9.46
N ARG F 205 -26.64 -26.00 -8.62
CA ARG F 205 -26.59 -26.02 -7.17
C ARG F 205 -26.15 -27.36 -6.59
N LEU F 206 -26.89 -28.44 -6.94
CA LEU F 206 -26.69 -29.80 -6.44
C LEU F 206 -25.64 -30.63 -7.15
N GLY F 207 -25.55 -30.49 -8.48
CA GLY F 207 -24.67 -31.28 -9.33
C GLY F 207 -25.57 -32.39 -9.86
N ILE F 208 -25.26 -32.93 -11.06
CA ILE F 208 -26.06 -33.98 -11.70
C ILE F 208 -26.14 -35.29 -10.83
N GLY F 209 -25.13 -35.52 -9.96
CA GLY F 209 -25.05 -36.64 -9.03
C GLY F 209 -26.19 -36.62 -8.02
N LYS F 210 -26.34 -35.47 -7.33
CA LYS F 210 -27.39 -35.23 -6.33
C LYS F 210 -28.77 -35.10 -7.00
N VAL F 211 -28.83 -34.54 -8.26
CA VAL F 211 -30.06 -34.37 -9.05
C VAL F 211 -30.67 -35.76 -9.33
N MET F 212 -29.85 -36.73 -9.77
CA MET F 212 -30.28 -38.10 -10.07
C MET F 212 -30.64 -38.89 -8.80
N GLU F 213 -29.87 -38.69 -7.71
CA GLU F 213 -30.06 -39.32 -6.39
C GLU F 213 -31.46 -38.93 -5.86
N GLU F 214 -31.82 -37.62 -5.95
CA GLU F 214 -33.11 -37.07 -5.51
C GLU F 214 -34.27 -37.48 -6.42
N THR F 215 -34.07 -37.49 -7.77
CA THR F 215 -35.06 -37.86 -8.81
C THR F 215 -35.57 -39.30 -8.60
N LEU F 216 -34.65 -40.26 -8.53
CA LEU F 216 -34.93 -41.69 -8.35
C LEU F 216 -35.53 -42.00 -6.96
N SER F 217 -35.04 -41.31 -5.89
CA SER F 217 -35.54 -41.47 -4.51
C SER F 217 -36.99 -40.96 -4.40
N TYR F 218 -37.33 -39.86 -5.12
CA TYR F 218 -38.67 -39.25 -5.13
C TYR F 218 -39.70 -40.16 -5.82
N LEU F 219 -39.35 -40.75 -6.99
CA LEU F 219 -40.25 -41.61 -7.77
C LEU F 219 -40.28 -43.08 -7.34
N LEU F 220 -39.11 -43.69 -6.99
CA LEU F 220 -38.99 -45.12 -6.64
C LEU F 220 -38.77 -45.45 -5.13
N GLY F 221 -38.76 -44.43 -4.27
CA GLY F 221 -38.57 -44.53 -2.82
C GLY F 221 -39.46 -45.51 -2.07
N ARG F 222 -40.80 -45.28 -2.13
CA ARG F 222 -41.84 -46.09 -1.48
C ARG F 222 -41.78 -47.56 -1.94
N LYS F 223 -41.76 -47.79 -3.27
CA LYS F 223 -41.69 -49.11 -3.94
C LYS F 223 -41.14 -49.00 -5.38
N LYS F 224 -40.67 -50.13 -5.96
CA LYS F 224 -40.15 -50.22 -7.32
C LYS F 224 -41.32 -50.10 -8.31
N ARG F 225 -41.25 -49.09 -9.19
CA ARG F 225 -42.27 -48.77 -10.19
C ARG F 225 -41.65 -48.54 -11.60
N PRO F 226 -42.36 -48.87 -12.73
CA PRO F 226 -41.78 -48.66 -14.07
C PRO F 226 -41.43 -47.20 -14.38
N ILE F 227 -40.32 -46.98 -15.10
CA ILE F 227 -39.82 -45.65 -15.48
C ILE F 227 -40.08 -45.33 -16.94
N HIS F 228 -40.68 -44.16 -17.20
CA HIS F 228 -40.91 -43.65 -18.54
C HIS F 228 -40.01 -42.42 -18.66
N LEU F 229 -39.02 -42.50 -19.55
CA LEU F 229 -38.08 -41.41 -19.80
C LEU F 229 -38.43 -40.75 -21.13
N SER F 230 -38.94 -39.51 -21.05
CA SER F 230 -39.30 -38.72 -22.23
C SER F 230 -38.15 -37.72 -22.38
N PHE F 231 -37.20 -38.06 -23.27
CA PHE F 231 -36.00 -37.27 -23.54
C PHE F 231 -36.12 -36.40 -24.79
N ASP F 232 -36.14 -35.08 -24.57
CA ASP F 232 -36.20 -34.06 -25.62
C ASP F 232 -34.74 -33.67 -25.78
N VAL F 233 -34.20 -33.78 -27.02
CA VAL F 233 -32.80 -33.46 -27.35
C VAL F 233 -32.44 -31.99 -27.01
N ASP F 234 -33.45 -31.05 -27.00
CA ASP F 234 -33.21 -29.65 -26.64
C ASP F 234 -32.91 -29.49 -25.12
N GLY F 235 -33.05 -30.59 -24.34
CA GLY F 235 -32.75 -30.63 -22.90
C GLY F 235 -31.26 -30.40 -22.70
N LEU F 236 -30.47 -30.93 -23.67
CA LEU F 236 -29.02 -30.82 -23.77
C LEU F 236 -28.69 -29.52 -24.49
N ASP F 237 -27.54 -28.90 -24.13
CA ASP F 237 -27.02 -27.64 -24.67
C ASP F 237 -26.90 -27.65 -26.21
N PRO F 238 -27.23 -26.51 -26.93
CA PRO F 238 -27.11 -26.51 -28.41
C PRO F 238 -25.70 -26.81 -28.97
N SER F 239 -24.67 -26.87 -28.09
CA SER F 239 -23.29 -27.21 -28.48
C SER F 239 -23.17 -28.72 -28.76
N PHE F 240 -24.13 -29.55 -28.26
CA PHE F 240 -24.19 -31.01 -28.43
C PHE F 240 -25.36 -31.48 -29.30
N THR F 241 -26.52 -30.78 -29.21
CA THR F 241 -27.74 -31.07 -29.99
C THR F 241 -28.25 -29.79 -30.75
N PRO F 242 -27.47 -29.20 -31.74
CA PRO F 242 -27.97 -27.99 -32.43
C PRO F 242 -29.15 -28.17 -33.36
N ALA F 243 -29.21 -29.30 -34.12
CA ALA F 243 -30.29 -29.61 -35.07
C ALA F 243 -31.59 -30.01 -34.33
N THR F 244 -32.22 -28.99 -33.71
CA THR F 244 -33.46 -29.06 -32.93
C THR F 244 -34.33 -27.79 -33.17
N GLY F 245 -35.64 -27.94 -32.97
CA GLY F 245 -36.63 -26.90 -33.17
C GLY F 245 -36.56 -25.68 -32.27
N THR F 246 -36.50 -25.91 -30.94
CA THR F 246 -36.44 -24.85 -29.93
C THR F 246 -35.13 -24.95 -29.06
N PRO F 247 -33.94 -24.52 -29.60
CA PRO F 247 -32.71 -24.58 -28.79
C PRO F 247 -32.61 -23.44 -27.78
N VAL F 248 -32.16 -23.76 -26.55
CA VAL F 248 -31.99 -22.80 -25.44
C VAL F 248 -30.57 -22.98 -24.85
N VAL F 249 -29.82 -21.87 -24.75
CA VAL F 249 -28.44 -21.77 -24.21
C VAL F 249 -28.38 -22.17 -22.72
N GLY F 250 -27.20 -22.62 -22.27
CA GLY F 250 -26.94 -23.03 -20.90
C GLY F 250 -27.61 -24.34 -20.52
N GLY F 251 -27.58 -25.29 -21.44
CA GLY F 251 -28.18 -26.61 -21.27
C GLY F 251 -27.32 -27.63 -20.58
N LEU F 252 -27.89 -28.85 -20.47
CA LEU F 252 -27.24 -30.00 -19.86
C LEU F 252 -26.10 -30.41 -20.77
N THR F 253 -24.95 -30.77 -20.17
CA THR F 253 -23.77 -31.18 -20.94
C THR F 253 -23.98 -32.61 -21.50
N TYR F 254 -23.08 -33.04 -22.42
CA TYR F 254 -23.05 -34.38 -23.04
C TYR F 254 -22.89 -35.42 -21.91
N ARG F 255 -22.00 -35.13 -20.93
CA ARG F 255 -21.67 -35.91 -19.74
C ARG F 255 -22.89 -36.09 -18.83
N GLU F 256 -23.58 -34.97 -18.46
CA GLU F 256 -24.78 -34.95 -17.61
C GLU F 256 -25.91 -35.78 -18.24
N GLY F 257 -26.07 -35.64 -19.56
CA GLY F 257 -27.05 -36.38 -20.36
C GLY F 257 -26.79 -37.86 -20.27
N LEU F 258 -25.49 -38.27 -20.42
CA LEU F 258 -25.05 -39.65 -20.32
C LEU F 258 -25.23 -40.17 -18.88
N TYR F 259 -24.95 -39.32 -17.85
CA TYR F 259 -25.10 -39.68 -16.43
C TYR F 259 -26.56 -39.95 -16.04
N ILE F 260 -27.53 -39.10 -16.55
CA ILE F 260 -28.99 -39.23 -16.31
C ILE F 260 -29.44 -40.64 -16.78
N THR F 261 -29.12 -40.96 -18.04
CA THR F 261 -29.44 -42.18 -18.77
C THR F 261 -28.76 -43.42 -18.17
N GLU F 262 -27.46 -43.31 -17.73
CA GLU F 262 -26.70 -44.40 -17.09
C GLU F 262 -27.37 -44.79 -15.75
N GLU F 263 -27.73 -43.76 -14.92
CA GLU F 263 -28.40 -43.95 -13.63
C GLU F 263 -29.76 -44.60 -13.76
N ILE F 264 -30.54 -44.20 -14.81
CA ILE F 264 -31.88 -44.75 -15.13
C ILE F 264 -31.70 -46.24 -15.52
N TYR F 265 -30.70 -46.58 -16.40
CA TYR F 265 -30.44 -47.96 -16.78
C TYR F 265 -30.16 -48.84 -15.54
N LYS F 266 -29.27 -48.36 -14.63
CA LYS F 266 -28.82 -48.98 -13.37
C LYS F 266 -29.96 -49.45 -12.44
N THR F 267 -31.12 -48.77 -12.49
CA THR F 267 -32.32 -49.11 -11.68
C THR F 267 -32.94 -50.43 -12.17
N GLY F 268 -32.82 -50.69 -13.48
CA GLY F 268 -33.37 -51.86 -14.16
C GLY F 268 -34.88 -51.76 -14.29
N LEU F 269 -35.41 -50.52 -14.12
CA LEU F 269 -36.83 -50.17 -14.15
C LEU F 269 -37.26 -49.36 -15.38
N LEU F 270 -36.32 -49.02 -16.34
CA LEU F 270 -36.66 -48.29 -17.57
C LEU F 270 -37.61 -49.20 -18.34
N SER F 271 -38.82 -48.67 -18.57
CA SER F 271 -39.92 -49.37 -19.20
C SER F 271 -40.44 -48.71 -20.48
N GLY F 272 -40.25 -47.40 -20.59
CA GLY F 272 -40.65 -46.57 -21.72
C GLY F 272 -39.62 -45.50 -22.00
N LEU F 273 -39.30 -45.27 -23.29
CA LEU F 273 -38.33 -44.29 -23.73
C LEU F 273 -38.76 -43.54 -25.00
N ASP F 274 -38.52 -42.20 -25.00
CA ASP F 274 -38.83 -41.27 -26.08
C ASP F 274 -37.58 -40.45 -26.43
N ILE F 275 -37.20 -40.43 -27.72
CA ILE F 275 -36.05 -39.67 -28.25
C ILE F 275 -36.72 -38.72 -29.23
N MET F 276 -37.04 -37.51 -28.71
CA MET F 276 -37.78 -36.47 -29.40
C MET F 276 -37.01 -35.21 -29.76
N GLU F 277 -37.57 -34.48 -30.75
CA GLU F 277 -37.22 -33.18 -31.34
C GLU F 277 -35.90 -33.15 -32.17
N VAL F 278 -35.47 -34.30 -32.77
CA VAL F 278 -34.27 -34.32 -33.63
C VAL F 278 -34.80 -33.87 -35.00
N ASN F 279 -34.41 -32.65 -35.43
CA ASN F 279 -34.80 -32.07 -36.72
C ASN F 279 -33.54 -31.99 -37.63
N PRO F 280 -33.29 -33.03 -38.48
CA PRO F 280 -32.08 -33.02 -39.36
C PRO F 280 -32.01 -31.92 -40.45
N SER F 281 -33.02 -31.04 -40.56
CA SER F 281 -33.06 -29.95 -41.54
C SER F 281 -32.78 -28.56 -40.90
N LEU F 282 -32.59 -28.50 -39.55
CA LEU F 282 -32.34 -27.26 -38.82
C LEU F 282 -30.87 -27.06 -38.36
N GLY F 283 -29.97 -27.92 -38.84
CA GLY F 283 -28.54 -27.86 -38.56
C GLY F 283 -27.92 -26.91 -39.57
N LYS F 284 -27.21 -25.86 -39.07
CA LYS F 284 -26.52 -24.81 -39.86
C LYS F 284 -25.49 -25.36 -40.87
N THR F 285 -24.81 -26.47 -40.51
CA THR F 285 -23.80 -27.21 -41.28
C THR F 285 -24.17 -28.73 -41.25
N PRO F 286 -23.71 -29.62 -42.21
CA PRO F 286 -24.05 -31.05 -42.10
C PRO F 286 -23.44 -31.73 -40.86
N GLU F 287 -22.35 -31.13 -40.30
CA GLU F 287 -21.62 -31.54 -39.09
C GLU F 287 -22.56 -31.41 -37.87
N GLU F 288 -23.32 -30.29 -37.79
CA GLU F 288 -24.30 -29.97 -36.73
C GLU F 288 -25.42 -31.01 -36.68
N VAL F 289 -25.83 -31.52 -37.86
CA VAL F 289 -26.87 -32.53 -38.07
C VAL F 289 -26.34 -33.86 -37.50
N THR F 290 -25.11 -34.30 -37.92
CA THR F 290 -24.45 -35.54 -37.46
C THR F 290 -24.17 -35.51 -35.96
N ARG F 291 -23.79 -34.33 -35.40
CA ARG F 291 -23.50 -34.10 -33.98
C ARG F 291 -24.72 -34.35 -33.10
N THR F 292 -25.93 -33.88 -33.53
CA THR F 292 -27.22 -34.03 -32.84
C THR F 292 -27.64 -35.51 -32.80
N VAL F 293 -27.57 -36.19 -33.97
CA VAL F 293 -27.92 -37.60 -34.18
C VAL F 293 -27.00 -38.50 -33.33
N ASN F 294 -25.64 -38.29 -33.38
CA ASN F 294 -24.65 -39.04 -32.60
C ASN F 294 -24.87 -38.89 -31.10
N THR F 295 -25.23 -37.66 -30.63
CA THR F 295 -25.53 -37.35 -29.22
C THR F 295 -26.80 -38.14 -28.85
N ALA F 296 -27.88 -38.06 -29.67
CA ALA F 296 -29.16 -38.74 -29.47
C ALA F 296 -28.97 -40.27 -29.40
N VAL F 297 -28.10 -40.83 -30.30
CA VAL F 297 -27.74 -42.26 -30.38
C VAL F 297 -27.04 -42.70 -29.08
N ALA F 298 -26.00 -41.94 -28.63
CA ALA F 298 -25.23 -42.19 -27.40
C ALA F 298 -26.11 -42.18 -26.15
N ILE F 299 -27.10 -41.25 -26.09
CA ILE F 299 -28.10 -41.09 -25.01
C ILE F 299 -28.93 -42.39 -24.94
N THR F 300 -29.44 -42.87 -26.11
CA THR F 300 -30.24 -44.08 -26.29
C THR F 300 -29.42 -45.32 -25.88
N LEU F 301 -28.13 -45.40 -26.31
CA LEU F 301 -27.23 -46.52 -25.99
C LEU F 301 -26.97 -46.64 -24.48
N ALA F 302 -26.84 -45.49 -23.77
CA ALA F 302 -26.62 -45.43 -22.33
C ALA F 302 -27.89 -45.87 -21.55
N CYS F 303 -29.11 -45.68 -22.16
CA CYS F 303 -30.41 -46.09 -21.60
C CYS F 303 -30.52 -47.62 -21.53
N PHE F 304 -29.82 -48.34 -22.45
CA PHE F 304 -29.88 -49.80 -22.54
C PHE F 304 -28.54 -50.53 -22.21
N GLY F 305 -27.73 -49.95 -21.31
CA GLY F 305 -26.51 -50.62 -20.88
C GLY F 305 -25.14 -50.01 -21.02
N LEU F 306 -24.90 -49.26 -22.12
CA LEU F 306 -23.59 -48.66 -22.39
C LEU F 306 -23.13 -47.71 -21.29
N ALA F 307 -22.09 -48.15 -20.57
CA ALA F 307 -21.45 -47.46 -19.45
C ALA F 307 -20.10 -46.94 -19.88
N ARG F 308 -19.75 -45.72 -19.41
CA ARG F 308 -18.48 -45.07 -19.71
C ARG F 308 -17.28 -45.79 -19.06
N GLU F 309 -17.50 -46.46 -17.90
CA GLU F 309 -16.48 -47.23 -17.17
C GLU F 309 -16.08 -48.50 -17.95
N GLY F 310 -16.94 -48.90 -18.89
CA GLY F 310 -16.80 -50.07 -19.75
C GLY F 310 -17.92 -51.07 -19.55
N ASN F 311 -17.98 -52.05 -20.47
CA ASN F 311 -18.93 -53.16 -20.50
C ASN F 311 -18.18 -54.43 -20.84
N HIS F 312 -18.58 -55.57 -20.22
CA HIS F 312 -17.98 -56.88 -20.48
C HIS F 312 -19.02 -57.99 -20.40
N LYS F 313 -18.90 -58.98 -21.31
CA LYS F 313 -19.78 -60.17 -21.42
C LYS F 313 -19.52 -61.09 -20.19
N PRO F 314 -20.50 -61.94 -19.71
CA PRO F 314 -20.22 -62.79 -18.52
C PRO F 314 -19.34 -64.04 -18.80
N ILE F 315 -18.11 -63.77 -19.28
CA ILE F 315 -17.03 -64.70 -19.64
C ILE F 315 -15.68 -64.24 -19.07
N ASP F 316 -14.71 -65.19 -18.93
CA ASP F 316 -13.36 -64.93 -18.43
C ASP F 316 -12.49 -64.51 -19.61
N TYR F 317 -12.15 -63.19 -19.66
CA TYR F 317 -11.33 -62.55 -20.68
C TYR F 317 -9.84 -62.88 -20.57
N LEU F 318 -9.38 -63.21 -19.33
CA LEU F 318 -7.99 -63.56 -19.02
C LEU F 318 -7.66 -65.06 -19.27
N ASN F 319 -8.68 -65.86 -19.69
CA ASN F 319 -8.57 -67.30 -19.99
C ASN F 319 -8.71 -67.57 -21.49
#